data_7ZLV
#
_entry.id   7ZLV
#
_cell.length_a   1.00
_cell.length_b   1.00
_cell.length_c   1.00
_cell.angle_alpha   90.00
_cell.angle_beta   90.00
_cell.angle_gamma   90.00
#
_symmetry.space_group_name_H-M   'P 1'
#
_entity_poly.entity_id   1
_entity_poly.type   'polypeptide(L)'
_entity_poly.pdbx_seq_one_letter_code
;MISNNAPAKMVLNSVLTGYTLAYIQHSIYSDYDVIGRSFWLKEGSNVTRRDFTGIDTFSVTINNLKPTTTYEVQGAFYDS
IIDSELLNAQIGINLSDKQTFKMKSAPRITGARCESEPVDVGVGAPIVYIDTTGEADYCTIELKDNSNANNPWVKYYVGA
LMPTIMFGGVPIGSYKVRISGQISLPDGVTIDSSGYYEYPNVFEVRYNFVPPAAPINIVFKAARIADGKERYDLRVQWDW
NRGAGANVREFVLSYIDSAEFVRTGWTKAQKINVGAAQSATIISFPWKVEHKFKVSSIAWGPDAQDVTDSAVQTFILNES
TPLDNSFVNETGIEVNYAYIKGKIKDGSTWKQTFLIDAATGAINIGLLDAEGKAPISFDPVKKIVNVDGSVITKTINAAN
FVMTNLTGQDNPAIYTQGKTWGDTKSGIWMGMDNVTAKPKLDIGNATQYIRYDGNILRISSEVVIGTPNGDIDIQTGIQG
KQTVFIYIIGTSLPAKPTSPAYPPSGWSKTPPNRTSNTQNIYCSTGTLDPVTNQLVSGTSWSDVVQWSGTEGVDGRPGAT
GQRGPGMYSLAIANLTAWNDSQANSFFTSNFGSGPVKYDVLTEYKSGAPGTAFTRQWNGSAWTSPAMVLHGDMIVNGTVT
ASKIVANNAFLSQIGVNIIYDRAAALSSNPEGSYKMKIDLQNGYIHIR
;
_entity_poly.pdbx_strand_id   i,h,j
#
# COMPACT_ATOMS: atom_id res chain seq x y z
N MET A 1 34.59 82.53 81.73
CA MET A 1 34.54 81.05 81.82
C MET A 1 33.16 80.53 81.42
N ILE A 2 32.39 81.37 80.74
CA ILE A 2 31.08 80.98 80.24
C ILE A 2 31.18 80.71 78.75
N SER A 3 30.59 79.60 78.31
CA SER A 3 30.74 79.19 76.91
C SER A 3 29.55 78.34 76.51
N ASN A 4 29.33 78.23 75.20
CA ASN A 4 28.35 77.31 74.63
C ASN A 4 29.13 76.27 73.83
N ASN A 5 29.57 75.23 74.52
CA ASN A 5 30.21 74.12 73.82
C ASN A 5 29.29 73.63 72.71
N ALA A 6 29.81 73.62 71.48
CA ALA A 6 28.98 73.26 70.34
C ALA A 6 28.58 71.79 70.43
N PRO A 7 27.48 71.41 69.78
CA PRO A 7 27.06 70.01 69.83
C PRO A 7 28.17 69.10 69.33
N ALA A 8 28.28 67.93 69.95
CA ALA A 8 29.41 67.05 69.70
C ALA A 8 29.49 66.68 68.23
N LYS A 9 30.61 66.06 67.85
CA LYS A 9 30.85 65.75 66.45
C LYS A 9 29.77 64.83 65.91
N MET A 10 29.45 65.02 64.64
CA MET A 10 28.37 64.30 63.97
C MET A 10 28.92 63.04 63.31
N VAL A 11 28.27 61.91 63.56
CA VAL A 11 28.63 60.64 62.93
C VAL A 11 27.43 60.15 62.13
N LEU A 12 27.70 59.38 61.09
CA LEU A 12 26.68 58.81 60.21
C LEU A 12 26.72 57.30 60.39
N ASN A 13 25.80 56.77 61.19
CA ASN A 13 25.84 55.36 61.55
C ASN A 13 25.68 54.47 60.32
N SER A 14 24.65 54.72 59.51
CA SER A 14 24.35 53.85 58.38
C SER A 14 23.79 54.67 57.24
N VAL A 15 24.08 54.23 56.02
CA VAL A 15 23.62 54.88 54.80
C VAL A 15 22.94 53.84 53.92
N LEU A 16 21.77 54.20 53.38
CA LEU A 16 21.06 53.35 52.45
C LEU A 16 20.60 54.21 51.29
N THR A 17 21.15 53.95 50.11
CA THR A 17 20.98 54.83 48.95
C THR A 17 19.88 54.30 48.03
N GLY A 18 18.83 55.09 47.85
CA GLY A 18 17.84 54.82 46.84
C GLY A 18 18.25 55.41 45.49
N TYR A 19 17.36 55.23 44.51
CA TYR A 19 17.64 55.75 43.17
C TYR A 19 17.76 57.27 43.19
N THR A 20 16.86 57.95 43.90
CA THR A 20 16.85 59.41 43.95
C THR A 20 16.86 59.94 45.38
N LEU A 21 17.17 59.10 46.37
CA LEU A 21 17.11 59.53 47.76
C LEU A 21 17.92 58.55 48.61
N ALA A 22 18.55 59.09 49.65
CA ALA A 22 19.40 58.31 50.55
C ALA A 22 18.89 58.50 51.98
N TYR A 23 18.64 57.38 52.66
CA TYR A 23 18.19 57.39 54.04
C TYR A 23 19.41 57.18 54.94
N ILE A 24 19.76 58.21 55.70
CA ILE A 24 20.99 58.25 56.48
C ILE A 24 20.65 58.15 57.96
N GLN A 25 21.37 57.31 58.68
CA GLN A 25 21.18 57.12 60.11
C GLN A 25 22.29 57.86 60.86
N HIS A 26 21.90 58.62 61.89
CA HIS A 26 22.84 59.47 62.60
C HIS A 26 22.81 59.24 64.11
N SER A 27 23.51 60.10 64.86
CA SER A 27 23.60 60.02 66.30
C SER A 27 22.65 61.03 66.95
N ILE A 28 22.78 61.20 68.26
CA ILE A 28 21.93 62.12 69.00
C ILE A 28 22.72 63.39 69.30
N TYR A 29 22.02 64.42 69.75
CA TYR A 29 22.56 65.77 69.86
C TYR A 29 22.56 66.25 71.32
N SER A 30 22.91 67.52 71.50
CA SER A 30 22.99 68.16 72.81
C SER A 30 23.01 69.67 72.59
N ASP A 31 23.41 70.42 73.62
CA ASP A 31 23.64 71.86 73.59
C ASP A 31 22.37 72.70 73.79
N TYR A 32 21.20 72.09 73.89
CA TYR A 32 20.01 72.79 74.36
C TYR A 32 19.55 73.91 73.44
N ASP A 33 20.26 74.12 72.32
CA ASP A 33 19.96 75.26 71.46
C ASP A 33 20.04 74.91 69.98
N VAL A 34 19.86 73.64 69.63
CA VAL A 34 20.00 73.23 68.25
C VAL A 34 18.77 73.63 67.44
N ILE A 35 18.96 73.75 66.13
CA ILE A 35 17.88 74.09 65.22
C ILE A 35 17.64 73.00 64.19
N GLY A 36 18.70 72.41 63.65
CA GLY A 36 18.56 71.36 62.66
C GLY A 36 19.89 70.76 62.23
N ARG A 37 19.99 70.40 60.95
CA ARG A 37 21.21 69.83 60.39
C ARG A 37 21.55 70.54 59.09
N SER A 38 22.84 70.50 58.73
CA SER A 38 23.35 71.14 57.53
C SER A 38 24.17 70.11 56.77
N PHE A 39 23.56 69.45 55.80
CA PHE A 39 24.22 68.36 55.08
C PHE A 39 24.86 68.90 53.80
N TRP A 40 26.16 68.64 53.66
CA TRP A 40 26.92 68.99 52.47
C TRP A 40 27.19 67.72 51.67
N LEU A 41 27.09 67.84 50.35
CA LEU A 41 27.27 66.71 49.44
C LEU A 41 28.31 67.05 48.39
N LYS A 42 29.19 66.09 48.11
CA LYS A 42 30.27 66.25 47.14
C LYS A 42 29.90 65.44 45.91
N GLU A 43 29.42 66.14 44.87
CA GLU A 43 29.05 65.47 43.63
C GLU A 43 30.26 64.96 42.87
N GLY A 44 31.45 65.45 43.19
CA GLY A 44 32.66 65.08 42.49
C GLY A 44 33.43 66.31 42.06
N SER A 45 32.70 67.34 41.63
CA SER A 45 33.29 68.64 41.36
C SER A 45 32.47 69.80 41.87
N ASN A 46 31.21 69.59 42.26
CA ASN A 46 30.33 70.65 42.73
C ASN A 46 29.66 70.23 44.03
N VAL A 47 29.34 71.21 44.86
CA VAL A 47 28.81 70.98 46.19
C VAL A 47 27.42 71.59 46.30
N THR A 48 26.57 70.96 47.11
CA THR A 48 25.24 71.47 47.42
C THR A 48 25.03 71.45 48.92
N ARG A 49 24.09 72.28 49.38
CA ARG A 49 23.79 72.43 50.80
C ARG A 49 22.30 72.27 51.02
N ARG A 50 21.94 71.60 52.13
CA ARG A 50 20.56 71.41 52.52
C ARG A 50 20.45 71.62 54.02
N ASP A 51 19.23 71.93 54.46
CA ASP A 51 18.94 72.15 55.87
C ASP A 51 17.71 71.36 56.27
N PHE A 52 17.73 70.86 57.51
CA PHE A 52 16.62 70.07 58.06
C PHE A 52 16.26 70.65 59.42
N THR A 53 15.39 71.66 59.42
CA THR A 53 14.89 72.20 60.67
C THR A 53 13.96 71.19 61.34
N GLY A 54 13.91 71.26 62.66
CA GLY A 54 13.18 70.27 63.44
C GLY A 54 14.06 69.08 63.74
N ILE A 55 14.16 68.73 65.02
CA ILE A 55 15.10 67.71 65.46
C ILE A 55 14.39 66.44 65.95
N ASP A 56 13.08 66.47 66.16
CA ASP A 56 12.38 65.30 66.66
C ASP A 56 12.62 64.08 65.78
N THR A 57 12.79 64.29 64.48
CA THR A 57 13.10 63.19 63.59
C THR A 57 14.45 62.60 63.94
N PHE A 58 14.60 61.30 63.73
CA PHE A 58 15.79 60.57 64.13
C PHE A 58 16.66 60.15 62.95
N SER A 59 16.22 60.40 61.71
CA SER A 59 17.01 60.10 60.53
C SER A 59 16.60 61.04 59.42
N VAL A 60 17.43 61.11 58.39
CA VAL A 60 17.22 62.05 57.29
C VAL A 60 17.12 61.28 55.99
N THR A 61 16.44 61.88 55.01
CA THR A 61 16.26 61.30 53.68
C THR A 61 16.50 62.40 52.66
N ILE A 62 17.74 62.51 52.18
CA ILE A 62 18.05 63.47 51.13
C ILE A 62 17.30 63.07 49.87
N ASN A 63 17.00 64.06 49.03
CA ASN A 63 16.29 63.83 47.77
C ASN A 63 17.02 64.55 46.64
N ASN A 64 16.46 64.44 45.44
CA ASN A 64 17.01 65.10 44.26
C ASN A 64 18.45 64.66 43.99
N LEU A 65 18.75 63.39 44.24
CA LEU A 65 20.09 62.87 44.01
C LEU A 65 20.33 62.70 42.51
N LYS A 66 21.41 63.31 42.01
CA LYS A 66 21.72 63.19 40.59
C LYS A 66 22.01 61.73 40.25
N PRO A 67 21.44 61.18 39.19
CA PRO A 67 21.57 59.73 38.95
C PRO A 67 23.01 59.31 38.70
N THR A 68 23.31 58.08 39.13
CA THR A 68 24.55 57.38 38.77
C THR A 68 25.78 58.19 39.18
N THR A 69 25.94 58.36 40.49
CA THR A 69 27.12 59.01 41.02
C THR A 69 27.34 58.66 42.49
N THR A 70 28.60 58.50 42.87
CA THR A 70 28.95 58.27 44.27
C THR A 70 29.17 59.61 44.95
N TYR A 71 28.37 59.89 45.98
CA TYR A 71 28.43 61.15 46.71
C TYR A 71 29.15 60.98 48.03
N GLU A 72 29.85 62.03 48.43
CA GLU A 72 30.37 62.17 49.79
C GLU A 72 29.44 63.09 50.57
N VAL A 73 28.96 62.60 51.72
CA VAL A 73 28.01 63.32 52.55
C VAL A 73 28.73 63.84 53.79
N GLN A 74 28.30 65.00 54.28
CA GLN A 74 28.85 65.59 55.49
C GLN A 74 27.70 65.88 56.44
N GLY A 75 27.73 65.26 57.62
CA GLY A 75 26.75 65.55 58.64
C GLY A 75 27.14 66.74 59.49
N ALA A 76 26.15 67.31 60.17
CA ALA A 76 26.41 68.47 61.00
C ALA A 76 25.18 68.82 61.81
N PHE A 77 25.40 69.51 62.92
CA PHE A 77 24.36 70.12 63.73
C PHE A 77 24.68 71.60 63.85
N TYR A 78 23.65 72.41 64.12
CA TYR A 78 23.88 73.83 64.32
C TYR A 78 22.87 74.36 65.31
N ASP A 79 23.30 75.35 66.09
CA ASP A 79 22.49 76.03 67.07
C ASP A 79 22.32 77.50 66.68
N SER A 80 21.49 78.21 67.43
CA SER A 80 21.29 79.63 67.17
C SER A 80 22.55 80.43 67.43
N ILE A 81 23.52 79.87 68.14
CA ILE A 81 24.78 80.59 68.38
C ILE A 81 25.43 80.95 67.05
N ILE A 82 25.45 80.01 66.12
CA ILE A 82 25.98 80.24 64.78
C ILE A 82 24.84 80.52 63.83
N ASP A 83 24.98 81.58 63.04
CA ASP A 83 23.90 82.05 62.17
C ASP A 83 23.97 81.33 60.82
N SER A 84 23.08 81.75 59.91
CA SER A 84 23.09 81.18 58.56
C SER A 84 24.41 81.51 57.86
N GLU A 85 24.94 82.70 58.07
CA GLU A 85 26.20 83.09 57.44
C GLU A 85 27.31 82.12 57.82
N LEU A 86 27.60 82.01 59.12
CA LEU A 86 28.66 81.09 59.55
C LEU A 86 28.36 79.66 59.13
N LEU A 87 27.07 79.30 59.06
CA LEU A 87 26.71 77.99 58.55
C LEU A 87 27.18 77.81 57.11
N ASN A 88 27.01 78.84 56.29
CA ASN A 88 27.56 78.81 54.94
C ASN A 88 29.07 78.70 54.97
N ALA A 89 29.71 79.43 55.89
CA ALA A 89 31.16 79.37 56.01
C ALA A 89 31.63 78.04 56.59
N GLN A 90 30.87 77.46 57.51
CA GLN A 90 31.21 76.17 58.12
C GLN A 90 32.49 76.28 58.95
N ILE A 91 32.52 77.25 59.85
CA ILE A 91 33.60 77.41 60.83
C ILE A 91 32.98 77.59 62.20
N GLY A 92 33.50 76.86 63.18
CA GLY A 92 32.90 76.78 64.50
C GLY A 92 31.84 75.71 64.60
N ILE A 93 31.13 75.44 63.52
CA ILE A 93 30.16 74.35 63.49
C ILE A 93 30.90 73.03 63.35
N ASN A 94 30.55 72.06 64.18
CA ASN A 94 31.17 70.75 64.07
C ASN A 94 30.69 70.04 62.81
N LEU A 95 31.58 69.23 62.23
CA LEU A 95 31.29 68.51 61.01
C LEU A 95 31.66 67.05 61.18
N SER A 96 31.07 66.21 60.33
CA SER A 96 31.27 64.76 60.40
C SER A 96 32.51 64.35 59.60
N ASP A 97 32.98 63.14 59.89
CA ASP A 97 34.02 62.55 59.05
C ASP A 97 33.47 62.30 57.65
N LYS A 98 34.39 62.05 56.71
CA LYS A 98 34.02 61.93 55.31
C LYS A 98 33.59 60.50 54.99
N GLN A 99 32.34 60.35 54.52
CA GLN A 99 31.81 59.09 54.06
C GLN A 99 31.19 59.27 52.68
N THR A 100 31.46 58.31 51.80
CA THR A 100 30.97 58.34 50.43
C THR A 100 30.04 57.15 50.20
N PHE A 101 28.89 57.40 49.61
CA PHE A 101 27.89 56.36 49.36
C PHE A 101 27.61 56.23 47.87
N LYS A 102 27.31 55.00 47.45
CA LYS A 102 27.09 54.67 46.06
C LYS A 102 25.59 54.66 45.76
N MET A 103 25.22 55.16 44.58
CA MET A 103 23.84 55.14 44.14
C MET A 103 23.61 53.88 43.30
N LYS A 104 22.65 53.06 43.72
CA LYS A 104 22.33 51.85 42.98
C LYS A 104 21.80 52.21 41.59
N SER A 105 22.35 51.57 40.57
CA SER A 105 22.00 51.92 39.20
C SER A 105 20.58 51.45 38.87
N ALA A 106 20.00 52.09 37.85
CA ALA A 106 18.66 51.77 37.42
C ALA A 106 18.62 50.40 36.76
N PRO A 107 17.44 49.77 36.71
CA PRO A 107 17.34 48.45 36.05
C PRO A 107 17.65 48.54 34.56
N ARG A 108 18.73 47.89 34.14
CA ARG A 108 19.22 47.96 32.78
C ARG A 108 19.02 46.62 32.08
N ILE A 109 18.45 46.66 30.88
CA ILE A 109 18.31 45.47 30.05
C ILE A 109 19.54 45.33 29.17
N THR A 110 20.03 44.10 29.04
CA THR A 110 21.22 43.82 28.25
C THR A 110 21.01 42.78 27.16
N GLY A 111 19.94 42.00 27.21
CA GLY A 111 19.67 41.02 26.18
C GLY A 111 18.26 40.49 26.22
N ALA A 112 17.58 40.48 25.07
CA ALA A 112 16.23 39.94 24.94
C ALA A 112 16.22 38.97 23.77
N ARG A 113 15.65 37.79 23.98
CA ARG A 113 15.75 36.75 22.97
C ARG A 113 14.76 35.63 23.28
N CYS A 114 14.11 35.12 22.24
CA CYS A 114 13.24 33.96 22.34
C CYS A 114 14.01 32.72 21.92
N GLU A 115 13.75 31.60 22.60
CA GLU A 115 14.47 30.38 22.27
C GLU A 115 13.76 29.19 22.89
N SER A 116 13.91 28.04 22.25
CA SER A 116 13.43 26.76 22.75
C SER A 116 14.23 25.67 22.08
N GLU A 117 13.80 24.43 22.23
CA GLU A 117 14.43 23.34 21.49
C GLU A 117 13.88 23.29 20.07
N PRO A 118 14.67 22.82 19.10
CA PRO A 118 14.13 22.68 17.75
C PRO A 118 12.91 21.79 17.75
N VAL A 119 11.76 22.35 17.44
CA VAL A 119 10.50 21.64 17.63
C VAL A 119 10.42 20.50 16.61
N ASP A 120 10.23 19.28 17.12
CA ASP A 120 10.02 18.14 16.22
C ASP A 120 8.57 18.06 15.78
N VAL A 121 7.64 17.93 16.73
CA VAL A 121 6.21 17.89 16.46
C VAL A 121 5.47 18.41 17.69
N GLY A 122 4.17 18.63 17.53
CA GLY A 122 3.34 19.01 18.64
C GLY A 122 3.56 20.45 19.08
N VAL A 123 2.89 20.81 20.17
CA VAL A 123 3.01 22.14 20.76
C VAL A 123 4.10 22.11 21.81
N GLY A 124 5.03 23.07 21.73
CA GLY A 124 6.10 23.16 22.67
C GLY A 124 6.18 24.57 23.25
N ALA A 125 6.73 24.65 24.45
CA ALA A 125 6.80 25.93 25.14
C ALA A 125 7.91 26.78 24.56
N PRO A 126 7.60 27.97 24.02
CA PRO A 126 8.68 28.91 23.65
C PRO A 126 9.06 29.79 24.83
N ILE A 127 10.32 29.77 25.22
CA ILE A 127 10.78 30.54 26.37
C ILE A 127 11.22 31.92 25.91
N VAL A 128 11.20 32.86 26.84
CA VAL A 128 11.61 34.24 26.60
C VAL A 128 12.83 34.52 27.45
N TYR A 129 13.94 34.84 26.81
CA TYR A 129 15.20 35.14 27.51
C TYR A 129 15.43 36.64 27.46
N ILE A 130 15.12 37.31 28.56
CA ILE A 130 15.38 38.74 28.74
C ILE A 130 16.40 38.89 29.86
N ASP A 131 17.47 39.62 29.59
CA ASP A 131 18.60 39.75 30.49
C ASP A 131 18.67 41.18 31.00
N THR A 132 18.68 41.35 32.32
CA THR A 132 18.79 42.65 32.96
C THR A 132 20.03 42.68 33.84
N THR A 133 20.60 43.87 34.03
CA THR A 133 21.88 44.01 34.72
C THR A 133 21.89 45.16 35.73
N GLY A 134 20.74 45.58 36.22
CA GLY A 134 20.66 46.64 37.22
C GLY A 134 20.65 46.10 38.63
N GLU A 135 19.96 46.83 39.51
CA GLU A 135 19.82 46.41 40.90
C GLU A 135 18.57 47.04 41.47
N ALA A 136 17.69 46.18 42.00
CA ALA A 136 16.47 46.63 42.66
C ALA A 136 15.94 45.45 43.48
N ASP A 137 14.77 45.63 44.08
CA ASP A 137 14.14 44.58 44.88
C ASP A 137 12.70 44.32 44.50
N TYR A 138 12.09 45.15 43.65
CA TYR A 138 10.72 44.97 43.21
C TYR A 138 10.63 45.22 41.71
N CYS A 139 11.55 44.66 40.94
CA CYS A 139 11.58 44.92 39.52
C CYS A 139 10.31 44.44 38.85
N THR A 140 9.87 45.18 37.82
CA THR A 140 8.68 44.86 37.07
C THR A 140 9.02 44.79 35.59
N ILE A 141 8.35 43.86 34.89
CA ILE A 141 8.55 43.64 33.47
C ILE A 141 7.19 43.59 32.79
N GLU A 142 7.05 44.30 31.67
CA GLU A 142 5.78 44.38 30.96
C GLU A 142 6.01 44.10 29.47
N LEU A 143 5.00 43.53 28.84
CA LEU A 143 5.01 43.24 27.41
C LEU A 143 3.88 44.02 26.73
N LYS A 144 4.08 44.33 25.46
CA LYS A 144 3.07 45.06 24.69
C LYS A 144 3.03 44.51 23.27
N ASP A 145 1.82 44.24 22.78
CA ASP A 145 1.65 43.72 21.42
C ASP A 145 2.05 44.80 20.42
N ASN A 146 3.18 44.59 19.73
CA ASN A 146 3.67 45.59 18.79
C ASN A 146 2.73 45.74 17.60
N SER A 147 1.97 44.70 17.26
CA SER A 147 1.22 44.71 16.01
C SER A 147 0.21 45.85 15.96
N ASN A 148 -0.61 45.99 16.99
CA ASN A 148 -1.73 46.92 16.95
C ASN A 148 -1.31 48.30 17.44
N ALA A 149 -2.09 49.31 17.06
CA ALA A 149 -1.80 50.68 17.45
C ALA A 149 -1.94 50.87 18.95
N ASN A 150 -3.01 50.34 19.53
CA ASN A 150 -3.27 50.43 20.96
C ASN A 150 -3.20 49.04 21.57
N ASN A 151 -2.43 48.90 22.65
CA ASN A 151 -2.23 47.63 23.31
C ASN A 151 -2.03 47.86 24.80
N PRO A 152 -3.12 47.77 25.60
CA PRO A 152 -2.96 47.98 27.04
C PRO A 152 -1.83 47.15 27.62
N TRP A 153 -0.80 47.82 28.15
CA TRP A 153 0.40 47.12 28.59
C TRP A 153 0.04 45.99 29.53
N VAL A 154 0.86 44.94 29.50
CA VAL A 154 0.66 43.76 30.33
C VAL A 154 1.97 43.45 31.06
N LYS A 155 1.86 43.18 32.36
CA LYS A 155 2.99 42.84 33.20
C LYS A 155 2.91 41.36 33.58
N TYR A 156 4.01 40.64 33.40
CA TYR A 156 4.02 39.19 33.51
C TYR A 156 4.90 38.67 34.64
N TYR A 157 6.06 39.28 34.90
CA TYR A 157 6.95 38.83 35.96
C TYR A 157 7.30 39.99 36.87
N VAL A 158 7.13 39.80 38.17
CA VAL A 158 7.48 40.78 39.19
C VAL A 158 8.35 40.09 40.23
N GLY A 159 9.56 40.57 40.41
CA GLY A 159 10.46 39.96 41.37
C GLY A 159 11.83 40.59 41.35
N ALA A 160 12.78 39.90 41.97
CA ALA A 160 14.14 40.42 42.05
C ALA A 160 14.83 40.34 40.69
N LEU A 161 15.81 41.22 40.50
CA LEU A 161 16.57 41.23 39.26
C LEU A 161 17.49 40.01 39.18
N MET A 162 17.88 39.69 37.94
CA MET A 162 18.63 38.47 37.66
C MET A 162 19.47 38.73 36.42
N PRO A 163 20.62 38.07 36.27
CA PRO A 163 21.36 38.23 35.01
C PRO A 163 20.55 37.83 33.80
N THR A 164 19.72 36.79 33.93
CA THR A 164 18.88 36.31 32.84
C THR A 164 17.53 35.93 33.42
N ILE A 165 16.47 36.62 32.99
CA ILE A 165 15.11 36.39 33.44
C ILE A 165 14.38 35.63 32.36
N MET A 166 13.89 34.44 32.68
CA MET A 166 13.23 33.56 31.72
C MET A 166 11.91 33.09 32.30
N PHE A 167 10.84 33.27 31.52
CA PHE A 167 9.52 32.80 31.91
C PHE A 167 8.74 32.43 30.65
N GLY A 168 7.99 31.33 30.73
CA GLY A 168 7.24 30.82 29.61
C GLY A 168 5.80 31.29 29.60
N GLY A 169 4.99 30.63 28.77
CA GLY A 169 3.59 30.93 28.69
C GLY A 169 3.24 32.16 27.88
N VAL A 170 4.20 32.80 27.23
CA VAL A 170 3.95 34.00 26.45
C VAL A 170 3.27 33.61 25.13
N PRO A 171 2.40 34.44 24.59
CA PRO A 171 1.88 34.16 23.24
C PRO A 171 2.96 34.34 22.18
N ILE A 172 2.74 33.69 21.04
CA ILE A 172 3.74 33.68 19.98
C ILE A 172 3.91 35.06 19.37
N GLY A 173 2.82 35.83 19.28
CA GLY A 173 2.82 37.03 18.45
C GLY A 173 3.80 38.11 18.88
N SER A 174 3.63 39.30 18.29
CA SER A 174 4.57 40.39 18.52
C SER A 174 4.46 40.89 19.96
N TYR A 175 5.61 41.09 20.61
CA TYR A 175 5.63 41.61 21.97
C TYR A 175 6.99 42.24 22.25
N LYS A 176 6.97 43.47 22.75
CA LYS A 176 8.17 44.19 23.16
C LYS A 176 8.10 44.48 24.65
N VAL A 177 9.27 44.47 25.30
CA VAL A 177 9.37 44.46 26.76
C VAL A 177 9.89 45.81 27.24
N ARG A 178 9.24 46.36 28.25
CA ARG A 178 9.74 47.50 29.01
C ARG A 178 10.22 47.02 30.38
N ILE A 179 11.02 47.85 31.04
CA ILE A 179 11.60 47.53 32.33
C ILE A 179 11.31 48.67 33.30
N SER A 180 10.90 48.29 34.51
CA SER A 180 10.66 49.26 35.58
C SER A 180 11.37 48.81 36.85
N GLY A 181 11.09 49.47 37.97
CA GLY A 181 11.67 49.05 39.24
C GLY A 181 11.40 49.97 40.39
N GLN A 182 11.63 49.47 41.61
CA GLN A 182 11.48 50.25 42.83
C GLN A 182 12.52 49.78 43.84
N ILE A 183 12.82 50.65 44.80
CA ILE A 183 13.76 50.35 45.87
C ILE A 183 13.11 50.74 47.20
N SER A 184 13.21 49.85 48.18
CA SER A 184 12.58 50.05 49.47
C SER A 184 13.53 50.77 50.43
N LEU A 185 12.94 51.32 51.49
CA LEU A 185 13.69 52.02 52.53
C LEU A 185 13.14 51.61 53.89
N PRO A 186 13.96 51.68 54.94
CA PRO A 186 13.43 51.32 56.26
C PRO A 186 12.24 52.16 56.67
N ASP A 187 12.25 53.45 56.35
CA ASP A 187 11.06 54.27 56.56
C ASP A 187 9.92 53.73 55.73
N GLY A 188 8.84 53.31 56.39
CA GLY A 188 7.83 52.51 55.73
C GLY A 188 7.20 53.20 54.54
N VAL A 189 6.78 54.45 54.72
CA VAL A 189 5.95 55.10 53.71
C VAL A 189 6.75 55.34 52.43
N THR A 190 7.98 55.84 52.57
CA THR A 190 8.75 56.21 51.39
C THR A 190 9.03 54.99 50.52
N ILE A 191 8.84 55.15 49.22
CA ILE A 191 9.16 54.12 48.24
C ILE A 191 9.52 54.82 46.93
N ASP A 192 10.70 54.51 46.40
CA ASP A 192 11.25 55.19 45.24
C ASP A 192 11.17 54.28 44.03
N SER A 193 10.69 54.82 42.92
CA SER A 193 10.47 54.07 41.69
C SER A 193 11.60 54.35 40.70
N SER A 194 11.46 53.84 39.48
CA SER A 194 12.42 54.05 38.41
C SER A 194 11.68 54.39 37.13
N GLY A 195 12.37 55.10 36.24
CA GLY A 195 11.78 55.47 34.98
C GLY A 195 11.63 54.28 34.05
N TYR A 196 10.58 54.31 33.24
CA TYR A 196 10.32 53.23 32.29
C TYR A 196 11.43 53.18 31.25
N TYR A 197 11.80 51.96 30.85
CA TYR A 197 12.90 51.74 29.92
C TYR A 197 12.49 50.63 28.96
N GLU A 198 12.14 51.01 27.74
CA GLU A 198 11.75 50.04 26.72
C GLU A 198 12.93 49.72 25.82
N TYR A 199 13.01 48.45 25.42
CA TYR A 199 14.09 48.03 24.54
C TYR A 199 14.00 48.79 23.22
N PRO A 200 15.12 49.21 22.64
CA PRO A 200 15.04 50.02 21.41
C PRO A 200 14.27 49.33 20.29
N ASN A 201 14.42 48.02 20.13
CA ASN A 201 13.77 47.29 19.05
C ASN A 201 12.96 46.14 19.62
N VAL A 202 11.79 45.91 19.02
CA VAL A 202 10.89 44.84 19.42
C VAL A 202 11.51 43.50 19.07
N PHE A 203 10.97 42.42 19.64
CA PHE A 203 11.33 41.07 19.25
C PHE A 203 10.06 40.24 19.11
N GLU A 204 10.14 39.20 18.28
CA GLU A 204 8.98 38.38 17.95
C GLU A 204 9.27 36.94 18.33
N VAL A 205 8.32 36.33 19.04
CA VAL A 205 8.42 34.93 19.44
C VAL A 205 7.85 34.06 18.34
N ARG A 206 8.46 32.90 18.14
CA ARG A 206 8.00 31.95 17.14
C ARG A 206 8.47 30.55 17.53
N TYR A 207 7.72 29.55 17.07
CA TYR A 207 8.14 28.18 17.28
C TYR A 207 9.42 27.90 16.51
N ASN A 208 10.21 26.95 17.00
CA ASN A 208 11.48 26.60 16.40
C ASN A 208 11.34 25.63 15.24
N PHE A 209 10.14 25.53 14.66
CA PHE A 209 9.94 24.68 13.50
C PHE A 209 10.62 25.29 12.27
N VAL A 210 11.38 24.47 11.56
CA VAL A 210 12.09 24.90 10.36
C VAL A 210 11.89 23.84 9.28
N PRO A 211 11.66 24.21 8.02
CA PRO A 211 11.44 23.20 6.98
C PRO A 211 12.63 22.26 6.88
N PRO A 212 12.40 20.96 6.70
CA PRO A 212 13.53 20.03 6.55
C PRO A 212 14.12 20.06 5.14
N ALA A 213 15.06 19.17 4.88
CA ALA A 213 15.68 19.02 3.57
C ALA A 213 15.11 17.80 2.87
N ALA A 214 15.11 17.85 1.54
CA ALA A 214 14.53 16.79 0.75
C ALA A 214 15.39 15.53 0.82
N PRO A 215 14.80 14.36 0.59
CA PRO A 215 15.59 13.13 0.56
C PRO A 215 16.53 13.10 -0.63
N ILE A 216 17.62 12.34 -0.47
CA ILE A 216 18.67 12.23 -1.47
C ILE A 216 19.02 10.77 -1.66
N ASN A 217 19.99 10.51 -2.52
CA ASN A 217 20.53 9.16 -2.74
C ASN A 217 19.41 8.20 -3.13
N ILE A 218 18.54 8.64 -4.03
CA ILE A 218 17.45 7.79 -4.47
C ILE A 218 18.01 6.59 -5.21
N VAL A 219 17.50 5.40 -4.88
CA VAL A 219 17.94 4.16 -5.51
C VAL A 219 16.72 3.28 -5.75
N PHE A 220 16.71 2.58 -6.88
CA PHE A 220 15.59 1.73 -7.28
C PHE A 220 16.03 0.28 -7.32
N LYS A 221 15.03 -0.61 -7.32
CA LYS A 221 15.26 -2.04 -7.50
C LYS A 221 13.88 -2.71 -7.51
N ALA A 222 13.86 -4.00 -7.81
CA ALA A 222 12.60 -4.72 -7.97
C ALA A 222 12.83 -6.21 -7.80
N ALA A 223 11.76 -6.90 -7.42
CA ALA A 223 11.69 -8.36 -7.44
C ALA A 223 10.92 -8.79 -8.67
N ARG A 224 11.49 -9.71 -9.45
CA ARG A 224 11.02 -9.93 -10.81
C ARG A 224 9.53 -10.26 -10.86
N ILE A 225 9.10 -11.27 -10.10
CA ILE A 225 7.77 -11.84 -10.29
C ILE A 225 7.19 -12.28 -8.96
N ALA A 226 5.93 -12.69 -9.01
CA ALA A 226 5.28 -13.48 -7.98
C ALA A 226 5.30 -14.95 -8.41
N ASP A 227 4.55 -15.79 -7.71
CA ASP A 227 4.46 -17.20 -8.06
C ASP A 227 4.23 -17.40 -9.56
N GLY A 228 3.12 -16.87 -10.07
CA GLY A 228 2.85 -16.90 -11.49
C GLY A 228 2.34 -15.56 -11.96
N LYS A 229 1.82 -15.50 -13.19
CA LYS A 229 1.22 -14.31 -13.78
C LYS A 229 2.24 -13.20 -14.04
N GLU A 230 3.51 -13.41 -13.71
CA GLU A 230 4.53 -12.37 -13.83
C GLU A 230 4.04 -11.06 -13.26
N ARG A 231 3.74 -11.08 -11.96
CA ARG A 231 3.44 -9.86 -11.23
C ARG A 231 4.75 -9.22 -10.81
N TYR A 232 5.13 -8.13 -11.48
CA TYR A 232 6.42 -7.51 -11.24
C TYR A 232 6.31 -6.54 -10.07
N ASP A 233 7.21 -6.69 -9.11
CA ASP A 233 7.20 -5.93 -7.86
C ASP A 233 8.29 -4.88 -7.88
N LEU A 234 7.91 -3.63 -7.66
CA LEU A 234 8.85 -2.51 -7.66
C LEU A 234 8.98 -1.95 -6.26
N ARG A 235 10.23 -1.81 -5.79
CA ARG A 235 10.53 -1.23 -4.49
C ARG A 235 11.27 0.08 -4.70
N VAL A 236 11.00 1.05 -3.84
CA VAL A 236 11.66 2.35 -3.86
C VAL A 236 12.43 2.51 -2.56
N GLN A 237 13.72 2.80 -2.67
CA GLN A 237 14.58 3.04 -1.53
C GLN A 237 15.29 4.38 -1.69
N TRP A 238 15.47 5.08 -0.58
CA TRP A 238 16.17 6.36 -0.59
C TRP A 238 16.72 6.62 0.80
N ASP A 239 17.68 7.55 0.87
CA ASP A 239 18.29 7.96 2.11
C ASP A 239 18.02 9.43 2.35
N TRP A 240 17.60 9.77 3.57
CA TRP A 240 17.37 11.14 3.97
C TRP A 240 18.33 11.49 5.10
N ASN A 241 19.02 12.61 4.96
CA ASN A 241 20.07 12.99 5.90
C ASN A 241 19.52 13.92 6.99
N ARG A 242 20.40 14.25 7.93
CA ARG A 242 20.06 15.06 9.10
C ARG A 242 21.12 16.13 9.29
N GLY A 243 20.72 17.25 9.88
CA GLY A 243 21.66 18.32 10.18
C GLY A 243 21.09 19.73 10.03
N ALA A 244 19.97 19.86 9.33
CA ALA A 244 19.35 21.16 9.12
C ALA A 244 17.85 21.00 9.06
N GLY A 245 17.14 22.10 9.34
CA GLY A 245 15.69 22.04 9.35
C GLY A 245 15.17 21.26 10.55
N ALA A 246 13.94 20.79 10.40
CA ALA A 246 13.25 20.05 11.46
C ALA A 246 13.42 18.56 11.28
N ASN A 247 13.08 17.82 12.33
CA ASN A 247 13.05 16.36 12.26
C ASN A 247 11.90 15.93 11.37
N VAL A 248 12.22 15.38 10.19
CA VAL A 248 11.17 15.07 9.22
C VAL A 248 10.23 14.03 9.79
N ARG A 249 8.96 14.16 9.42
CA ARG A 249 7.93 13.20 9.82
C ARG A 249 7.46 12.42 8.61
N GLU A 250 7.68 11.11 8.63
CA GLU A 250 7.14 10.22 7.61
C GLU A 250 7.47 10.74 6.21
N PHE A 251 6.85 10.16 5.19
CA PHE A 251 7.05 10.62 3.82
C PHE A 251 5.79 10.33 3.03
N VAL A 252 5.81 10.71 1.75
CA VAL A 252 4.74 10.36 0.82
C VAL A 252 5.38 10.15 -0.55
N LEU A 253 5.16 8.97 -1.12
CA LEU A 253 5.73 8.60 -2.41
C LEU A 253 4.69 8.87 -3.49
N SER A 254 5.02 9.77 -4.42
CA SER A 254 4.13 10.13 -5.51
C SER A 254 4.82 9.88 -6.83
N TYR A 255 4.08 9.31 -7.78
CA TYR A 255 4.61 9.04 -9.10
C TYR A 255 3.47 9.00 -10.10
N ILE A 256 3.81 9.18 -11.37
CA ILE A 256 2.82 9.23 -12.45
C ILE A 256 3.43 8.60 -13.70
N ASP A 257 2.56 8.22 -14.62
CA ASP A 257 3.00 7.66 -15.89
C ASP A 257 3.81 8.67 -16.68
N SER A 258 4.82 8.16 -17.40
CA SER A 258 5.64 9.03 -18.25
C SER A 258 4.79 9.73 -19.30
N ALA A 259 3.97 8.97 -20.02
CA ALA A 259 3.15 9.55 -21.08
C ALA A 259 1.99 10.39 -20.54
N GLU A 260 1.73 10.34 -19.24
CA GLU A 260 0.68 11.15 -18.64
C GLU A 260 1.19 12.46 -18.07
N PHE A 261 2.46 12.52 -17.67
CA PHE A 261 3.00 13.78 -17.16
C PHE A 261 2.98 14.85 -18.23
N VAL A 262 3.30 14.48 -19.47
CA VAL A 262 3.36 15.47 -20.55
C VAL A 262 2.01 16.15 -20.72
N ARG A 263 0.92 15.37 -20.72
CA ARG A 263 -0.40 15.95 -20.90
C ARG A 263 -0.81 16.78 -19.69
N THR A 264 -0.51 16.30 -18.48
CA THR A 264 -0.82 17.05 -17.26
C THR A 264 0.26 16.75 -16.24
N GLY A 265 0.59 17.75 -15.42
CA GLY A 265 1.73 17.65 -14.53
C GLY A 265 1.39 17.43 -13.07
N TRP A 266 1.89 16.32 -12.52
CA TRP A 266 1.80 16.03 -11.08
C TRP A 266 0.40 16.29 -10.54
N THR A 267 -0.61 16.07 -11.36
CA THR A 267 -2.01 16.10 -10.93
C THR A 267 -2.65 14.80 -11.36
N LYS A 268 -3.49 14.24 -10.49
CA LYS A 268 -4.05 12.91 -10.70
C LYS A 268 -2.96 11.84 -10.71
N ALA A 269 -1.81 12.15 -10.13
CA ALA A 269 -0.68 11.24 -10.11
C ALA A 269 -0.85 10.17 -9.04
N GLN A 270 -0.13 9.07 -9.21
CA GLN A 270 -0.20 7.97 -8.27
C GLN A 270 0.57 8.32 -7.00
N LYS A 271 -0.07 8.21 -5.84
CA LYS A 271 0.51 8.56 -4.56
C LYS A 271 0.19 7.49 -3.54
N ILE A 272 1.20 7.15 -2.72
CA ILE A 272 1.03 6.19 -1.63
C ILE A 272 1.72 6.72 -0.39
N ASN A 273 1.24 6.28 0.77
CA ASN A 273 1.85 6.63 2.03
C ASN A 273 3.18 5.89 2.20
N VAL A 274 4.03 6.43 3.05
CA VAL A 274 5.36 5.90 3.30
C VAL A 274 5.58 5.77 4.80
N GLY A 275 6.44 4.83 5.18
CA GLY A 275 6.81 4.63 6.57
C GLY A 275 8.06 5.40 6.93
N ALA A 276 8.55 5.13 8.14
CA ALA A 276 9.78 5.73 8.62
C ALA A 276 11.03 5.01 8.12
N ALA A 277 10.86 3.89 7.41
CA ALA A 277 11.99 3.12 6.90
C ALA A 277 12.62 3.73 5.67
N GLN A 278 12.05 4.81 5.13
CA GLN A 278 12.59 5.50 3.96
C GLN A 278 12.49 4.66 2.69
N SER A 279 11.61 3.65 2.67
CA SER A 279 11.48 2.78 1.52
C SER A 279 10.08 2.19 1.48
N ALA A 280 9.36 2.45 0.40
CA ALA A 280 8.04 1.86 0.15
C ALA A 280 8.08 1.13 -1.19
N THR A 281 7.13 0.22 -1.37
CA THR A 281 7.14 -0.69 -2.50
C THR A 281 5.79 -0.71 -3.21
N ILE A 282 5.84 -0.85 -4.53
CA ILE A 282 4.67 -1.07 -5.35
C ILE A 282 4.70 -2.54 -5.78
N ILE A 283 3.66 -3.28 -5.42
CA ILE A 283 3.72 -4.75 -5.55
C ILE A 283 3.46 -5.24 -6.97
N SER A 284 2.75 -4.48 -7.79
CA SER A 284 2.45 -4.87 -9.17
C SER A 284 2.72 -3.66 -10.06
N PHE A 285 3.95 -3.56 -10.54
CA PHE A 285 4.32 -2.39 -11.33
C PHE A 285 4.07 -2.63 -12.81
N PRO A 286 3.56 -1.65 -13.55
CA PRO A 286 3.40 -1.84 -15.00
C PRO A 286 4.73 -2.14 -15.67
N TRP A 287 4.68 -2.92 -16.74
CA TRP A 287 5.86 -3.42 -17.43
C TRP A 287 6.07 -2.65 -18.72
N LYS A 288 7.29 -2.15 -18.91
CA LYS A 288 7.75 -1.45 -20.12
C LYS A 288 7.20 -0.04 -20.25
N VAL A 289 6.31 0.39 -19.35
CA VAL A 289 5.77 1.74 -19.37
C VAL A 289 6.48 2.53 -18.29
N GLU A 290 7.23 3.55 -18.70
CA GLU A 290 8.07 4.30 -17.77
C GLU A 290 7.20 5.05 -16.77
N HIS A 291 7.86 5.70 -15.81
CA HIS A 291 7.16 6.39 -14.73
C HIS A 291 8.08 7.43 -14.12
N LYS A 292 7.48 8.53 -13.68
CA LYS A 292 8.19 9.60 -13.00
C LYS A 292 7.97 9.44 -11.50
N PHE A 293 9.07 9.28 -10.75
CA PHE A 293 9.02 8.99 -9.33
C PHE A 293 9.54 10.18 -8.53
N LYS A 294 8.76 10.63 -7.56
CA LYS A 294 9.17 11.66 -6.62
C LYS A 294 8.84 11.21 -5.21
N VAL A 295 9.73 11.53 -4.28
CA VAL A 295 9.55 11.21 -2.87
C VAL A 295 9.53 12.52 -2.10
N SER A 296 8.53 12.69 -1.25
CA SER A 296 8.31 13.93 -0.52
C SER A 296 8.67 13.74 0.94
N SER A 297 9.37 14.73 1.50
CA SER A 297 9.72 14.76 2.92
C SER A 297 8.75 15.69 3.61
N ILE A 298 7.59 15.17 3.97
CA ILE A 298 6.56 15.94 4.65
C ILE A 298 7.01 16.18 6.09
N ALA A 299 7.01 17.43 6.52
CA ALA A 299 7.36 17.78 7.89
C ALA A 299 6.09 17.92 8.71
N TRP A 300 6.24 18.39 9.95
CA TRP A 300 5.09 18.65 10.81
C TRP A 300 5.47 19.68 11.87
N GLY A 301 4.77 20.80 11.87
CA GLY A 301 4.99 21.85 12.84
C GLY A 301 3.82 21.99 13.79
N PRO A 302 4.00 22.73 14.88
CA PRO A 302 2.94 22.81 15.89
C PRO A 302 1.63 23.33 15.34
N ASP A 303 1.66 24.33 14.45
CA ASP A 303 0.45 24.88 13.88
C ASP A 303 0.07 24.20 12.57
N ALA A 304 1.05 23.96 11.70
CA ALA A 304 0.81 23.34 10.41
C ALA A 304 2.09 22.61 10.01
N GLN A 305 2.17 22.20 8.76
CA GLN A 305 3.30 21.44 8.24
C GLN A 305 3.87 22.14 7.01
N ASP A 306 4.85 21.49 6.38
CA ASP A 306 5.44 21.96 5.13
C ASP A 306 6.32 20.84 4.60
N VAL A 307 6.36 20.72 3.26
CA VAL A 307 6.96 19.58 2.60
C VAL A 307 8.05 20.06 1.66
N THR A 308 9.19 19.38 1.70
CA THR A 308 10.27 19.58 0.74
C THR A 308 10.45 18.28 -0.05
N ASP A 309 10.38 18.37 -1.36
CA ASP A 309 10.43 17.21 -2.23
C ASP A 309 11.82 17.03 -2.83
N SER A 310 12.12 15.79 -3.22
CA SER A 310 13.35 15.51 -3.93
C SER A 310 13.17 15.79 -5.42
N ALA A 311 14.27 15.71 -6.16
CA ALA A 311 14.22 15.92 -7.60
C ALA A 311 13.59 14.72 -8.28
N VAL A 312 12.91 14.98 -9.40
CA VAL A 312 12.26 13.90 -10.13
C VAL A 312 13.31 12.89 -10.58
N GLN A 313 12.92 11.61 -10.57
CA GLN A 313 13.83 10.53 -10.97
C GLN A 313 12.98 9.43 -11.58
N THR A 314 13.00 9.35 -12.91
CA THR A 314 12.20 8.37 -13.63
C THR A 314 13.00 7.10 -13.85
N PHE A 315 12.31 5.95 -13.78
CA PHE A 315 12.94 4.66 -13.98
C PHE A 315 11.89 3.67 -14.42
N ILE A 316 12.33 2.66 -15.18
CA ILE A 316 11.45 1.58 -15.65
C ILE A 316 12.19 0.27 -15.50
N LEU A 317 11.48 -0.75 -15.05
CA LEU A 317 12.03 -2.10 -14.97
C LEU A 317 11.97 -2.75 -16.34
N ASN A 318 13.04 -3.45 -16.68
CA ASN A 318 13.13 -4.18 -17.94
C ASN A 318 13.86 -5.49 -17.64
N GLU A 319 14.33 -6.15 -18.67
CA GLU A 319 15.10 -7.37 -18.49
C GLU A 319 16.49 -7.11 -17.92
N SER A 320 16.82 -5.90 -17.48
CA SER A 320 18.14 -5.56 -16.97
C SER A 320 18.09 -5.31 -15.46
N THR A 321 18.86 -6.10 -14.72
CA THR A 321 19.12 -5.86 -13.32
C THR A 321 17.89 -5.90 -12.42
N PRO A 322 17.16 -7.01 -12.40
CA PRO A 322 16.32 -7.31 -11.23
C PRO A 322 17.14 -8.05 -10.17
N LEU A 323 16.54 -8.19 -8.99
CA LEU A 323 17.18 -8.91 -7.89
C LEU A 323 16.10 -9.42 -6.94
N ASP A 324 16.47 -10.41 -6.12
CA ASP A 324 15.54 -11.05 -5.20
C ASP A 324 14.34 -11.60 -5.98
N ASN A 325 14.65 -12.60 -6.81
CA ASN A 325 13.79 -12.99 -7.92
C ASN A 325 13.31 -14.42 -7.75
N SER A 326 13.34 -14.93 -6.52
CA SER A 326 13.13 -16.35 -6.26
C SER A 326 11.63 -16.63 -6.04
N PHE A 327 10.83 -16.16 -7.00
CA PHE A 327 9.40 -16.46 -6.99
C PHE A 327 8.97 -17.26 -8.21
N VAL A 328 9.91 -17.94 -8.87
CA VAL A 328 9.58 -18.76 -10.04
C VAL A 328 9.13 -20.12 -9.52
N ASN A 329 7.84 -20.25 -9.22
CA ASN A 329 7.26 -21.47 -8.69
C ASN A 329 6.30 -22.03 -9.74
N GLU A 330 6.72 -23.08 -10.43
CA GLU A 330 5.93 -23.65 -11.50
C GLU A 330 4.57 -24.11 -10.98
N THR A 331 3.51 -23.79 -11.71
CA THR A 331 2.15 -24.14 -11.33
C THR A 331 1.36 -24.85 -12.42
N GLY A 332 1.94 -25.04 -13.61
CA GLY A 332 1.28 -25.73 -14.68
C GLY A 332 0.57 -24.84 -15.69
N ILE A 333 0.21 -23.62 -15.29
CA ILE A 333 -0.26 -22.61 -16.23
C ILE A 333 0.57 -21.37 -15.99
N GLU A 334 1.67 -21.24 -16.73
CA GLU A 334 2.64 -20.17 -16.50
C GLU A 334 2.32 -19.02 -17.43
N VAL A 335 1.58 -18.04 -16.91
CA VAL A 335 1.26 -16.84 -17.66
C VAL A 335 2.42 -15.86 -17.49
N ASN A 336 2.96 -15.38 -18.61
CA ASN A 336 4.09 -14.46 -18.59
C ASN A 336 3.89 -13.36 -19.61
N TYR A 337 4.52 -12.22 -19.35
CA TYR A 337 4.47 -11.11 -20.30
C TYR A 337 5.09 -11.50 -21.63
N ALA A 338 6.03 -12.45 -21.64
CA ALA A 338 6.66 -12.90 -22.86
C ALA A 338 6.00 -14.14 -23.47
N TYR A 339 5.14 -14.82 -22.72
CA TYR A 339 4.45 -15.99 -23.24
C TYR A 339 3.43 -16.45 -22.22
N ILE A 340 2.32 -17.02 -22.72
CA ILE A 340 1.34 -17.70 -21.88
C ILE A 340 1.31 -19.16 -22.31
N LYS A 341 1.53 -20.06 -21.36
CA LYS A 341 1.74 -21.46 -21.68
C LYS A 341 1.16 -22.34 -20.59
N GLY A 342 0.94 -23.61 -20.94
CA GLY A 342 0.51 -24.61 -19.99
C GLY A 342 1.38 -25.85 -20.09
N LYS A 343 2.00 -26.26 -18.97
CA LYS A 343 2.91 -27.37 -18.95
C LYS A 343 2.58 -28.28 -17.77
N ILE A 344 3.03 -29.53 -17.86
CA ILE A 344 2.79 -30.54 -16.83
C ILE A 344 4.13 -30.92 -16.24
N LYS A 345 4.29 -30.67 -14.94
CA LYS A 345 5.53 -31.01 -14.25
C LYS A 345 5.59 -32.52 -13.99
N ASP A 346 6.81 -33.05 -14.01
CA ASP A 346 7.03 -34.48 -13.78
C ASP A 346 8.51 -34.71 -13.59
N GLY A 347 8.86 -35.46 -12.55
CA GLY A 347 10.25 -35.78 -12.24
C GLY A 347 11.17 -34.61 -12.49
N SER A 348 12.28 -34.85 -13.18
CA SER A 348 13.16 -33.79 -13.68
C SER A 348 12.88 -33.48 -15.14
N THR A 349 11.67 -33.78 -15.61
CA THR A 349 11.27 -33.57 -17.00
C THR A 349 10.06 -32.63 -17.00
N TRP A 350 10.30 -31.35 -17.24
CA TRP A 350 9.24 -30.35 -17.26
C TRP A 350 8.47 -30.47 -18.58
N LYS A 351 7.72 -31.56 -18.68
CA LYS A 351 6.96 -31.85 -19.90
C LYS A 351 5.92 -30.77 -20.13
N GLN A 352 6.06 -30.03 -21.22
CA GLN A 352 5.18 -28.91 -21.53
C GLN A 352 4.28 -29.26 -22.71
N THR A 353 3.01 -28.89 -22.62
CA THR A 353 2.00 -29.26 -23.60
C THR A 353 1.47 -28.05 -24.37
N PHE A 354 0.95 -27.04 -23.66
CA PHE A 354 0.34 -25.87 -24.26
C PHE A 354 1.32 -24.71 -24.21
N LEU A 355 1.26 -23.86 -25.24
CA LEU A 355 2.15 -22.71 -25.30
C LEU A 355 1.59 -21.66 -26.24
N ILE A 356 1.84 -20.40 -25.90
CA ILE A 356 1.69 -19.27 -26.81
C ILE A 356 2.82 -18.30 -26.50
N ASP A 357 3.56 -17.90 -27.53
CA ASP A 357 4.73 -17.04 -27.37
C ASP A 357 4.51 -15.72 -28.09
N ALA A 358 4.73 -14.63 -27.38
CA ALA A 358 4.68 -13.29 -27.97
C ALA A 358 6.07 -12.86 -28.44
N ALA A 359 6.72 -13.73 -29.20
CA ALA A 359 7.99 -13.41 -29.83
C ALA A 359 7.96 -13.84 -31.29
N THR A 360 7.24 -14.92 -31.57
CA THR A 360 7.10 -15.42 -32.94
C THR A 360 5.67 -15.86 -33.24
N GLY A 361 4.70 -15.52 -32.40
CA GLY A 361 3.33 -15.93 -32.62
C GLY A 361 3.12 -17.43 -32.58
N ALA A 362 4.08 -18.19 -32.06
CA ALA A 362 3.95 -19.63 -32.05
C ALA A 362 2.82 -20.08 -31.15
N ILE A 363 2.02 -21.03 -31.64
CA ILE A 363 0.94 -21.63 -30.87
C ILE A 363 1.18 -23.14 -30.86
N ASN A 364 1.41 -23.71 -29.68
CA ASN A 364 1.81 -25.09 -29.55
C ASN A 364 0.82 -25.84 -28.67
N ILE A 365 0.56 -27.10 -29.05
CA ILE A 365 -0.32 -27.98 -28.29
C ILE A 365 0.25 -29.39 -28.34
N GLY A 366 0.14 -30.11 -27.25
CA GLY A 366 0.59 -31.49 -27.19
C GLY A 366 2.09 -31.60 -26.98
N LEU A 367 2.50 -32.80 -26.58
CA LEU A 367 3.91 -33.06 -26.33
C LEU A 367 4.70 -32.95 -27.64
N LEU A 368 5.98 -32.63 -27.50
CA LEU A 368 6.85 -32.40 -28.64
C LEU A 368 7.65 -33.64 -29.00
N ASP A 369 7.74 -33.91 -30.29
CA ASP A 369 8.60 -34.97 -30.81
C ASP A 369 9.55 -34.40 -31.86
N ALA A 370 9.08 -33.40 -32.61
CA ALA A 370 9.91 -32.74 -33.61
C ALA A 370 10.96 -31.87 -32.93
N GLU A 371 11.89 -31.36 -33.74
CA GLU A 371 12.94 -30.51 -33.20
C GLU A 371 12.37 -29.24 -32.58
N GLY A 372 11.40 -28.62 -33.25
CA GLY A 372 10.77 -27.43 -32.74
C GLY A 372 9.28 -27.39 -33.01
N LYS A 373 8.66 -28.57 -33.07
CA LYS A 373 7.25 -28.68 -33.43
C LYS A 373 6.61 -29.83 -32.67
N ALA A 374 5.30 -29.81 -32.65
CA ALA A 374 4.45 -30.83 -32.02
C ALA A 374 3.35 -31.20 -33.00
N PRO A 375 2.66 -32.32 -32.76
CA PRO A 375 1.70 -32.82 -33.76
C PRO A 375 0.70 -31.76 -34.20
N ILE A 376 0.08 -31.06 -33.25
CA ILE A 376 -0.88 -30.01 -33.56
C ILE A 376 -0.39 -28.64 -33.10
N SER A 377 0.91 -28.46 -32.96
CA SER A 377 1.45 -27.12 -32.78
C SER A 377 1.25 -26.33 -34.07
N PHE A 378 1.46 -25.02 -33.97
CA PHE A 378 1.18 -24.11 -35.07
C PHE A 378 2.28 -23.06 -35.19
N ASP A 379 2.23 -22.32 -36.29
CA ASP A 379 3.17 -21.25 -36.55
C ASP A 379 2.57 -20.29 -37.57
N PRO A 380 1.69 -19.38 -37.16
CA PRO A 380 1.17 -18.39 -38.12
C PRO A 380 2.26 -17.64 -38.86
N VAL A 381 3.36 -17.31 -38.18
CA VAL A 381 4.55 -16.87 -38.89
C VAL A 381 4.94 -17.95 -39.88
N LYS A 382 5.31 -17.55 -41.09
CA LYS A 382 5.46 -18.49 -42.21
C LYS A 382 4.30 -19.49 -42.17
N LYS A 383 3.10 -18.93 -42.30
CA LYS A 383 1.86 -19.60 -41.90
C LYS A 383 1.83 -21.06 -42.32
N ILE A 384 1.29 -21.90 -41.44
CA ILE A 384 1.05 -23.30 -41.72
C ILE A 384 -0.01 -23.83 -40.76
N VAL A 385 -0.98 -24.55 -41.30
CA VAL A 385 -2.01 -25.22 -40.50
C VAL A 385 -1.62 -26.69 -40.45
N ASN A 386 -1.06 -27.12 -39.31
CA ASN A 386 -0.53 -28.47 -39.14
C ASN A 386 -1.36 -29.22 -38.13
N VAL A 387 -1.93 -30.36 -38.55
CA VAL A 387 -2.71 -31.22 -37.67
C VAL A 387 -2.57 -32.64 -38.18
N ASP A 388 -3.01 -33.60 -37.38
CA ASP A 388 -2.92 -35.00 -37.78
C ASP A 388 -3.84 -35.85 -36.91
N GLY A 389 -4.38 -36.91 -37.50
CA GLY A 389 -5.16 -37.88 -36.75
C GLY A 389 -6.56 -37.40 -36.42
N SER A 390 -7.52 -38.32 -36.42
CA SER A 390 -8.88 -38.01 -36.00
C SER A 390 -9.56 -39.31 -35.61
N VAL A 391 -9.79 -39.49 -34.31
CA VAL A 391 -10.38 -40.74 -33.83
C VAL A 391 -11.78 -40.92 -34.39
N ILE A 392 -12.58 -39.87 -34.34
CA ILE A 392 -13.94 -39.92 -34.89
C ILE A 392 -14.00 -39.07 -36.14
N THR A 393 -14.40 -39.67 -37.25
CA THR A 393 -14.70 -38.93 -38.48
C THR A 393 -15.91 -39.57 -39.13
N LYS A 394 -17.04 -38.86 -39.08
CA LYS A 394 -18.27 -39.31 -39.71
C LYS A 394 -18.73 -38.35 -40.79
N THR A 395 -17.87 -37.45 -41.25
CA THR A 395 -18.32 -36.38 -42.13
C THR A 395 -17.11 -35.72 -42.79
N ILE A 396 -17.37 -35.18 -43.99
CA ILE A 396 -16.54 -34.17 -44.63
C ILE A 396 -17.49 -33.25 -45.39
N ASN A 397 -16.94 -32.22 -46.02
CA ASN A 397 -17.73 -31.37 -46.90
C ASN A 397 -17.12 -31.20 -48.27
N ALA A 398 -15.80 -31.10 -48.36
CA ALA A 398 -15.10 -31.16 -49.63
C ALA A 398 -14.34 -32.48 -49.71
N ALA A 399 -13.82 -32.78 -50.90
CA ALA A 399 -13.32 -34.13 -51.17
C ALA A 399 -12.18 -34.53 -50.25
N ASN A 400 -11.20 -33.64 -50.03
CA ASN A 400 -9.93 -34.02 -49.41
C ASN A 400 -9.23 -35.07 -50.26
N PHE A 401 -9.05 -34.72 -51.53
CA PHE A 401 -8.57 -35.64 -52.54
C PHE A 401 -7.20 -35.23 -53.08
N VAL A 402 -7.06 -33.97 -53.51
CA VAL A 402 -5.81 -33.53 -54.12
C VAL A 402 -4.70 -33.47 -53.07
N MET A 403 -3.46 -33.54 -53.56
CA MET A 403 -2.27 -33.34 -52.74
C MET A 403 -1.49 -32.18 -53.32
N THR A 404 -1.14 -31.21 -52.47
CA THR A 404 -0.44 -30.02 -52.92
C THR A 404 0.71 -29.70 -51.97
N ASN A 405 1.25 -28.49 -52.06
CA ASN A 405 2.53 -28.04 -51.52
C ASN A 405 3.67 -28.51 -52.42
N LEU A 406 3.40 -29.34 -53.42
CA LEU A 406 4.35 -29.63 -54.49
C LEU A 406 3.50 -29.97 -55.70
N THR A 407 3.47 -29.07 -56.69
CA THR A 407 2.56 -29.22 -57.81
C THR A 407 2.81 -30.54 -58.54
N GLY A 408 4.06 -30.95 -58.64
CA GLY A 408 4.41 -32.15 -59.39
C GLY A 408 4.79 -33.34 -58.53
N GLN A 409 5.53 -33.10 -57.44
CA GLN A 409 6.09 -34.18 -56.64
C GLN A 409 5.35 -34.39 -55.33
N ASP A 410 4.11 -33.89 -55.22
CA ASP A 410 3.14 -34.36 -54.24
C ASP A 410 1.91 -34.76 -55.06
N ASN A 411 1.94 -35.97 -55.57
CA ASN A 411 0.97 -36.40 -56.56
C ASN A 411 -0.43 -36.47 -55.95
N PRO A 412 -1.41 -35.73 -56.45
CA PRO A 412 -2.77 -35.84 -55.92
C PRO A 412 -3.24 -37.28 -55.86
N ALA A 413 -3.44 -37.83 -54.66
CA ALA A 413 -3.71 -39.25 -54.59
C ALA A 413 -4.15 -39.65 -53.19
N ILE A 414 -5.08 -40.61 -53.16
CA ILE A 414 -5.45 -41.34 -51.95
C ILE A 414 -5.06 -42.80 -52.18
N TYR A 415 -4.15 -43.31 -51.35
CA TYR A 415 -3.52 -44.59 -51.65
C TYR A 415 -3.02 -45.23 -50.37
N THR A 416 -2.63 -46.49 -50.48
CA THR A 416 -1.98 -47.21 -49.39
C THR A 416 -0.54 -46.71 -49.28
N GLN A 417 -0.19 -46.15 -48.12
CA GLN A 417 1.18 -45.71 -47.89
C GLN A 417 2.13 -46.88 -48.00
N GLY A 418 3.21 -46.69 -48.77
CA GLY A 418 4.20 -47.72 -48.94
C GLY A 418 4.00 -48.64 -50.12
N LYS A 419 3.06 -48.33 -51.01
CA LYS A 419 2.81 -49.16 -52.18
C LYS A 419 2.21 -48.29 -53.27
N THR A 420 2.53 -48.61 -54.51
CA THR A 420 2.10 -47.79 -55.63
C THR A 420 2.07 -48.65 -56.90
N TRP A 421 1.97 -47.99 -58.05
CA TRP A 421 1.76 -48.62 -59.35
C TRP A 421 3.05 -49.32 -59.78
N GLY A 422 3.11 -50.63 -59.56
CA GLY A 422 4.24 -51.43 -60.00
C GLY A 422 4.84 -52.29 -58.91
N ASP A 423 4.12 -52.43 -57.79
CA ASP A 423 4.59 -53.21 -56.65
C ASP A 423 3.88 -54.56 -56.62
N THR A 424 4.64 -55.60 -56.29
CA THR A 424 4.09 -56.95 -56.26
C THR A 424 3.10 -57.14 -55.12
N LYS A 425 3.10 -56.24 -54.12
CA LYS A 425 2.18 -56.35 -53.02
C LYS A 425 0.73 -56.23 -53.50
N SER A 426 -0.18 -56.76 -52.68
CA SER A 426 -1.61 -56.70 -52.96
C SER A 426 -2.26 -55.42 -52.44
N GLY A 427 -1.49 -54.36 -52.21
CA GLY A 427 -2.04 -53.13 -51.70
C GLY A 427 -2.87 -52.39 -52.75
N ILE A 428 -3.06 -51.08 -52.56
CA ILE A 428 -3.90 -50.30 -53.46
C ILE A 428 -3.17 -48.99 -53.75
N TRP A 429 -3.63 -48.29 -54.78
CA TRP A 429 -3.22 -46.92 -55.04
C TRP A 429 -4.27 -46.29 -55.94
N MET A 430 -4.71 -45.08 -55.60
CA MET A 430 -5.72 -44.38 -56.39
C MET A 430 -5.33 -42.91 -56.48
N GLY A 431 -6.04 -42.18 -57.33
CA GLY A 431 -5.90 -40.73 -57.42
C GLY A 431 -5.23 -40.26 -58.68
N MET A 432 -4.85 -38.98 -58.72
CA MET A 432 -4.22 -38.37 -59.89
C MET A 432 -2.72 -38.37 -59.65
N ASP A 433 -2.04 -39.40 -60.12
CA ASP A 433 -0.59 -39.37 -60.04
C ASP A 433 -0.03 -38.33 -60.99
N ASN A 434 1.00 -37.62 -60.53
CA ASN A 434 1.56 -36.51 -61.29
C ASN A 434 2.95 -36.80 -61.84
N VAL A 435 3.61 -37.87 -61.40
CA VAL A 435 4.85 -38.27 -62.06
C VAL A 435 4.56 -38.79 -63.46
N THR A 436 3.31 -39.16 -63.74
CA THR A 436 2.83 -39.40 -65.09
C THR A 436 1.78 -38.38 -65.52
N ALA A 437 1.39 -37.47 -64.64
CA ALA A 437 0.48 -36.36 -64.86
C ALA A 437 -0.97 -36.82 -64.89
N LYS A 438 -1.24 -38.12 -64.74
CA LYS A 438 -2.60 -38.63 -64.84
C LYS A 438 -2.75 -39.78 -63.85
N PRO A 439 -3.99 -40.20 -63.57
CA PRO A 439 -4.19 -41.20 -62.52
C PRO A 439 -3.48 -42.51 -62.75
N LYS A 440 -2.79 -42.99 -61.72
CA LYS A 440 -2.36 -44.38 -61.63
C LYS A 440 -3.28 -45.13 -60.68
N LEU A 441 -3.31 -46.45 -60.83
CA LEU A 441 -4.19 -47.22 -59.96
C LEU A 441 -3.83 -48.70 -60.06
N ASP A 442 -4.04 -49.40 -58.96
CA ASP A 442 -3.87 -50.85 -58.91
C ASP A 442 -4.60 -51.37 -57.68
N ILE A 443 -5.48 -52.35 -57.88
CA ILE A 443 -6.18 -53.01 -56.79
C ILE A 443 -5.87 -54.51 -56.88
N GLY A 444 -5.29 -55.05 -55.81
CA GLY A 444 -4.98 -56.46 -55.74
C GLY A 444 -3.52 -56.77 -55.97
N ASN A 445 -3.25 -58.04 -56.26
CA ASN A 445 -1.91 -58.56 -56.38
C ASN A 445 -1.35 -58.23 -57.76
N ALA A 446 -0.24 -58.87 -58.13
CA ALA A 446 0.40 -58.65 -59.43
C ALA A 446 0.01 -59.67 -60.49
N THR A 447 -0.89 -60.59 -60.17
CA THR A 447 -1.35 -61.59 -61.15
C THR A 447 -2.86 -61.62 -61.32
N GLN A 448 -3.62 -61.50 -60.23
CA GLN A 448 -5.07 -61.48 -60.25
C GLN A 448 -5.51 -60.16 -59.62
N TYR A 449 -5.79 -59.17 -60.45
CA TYR A 449 -5.89 -57.78 -59.99
C TYR A 449 -6.56 -56.96 -61.09
N ILE A 450 -6.56 -55.64 -60.90
CA ILE A 450 -6.92 -54.65 -61.91
C ILE A 450 -5.89 -53.54 -61.86
N ARG A 451 -5.16 -53.33 -62.95
CA ARG A 451 -4.23 -52.22 -63.06
C ARG A 451 -4.80 -51.15 -63.97
N TYR A 452 -4.39 -49.91 -63.72
CA TYR A 452 -4.81 -48.80 -64.55
C TYR A 452 -3.78 -47.69 -64.52
N ASP A 453 -3.60 -47.04 -65.65
CA ASP A 453 -2.86 -45.79 -65.78
C ASP A 453 -3.76 -44.79 -66.48
N GLY A 454 -3.49 -43.50 -66.23
CA GLY A 454 -4.38 -42.46 -66.73
C GLY A 454 -4.86 -42.69 -68.15
N ASN A 455 -4.00 -43.28 -68.99
CA ASN A 455 -4.37 -43.48 -70.39
C ASN A 455 -5.06 -44.83 -70.61
N ILE A 456 -4.51 -45.91 -70.05
CA ILE A 456 -4.92 -47.26 -70.39
C ILE A 456 -5.07 -48.10 -69.11
N LEU A 457 -5.60 -49.30 -69.29
CA LEU A 457 -5.86 -50.22 -68.18
C LEU A 457 -5.34 -51.61 -68.54
N ARG A 458 -5.08 -52.42 -67.51
CA ARG A 458 -4.65 -53.81 -67.68
C ARG A 458 -5.35 -54.64 -66.62
N ILE A 459 -6.40 -55.35 -67.01
CA ILE A 459 -7.12 -56.28 -66.15
C ILE A 459 -6.89 -57.69 -66.69
N SER A 460 -5.82 -58.35 -66.24
CA SER A 460 -5.51 -59.71 -66.66
C SER A 460 -6.28 -60.75 -65.85
N SER A 461 -7.61 -60.64 -65.81
CA SER A 461 -8.45 -61.53 -65.03
C SER A 461 -9.74 -61.81 -65.77
N GLU A 462 -10.45 -62.84 -65.34
CA GLU A 462 -11.69 -63.28 -65.96
C GLU A 462 -12.90 -62.81 -65.18
N VAL A 463 -14.07 -63.25 -65.65
CA VAL A 463 -15.31 -63.13 -64.91
C VAL A 463 -16.30 -64.13 -65.50
N VAL A 464 -17.26 -64.54 -64.67
CA VAL A 464 -18.30 -65.47 -65.12
C VAL A 464 -19.66 -64.83 -64.95
N ALA A 626 -14.80 -64.45 -69.99
CA ALA A 626 -14.98 -63.19 -69.26
C ALA A 626 -15.96 -62.29 -69.97
N MET A 627 -17.04 -62.87 -70.49
CA MET A 627 -18.07 -62.12 -71.19
C MET A 627 -19.44 -62.49 -70.62
N VAL A 628 -19.92 -61.69 -69.68
CA VAL A 628 -21.29 -61.77 -69.15
C VAL A 628 -22.13 -60.78 -69.92
N LEU A 629 -23.27 -61.23 -70.44
CA LEU A 629 -23.99 -60.46 -71.45
C LEU A 629 -25.35 -60.02 -70.93
N HIS A 630 -25.62 -58.71 -71.05
CA HIS A 630 -26.93 -58.14 -70.75
C HIS A 630 -27.54 -57.42 -71.94
N GLY A 631 -26.96 -57.51 -73.14
CA GLY A 631 -27.48 -56.82 -74.30
C GLY A 631 -27.09 -57.51 -75.61
N ASP A 632 -27.40 -56.85 -76.73
CA ASP A 632 -27.11 -57.38 -78.06
C ASP A 632 -25.94 -56.62 -78.64
N MET A 633 -24.99 -57.33 -79.23
CA MET A 633 -23.72 -56.75 -79.64
C MET A 633 -23.63 -56.67 -81.16
N ILE A 634 -23.49 -55.47 -81.69
CA ILE A 634 -23.03 -55.26 -83.07
C ILE A 634 -21.57 -54.89 -82.94
N VAL A 635 -20.70 -55.90 -82.97
CA VAL A 635 -19.29 -55.70 -82.62
C VAL A 635 -18.65 -54.76 -83.63
N ASN A 636 -18.09 -53.67 -83.13
CA ASN A 636 -17.37 -52.70 -83.96
C ASN A 636 -15.87 -52.99 -84.01
N GLY A 637 -15.43 -54.06 -83.37
CA GLY A 637 -14.04 -54.49 -83.46
C GLY A 637 -13.90 -55.75 -84.28
N THR A 638 -12.97 -56.62 -83.88
CA THR A 638 -12.78 -57.92 -84.52
C THR A 638 -13.01 -59.00 -83.49
N VAL A 639 -13.82 -60.00 -83.84
CA VAL A 639 -14.14 -61.10 -82.92
C VAL A 639 -13.26 -62.27 -83.34
N THR A 640 -12.13 -62.41 -82.64
CA THR A 640 -11.23 -63.53 -82.86
C THR A 640 -11.43 -64.58 -81.78
N ALA A 641 -10.74 -65.72 -81.93
CA ALA A 641 -10.90 -66.84 -81.01
C ALA A 641 -9.96 -67.98 -81.37
N SER A 642 -9.88 -68.99 -80.49
CA SER A 642 -9.10 -70.19 -80.76
C SER A 642 -9.93 -71.46 -80.74
N LYS A 643 -11.10 -71.43 -80.11
CA LYS A 643 -12.00 -72.57 -80.07
C LYS A 643 -13.43 -72.05 -79.97
N ILE A 644 -14.39 -72.89 -80.33
CA ILE A 644 -15.80 -72.49 -80.37
C ILE A 644 -16.67 -73.71 -80.11
N VAL A 645 -17.59 -73.56 -79.15
CA VAL A 645 -18.66 -74.54 -78.92
C VAL A 645 -19.96 -73.75 -78.82
N ALA A 646 -21.01 -74.27 -79.46
CA ALA A 646 -22.27 -73.55 -79.53
C ALA A 646 -23.38 -74.57 -79.79
N ASN A 647 -24.61 -74.08 -79.90
CA ASN A 647 -25.77 -74.90 -80.23
C ASN A 647 -26.29 -74.65 -81.63
N ASN A 648 -26.06 -73.48 -82.20
CA ASN A 648 -26.41 -73.17 -83.59
C ASN A 648 -25.72 -71.87 -83.97
N ALA A 649 -25.90 -71.46 -85.22
CA ALA A 649 -25.27 -70.24 -85.71
C ALA A 649 -26.04 -69.70 -86.91
N PHE A 650 -26.60 -68.52 -86.75
CA PHE A 650 -27.26 -67.80 -87.84
C PHE A 650 -26.24 -66.82 -88.42
N LEU A 651 -25.38 -67.33 -89.30
CA LEU A 651 -24.21 -66.62 -89.79
C LEU A 651 -24.55 -65.86 -91.05
N SER A 652 -23.51 -65.30 -91.71
CA SER A 652 -23.69 -64.61 -92.98
C SER A 652 -22.87 -65.24 -94.11
N GLN A 653 -21.57 -65.46 -93.88
CA GLN A 653 -20.71 -66.15 -94.84
C GLN A 653 -19.73 -66.98 -94.04
N ILE A 654 -19.13 -67.99 -94.68
CA ILE A 654 -18.59 -69.15 -93.98
C ILE A 654 -17.10 -69.31 -94.29
N GLY A 655 -16.52 -70.36 -93.71
CA GLY A 655 -15.29 -70.96 -94.19
C GLY A 655 -15.02 -72.29 -93.50
N VAL A 656 -14.84 -73.35 -94.28
CA VAL A 656 -14.54 -74.68 -93.75
C VAL A 656 -13.64 -75.44 -94.72
N ASN A 657 -12.34 -75.52 -94.42
CA ASN A 657 -11.38 -76.00 -95.41
C ASN A 657 -11.66 -77.43 -95.84
N ILE A 658 -11.74 -78.34 -94.88
CA ILE A 658 -11.81 -79.76 -95.16
C ILE A 658 -12.89 -80.34 -94.27
N ILE A 659 -13.96 -80.84 -94.89
CA ILE A 659 -15.18 -81.14 -94.15
C ILE A 659 -14.93 -82.39 -93.31
N TYR A 660 -14.58 -82.19 -92.05
CA TYR A 660 -14.73 -83.21 -91.03
C TYR A 660 -16.17 -83.18 -90.55
N ASP A 661 -16.46 -83.94 -89.50
CA ASP A 661 -17.71 -83.81 -88.78
C ASP A 661 -17.47 -83.94 -87.29
N ARG A 662 -18.35 -83.30 -86.52
CA ARG A 662 -18.41 -83.55 -85.09
C ARG A 662 -18.77 -84.99 -84.78
N ALA A 663 -19.26 -85.73 -85.78
CA ALA A 663 -19.24 -87.18 -85.68
C ALA A 663 -17.83 -87.69 -85.46
N ALA A 664 -16.83 -86.90 -85.86
CA ALA A 664 -15.43 -87.16 -85.54
C ALA A 664 -14.82 -86.06 -84.67
N ALA A 665 -15.24 -84.81 -84.83
CA ALA A 665 -14.58 -83.70 -84.14
C ALA A 665 -14.77 -83.81 -82.63
N LEU A 666 -16.01 -83.70 -82.14
CA LEU A 666 -16.24 -83.91 -80.71
C LEU A 666 -15.86 -85.32 -80.30
N SER A 667 -16.21 -86.30 -81.11
CA SER A 667 -15.62 -87.62 -80.96
C SER A 667 -14.10 -87.49 -80.96
N SER A 668 -13.43 -88.47 -80.38
CA SER A 668 -11.98 -88.42 -80.33
C SER A 668 -11.40 -88.40 -81.73
N ASN A 669 -10.22 -87.78 -81.87
CA ASN A 669 -9.52 -87.75 -83.15
C ASN A 669 -10.39 -87.18 -84.26
N PRO A 670 -10.55 -85.85 -84.33
CA PRO A 670 -11.41 -85.26 -85.37
C PRO A 670 -11.24 -85.86 -86.76
N GLU A 671 -10.11 -86.52 -87.00
CA GLU A 671 -9.93 -87.38 -88.17
C GLU A 671 -10.45 -88.80 -87.92
N GLY A 672 -11.35 -88.98 -86.95
CA GLY A 672 -11.81 -90.28 -86.56
C GLY A 672 -12.97 -90.79 -87.38
N SER A 673 -13.98 -91.33 -86.71
CA SER A 673 -15.11 -91.99 -87.36
C SER A 673 -15.94 -90.96 -88.11
N TYR A 674 -15.77 -90.92 -89.43
CA TYR A 674 -16.64 -90.14 -90.29
C TYR A 674 -16.93 -90.99 -91.52
N LYS A 675 -17.84 -90.53 -92.39
CA LYS A 675 -18.30 -91.33 -93.51
C LYS A 675 -18.00 -90.70 -94.87
N MET A 676 -17.75 -89.40 -94.93
CA MET A 676 -17.36 -88.77 -96.20
C MET A 676 -16.82 -87.38 -95.92
N LYS A 677 -15.58 -87.17 -96.32
CA LYS A 677 -14.85 -85.94 -96.04
C LYS A 677 -14.70 -85.16 -97.34
N ILE A 678 -15.46 -84.07 -97.47
CA ILE A 678 -15.49 -83.28 -98.69
C ILE A 678 -14.44 -82.18 -98.55
N ASP A 679 -13.21 -82.49 -98.93
CA ASP A 679 -12.14 -81.49 -98.98
C ASP A 679 -12.21 -80.78 -100.34
N LEU A 680 -12.45 -79.48 -100.32
CA LEU A 680 -12.61 -78.70 -101.54
C LEU A 680 -11.28 -78.23 -102.12
N GLN A 681 -10.15 -78.82 -101.73
CA GLN A 681 -8.85 -78.31 -102.14
C GLN A 681 -8.20 -79.13 -103.24
N ASN A 682 -8.49 -80.44 -103.33
CA ASN A 682 -7.85 -81.27 -104.34
C ASN A 682 -8.81 -82.28 -104.99
N GLY A 683 -10.03 -81.88 -105.33
CA GLY A 683 -10.96 -82.80 -105.96
C GLY A 683 -11.22 -84.04 -105.12
N TYR A 684 -11.44 -83.85 -103.82
CA TYR A 684 -11.41 -84.93 -102.85
C TYR A 684 -12.83 -85.18 -102.32
N ILE A 685 -13.54 -86.13 -102.94
CA ILE A 685 -14.82 -86.62 -102.44
C ILE A 685 -14.60 -88.07 -102.08
N HIS A 686 -14.33 -88.36 -100.81
CA HIS A 686 -14.16 -89.71 -100.31
C HIS A 686 -15.47 -90.13 -99.65
N ILE A 687 -16.07 -91.21 -100.15
CA ILE A 687 -17.39 -91.65 -99.73
C ILE A 687 -17.23 -92.97 -98.98
N ARG A 688 -17.78 -93.04 -97.77
CA ARG A 688 -17.76 -94.27 -96.98
C ARG A 688 -19.15 -94.60 -96.47
N MET B 1 20.78 60.60 102.83
CA MET B 1 19.58 60.55 101.96
C MET B 1 19.95 60.86 100.51
N ILE B 2 21.22 60.75 100.19
CA ILE B 2 21.71 60.95 98.83
C ILE B 2 21.98 59.59 98.20
N SER B 3 21.53 59.40 96.97
CA SER B 3 21.63 58.09 96.33
C SER B 3 21.63 58.26 94.82
N ASN B 4 22.14 57.24 94.13
CA ASN B 4 22.06 57.16 92.67
C ASN B 4 21.14 55.98 92.34
N ASN B 5 19.85 56.24 92.31
CA ASN B 5 18.91 55.21 91.87
C ASN B 5 19.34 54.68 90.51
N ALA B 6 19.55 53.37 90.43
CA ALA B 6 20.05 52.76 89.21
C ALA B 6 19.02 52.90 88.10
N PRO B 7 19.47 52.87 86.84
CA PRO B 7 18.50 52.98 85.73
C PRO B 7 17.44 51.91 85.83
N ALA B 8 16.22 52.27 85.46
CA ALA B 8 15.09 51.40 85.69
C ALA B 8 15.29 50.05 84.98
N LYS B 9 14.40 49.11 85.31
CA LYS B 9 14.54 47.75 84.79
C LYS B 9 14.51 47.75 83.27
N MET B 10 15.27 46.84 82.68
CA MET B 10 15.43 46.74 81.24
C MET B 10 14.40 45.77 80.68
N VAL B 11 13.70 46.21 79.63
CA VAL B 11 12.74 45.36 78.93
C VAL B 11 13.20 45.24 77.48
N LEU B 12 12.81 44.13 76.85
CA LEU B 12 13.15 43.85 75.46
C LEU B 12 11.85 43.82 74.66
N ASN B 13 11.56 44.93 73.98
CA ASN B 13 10.26 45.07 73.33
C ASN B 13 10.07 44.02 72.24
N SER B 14 11.05 43.86 71.35
CA SER B 14 10.89 42.96 70.21
C SER B 14 12.23 42.35 69.87
N VAL B 15 12.19 41.11 69.38
CA VAL B 15 13.37 40.36 68.98
C VAL B 15 13.17 39.86 67.56
N LEU B 16 14.19 40.02 66.72
CA LEU B 16 14.18 39.50 65.36
C LEU B 16 15.52 38.82 65.11
N THR B 17 15.49 37.50 64.93
CA THR B 17 16.69 36.69 64.89
C THR B 17 17.10 36.41 63.46
N GLY B 18 18.30 36.85 63.09
CA GLY B 18 18.91 36.46 61.83
C GLY B 18 19.69 35.16 61.98
N TYR B 19 20.32 34.75 60.88
CA TYR B 19 21.09 33.52 60.89
C TYR B 19 22.26 33.62 61.87
N THR B 20 22.96 34.76 61.88
CA THR B 20 24.13 34.95 62.73
C THR B 20 24.02 36.22 63.57
N LEU B 21 22.85 36.82 63.67
CA LEU B 21 22.71 38.09 64.38
C LEU B 21 21.24 38.31 64.71
N ALA B 22 21.00 38.93 65.86
CA ALA B 22 19.65 39.21 66.34
C ALA B 22 19.51 40.70 66.61
N TYR B 23 18.48 41.31 66.02
CA TYR B 23 18.18 42.72 66.20
C TYR B 23 17.14 42.84 67.30
N ILE B 24 17.52 43.43 68.43
CA ILE B 24 16.69 43.47 69.62
C ILE B 24 16.23 44.90 69.86
N GLN B 25 14.95 45.07 70.16
CA GLN B 25 14.36 46.37 70.44
C GLN B 25 14.18 46.53 71.94
N HIS B 26 14.59 47.68 72.48
CA HIS B 26 14.59 47.90 73.91
C HIS B 26 13.86 49.18 74.31
N SER B 27 13.96 49.56 75.58
CA SER B 27 13.33 50.73 76.13
C SER B 27 14.35 51.86 76.27
N ILE B 28 13.95 52.95 76.93
CA ILE B 28 14.81 54.10 77.12
C ILE B 28 15.36 54.08 78.55
N TYR B 29 16.35 54.93 78.80
CA TYR B 29 17.16 54.88 80.02
C TYR B 29 17.00 56.18 80.82
N SER B 30 17.80 56.28 81.88
CA SER B 30 17.80 57.42 82.78
C SER B 30 19.10 57.38 83.60
N ASP B 31 19.14 58.12 84.70
CA ASP B 31 20.21 58.12 85.70
C ASP B 31 21.40 59.01 85.33
N TYR B 32 21.41 59.63 84.16
CA TYR B 32 22.36 60.71 83.87
C TYR B 32 23.81 60.25 83.85
N ASP B 33 24.06 58.97 84.09
CA ASP B 33 25.44 58.49 84.23
C ASP B 33 25.66 57.14 83.53
N VAL B 34 24.84 56.82 82.54
CA VAL B 34 24.95 55.51 81.89
C VAL B 34 26.14 55.49 80.94
N ILE B 35 26.63 54.29 80.67
CA ILE B 35 27.74 54.08 79.75
C ILE B 35 27.34 53.21 78.57
N GLY B 36 26.57 52.16 78.80
CA GLY B 36 26.15 51.28 77.73
C GLY B 36 25.21 50.18 78.19
N ARG B 37 25.34 49.00 77.59
CA ARG B 37 24.52 47.84 77.94
C ARG B 37 25.40 46.63 78.12
N SER B 38 24.91 45.67 78.91
CA SER B 38 25.64 44.44 79.21
C SER B 38 24.70 43.26 78.96
N PHE B 39 24.80 42.68 77.76
CA PHE B 39 23.89 41.62 77.34
C PHE B 39 24.48 40.26 77.66
N TRP B 40 23.73 39.46 78.40
CA TRP B 40 24.09 38.08 78.73
C TRP B 40 23.25 37.13 77.89
N LEU B 41 23.86 36.06 77.41
CA LEU B 41 23.20 35.09 76.55
C LEU B 41 23.37 33.70 77.14
N LYS B 42 22.30 32.92 77.11
CA LYS B 42 22.28 31.56 77.63
C LYS B 42 22.25 30.60 76.44
N GLU B 43 23.42 30.03 76.12
CA GLU B 43 23.50 29.09 75.02
C GLU B 43 22.81 27.77 75.32
N GLY B 44 22.54 27.49 76.59
CA GLY B 44 21.93 26.24 77.00
C GLY B 44 22.73 25.60 78.13
N SER B 45 24.05 25.71 78.03
CA SER B 45 24.93 25.30 79.12
C SER B 45 26.07 26.28 79.38
N ASN B 46 26.34 27.23 78.49
CA ASN B 46 27.43 28.18 78.64
C ASN B 46 26.91 29.58 78.38
N VAL B 47 27.55 30.56 79.00
CA VAL B 47 27.13 31.95 78.97
C VAL B 47 28.22 32.81 78.36
N THR B 48 27.82 33.87 77.67
CA THR B 48 28.73 34.85 77.11
C THR B 48 28.27 36.25 77.49
N ARG B 49 29.20 37.19 77.46
CA ARG B 49 28.93 38.58 77.84
C ARG B 49 29.41 39.51 76.74
N ARG B 50 28.63 40.56 76.50
CA ARG B 50 28.97 41.58 75.53
C ARG B 50 28.65 42.95 76.11
N ASP B 51 29.30 43.97 75.57
CA ASP B 51 29.10 45.34 76.00
C ASP B 51 28.87 46.24 74.79
N PHE B 52 28.02 47.25 74.96
CA PHE B 52 27.68 48.20 73.89
C PHE B 52 27.82 49.61 74.46
N THR B 53 29.04 50.14 74.42
CA THR B 53 29.26 51.51 74.82
C THR B 53 28.62 52.46 73.81
N GLY B 54 28.22 53.63 74.29
CA GLY B 54 27.48 54.56 73.47
C GLY B 54 26.00 54.27 73.52
N ILE B 55 25.19 55.27 73.86
CA ILE B 55 23.78 55.07 74.09
C ILE B 55 22.90 55.72 73.04
N ASP B 56 23.46 56.58 72.17
CA ASP B 56 22.65 57.25 71.16
C ASP B 56 21.88 56.25 70.31
N THR B 57 22.45 55.07 70.08
CA THR B 57 21.74 54.05 69.34
C THR B 57 20.51 53.60 70.12
N PHE B 58 19.46 53.21 69.38
CA PHE B 58 18.17 52.88 69.97
C PHE B 58 17.87 51.39 69.94
N SER B 59 18.73 50.58 69.31
CA SER B 59 18.54 49.14 69.28
C SER B 59 19.91 48.49 69.12
N VAL B 60 19.96 47.19 69.40
CA VAL B 60 21.21 46.45 69.40
C VAL B 60 21.11 45.30 68.39
N THR B 61 22.27 44.88 67.88
CA THR B 61 22.37 43.76 66.94
C THR B 61 23.53 42.88 67.39
N ILE B 62 23.21 41.85 68.17
CA ILE B 62 24.23 40.90 68.57
C ILE B 62 24.72 40.15 67.34
N ASN B 63 25.96 39.67 67.39
CA ASN B 63 26.56 38.94 66.28
C ASN B 63 27.22 37.67 66.82
N ASN B 64 27.83 36.91 65.91
CA ASN B 64 28.54 35.69 66.27
C ASN B 64 27.63 34.68 66.96
N LEU B 65 26.37 34.62 66.53
CA LEU B 65 25.40 33.70 67.12
C LEU B 65 25.71 32.27 66.65
N LYS B 66 25.88 31.36 67.61
CA LYS B 66 26.16 29.97 67.25
C LYS B 66 24.97 29.40 66.49
N PRO B 67 25.18 28.72 65.36
CA PRO B 67 24.04 28.31 64.53
C PRO B 67 23.12 27.32 65.23
N THR B 68 21.84 27.41 64.91
CA THR B 68 20.82 26.42 65.27
C THR B 68 20.76 26.21 66.79
N THR B 69 20.35 27.27 67.48
CA THR B 69 20.14 27.20 68.92
C THR B 69 19.21 28.31 69.40
N THR B 70 18.35 27.99 70.36
CA THR B 70 17.50 28.98 70.99
C THR B 70 18.23 29.59 72.17
N TYR B 71 18.45 30.90 72.13
CA TYR B 71 19.18 31.61 73.18
C TYR B 71 18.22 32.37 74.08
N GLU B 72 18.59 32.46 75.35
CA GLU B 72 17.97 33.37 76.30
C GLU B 72 18.86 34.60 76.44
N VAL B 73 18.27 35.78 76.23
CA VAL B 73 18.99 37.04 76.26
C VAL B 73 18.61 37.79 77.53
N GLN B 74 19.57 38.54 78.07
CA GLN B 74 19.35 39.37 79.25
C GLN B 74 19.77 40.78 78.93
N GLY B 75 18.83 41.72 79.02
CA GLY B 75 19.14 43.12 78.84
C GLY B 75 19.62 43.77 80.13
N ALA B 76 20.28 44.91 79.99
CA ALA B 76 20.79 45.60 81.16
C ALA B 76 21.36 46.95 80.75
N PHE B 77 21.39 47.85 81.73
CA PHE B 77 22.07 49.14 81.62
C PHE B 77 23.09 49.22 82.76
N TYR B 78 24.10 50.06 82.57
CA TYR B 78 25.07 50.26 83.64
C TYR B 78 25.62 51.66 83.58
N ASP B 79 25.93 52.20 84.75
CA ASP B 79 26.49 53.53 84.91
C ASP B 79 27.90 53.41 85.49
N SER B 80 28.59 54.55 85.57
CA SER B 80 29.91 54.57 86.16
C SER B 80 29.89 54.23 87.65
N ILE B 81 28.72 54.30 88.28
CA ILE B 81 28.63 53.93 89.70
C ILE B 81 29.12 52.51 89.90
N ILE B 82 28.69 51.59 89.03
CA ILE B 82 29.12 50.20 89.07
C ILE B 82 30.22 50.00 88.05
N ASP B 83 31.30 49.36 88.48
CA ASP B 83 32.49 49.20 87.65
C ASP B 83 32.38 47.95 86.79
N SER B 84 33.45 47.66 86.06
CA SER B 84 33.48 46.44 85.25
C SER B 84 33.40 45.20 86.14
N GLU B 85 34.05 45.22 87.30
CA GLU B 85 34.00 44.10 88.21
C GLU B 85 32.56 43.76 88.59
N LEU B 86 31.87 44.71 89.21
CA LEU B 86 30.48 44.46 89.60
C LEU B 86 29.62 44.11 88.40
N LEU B 87 29.94 44.66 87.23
CA LEU B 87 29.24 44.28 86.01
C LEU B 87 29.41 42.79 85.73
N ASN B 88 30.62 42.27 85.91
CA ASN B 88 30.83 40.84 85.80
C ASN B 88 30.03 40.09 86.85
N ALA B 89 30.00 40.62 88.08
CA ALA B 89 29.23 39.98 89.14
C ALA B 89 27.73 40.11 88.92
N GLN B 90 27.27 41.23 88.36
CA GLN B 90 25.85 41.45 88.09
C GLN B 90 25.04 41.53 89.38
N ILE B 91 25.48 42.39 90.30
CA ILE B 91 24.76 42.68 91.52
C ILE B 91 24.69 44.20 91.67
N GLY B 92 23.50 44.70 91.99
CA GLY B 92 23.23 46.11 91.99
C GLY B 92 22.81 46.64 90.63
N ILE B 93 23.32 46.05 89.56
CA ILE B 93 22.91 46.40 88.21
C ILE B 93 21.55 45.78 87.94
N ASN B 94 20.62 46.57 87.42
CA ASN B 94 19.31 46.04 87.07
C ASN B 94 19.42 45.14 85.84
N LEU B 95 18.57 44.12 85.81
CA LEU B 95 18.56 43.13 84.74
C LEU B 95 17.15 42.96 84.22
N SER B 96 17.05 42.44 83.00
CA SER B 96 15.78 42.26 82.33
C SER B 96 15.16 40.91 82.69
N ASP B 97 13.86 40.79 82.43
CA ASP B 97 13.21 39.49 82.54
C ASP B 97 13.76 38.55 81.49
N LYS B 98 13.49 37.26 81.67
CA LYS B 98 14.07 36.23 80.82
C LYS B 98 13.24 36.04 79.56
N GLN B 99 13.87 36.25 78.41
CA GLN B 99 13.26 36.00 77.11
C GLN B 99 14.19 35.15 76.27
N THR B 100 13.62 34.15 75.58
CA THR B 100 14.37 33.24 74.73
C THR B 100 13.91 33.40 73.30
N PHE B 101 14.87 33.50 72.37
CA PHE B 101 14.58 33.69 70.97
C PHE B 101 15.15 32.54 70.14
N LYS B 102 14.45 32.21 69.06
CA LYS B 102 14.80 31.10 68.19
C LYS B 102 15.59 31.61 66.99
N MET B 103 16.59 30.84 66.58
CA MET B 103 17.38 31.15 65.40
C MET B 103 16.78 30.43 64.20
N LYS B 104 16.40 31.19 63.18
CA LYS B 104 15.85 30.59 61.97
C LYS B 104 16.88 29.72 61.30
N SER B 105 16.49 28.49 60.95
CA SER B 105 17.43 27.52 60.40
C SER B 105 17.84 27.92 58.98
N ALA B 106 18.99 27.41 58.56
CA ALA B 106 19.52 27.69 57.23
C ALA B 106 18.66 27.01 56.17
N PRO B 107 18.71 27.49 54.92
CA PRO B 107 17.95 26.85 53.85
C PRO B 107 18.41 25.43 53.58
N ARG B 108 17.54 24.46 53.83
CA ARG B 108 17.88 23.05 53.75
C ARG B 108 17.14 22.43 52.56
N ILE B 109 17.87 21.68 51.74
CA ILE B 109 17.28 20.93 50.63
C ILE B 109 16.92 19.54 51.13
N THR B 110 15.74 19.06 50.72
CA THR B 110 15.26 17.75 51.14
C THR B 110 14.92 16.83 49.98
N GLY B 111 14.75 17.34 48.77
CA GLY B 111 14.47 16.49 47.63
C GLY B 111 14.67 17.19 46.31
N ALA B 112 15.41 16.56 45.40
CA ALA B 112 15.63 17.07 44.05
C ALA B 112 15.29 15.97 43.06
N ARG B 113 14.53 16.32 42.02
CA ARG B 113 14.01 15.30 41.12
C ARG B 113 13.46 15.97 39.87
N CYS B 114 13.72 15.35 38.72
CA CYS B 114 13.15 15.76 37.44
C CYS B 114 11.94 14.89 37.14
N GLU B 115 10.91 15.50 36.54
CA GLU B 115 9.71 14.74 36.24
C GLU B 115 8.85 15.51 35.26
N SER B 116 8.09 14.77 34.46
CA SER B 116 7.10 15.33 33.55
C SER B 116 6.08 14.22 33.26
N GLU B 117 5.22 14.46 32.28
CA GLU B 117 4.34 13.40 31.84
C GLU B 117 5.06 12.46 30.89
N PRO B 118 4.67 11.17 30.84
CA PRO B 118 5.30 10.27 29.87
C PRO B 118 5.14 10.81 28.46
N VAL B 119 6.25 11.19 27.83
CA VAL B 119 6.19 11.91 26.58
C VAL B 119 5.66 10.97 25.49
N ASP B 120 4.59 11.38 24.82
CA ASP B 120 4.09 10.61 23.68
C ASP B 120 4.87 10.96 22.42
N VAL B 121 4.84 12.23 22.02
CA VAL B 121 5.57 12.71 20.85
C VAL B 121 5.87 14.19 21.05
N GLY B 122 6.71 14.73 20.19
CA GLY B 122 7.00 16.16 20.21
C GLY B 122 7.90 16.55 21.36
N VAL B 123 8.09 17.87 21.48
CA VAL B 123 8.90 18.44 22.55
C VAL B 123 7.99 18.78 23.72
N GLY B 124 8.36 18.33 24.91
CA GLY B 124 7.60 18.61 26.10
C GLY B 124 8.49 19.20 27.18
N ALA B 125 7.86 19.96 28.06
CA ALA B 125 8.61 20.65 29.11
C ALA B 125 9.01 19.66 30.21
N PRO B 126 10.30 19.47 30.48
CA PRO B 126 10.69 18.70 31.67
C PRO B 126 10.80 19.60 32.88
N ILE B 127 10.05 19.30 33.94
CA ILE B 127 10.05 20.13 35.13
C ILE B 127 11.13 19.65 36.08
N VAL B 128 11.55 20.56 36.96
CA VAL B 128 12.57 20.26 37.97
C VAL B 128 11.92 20.41 39.34
N TYR B 129 11.89 19.33 40.10
CA TYR B 129 11.30 19.31 41.44
C TYR B 129 12.42 19.31 42.46
N ILE B 130 12.71 20.48 43.03
CA ILE B 130 13.68 20.64 44.11
C ILE B 130 12.92 21.10 45.34
N ASP B 131 13.11 20.39 46.45
CA ASP B 131 12.37 20.60 47.68
C ASP B 131 13.30 21.14 48.75
N THR B 132 12.95 22.28 49.34
CA THR B 132 13.71 22.90 50.40
C THR B 132 12.84 23.04 51.64
N THR B 133 13.48 23.03 52.82
CA THR B 133 12.74 22.98 54.08
C THR B 133 13.29 23.95 55.12
N GLY B 134 13.98 25.00 54.71
CA GLY B 134 14.52 26.00 55.63
C GLY B 134 13.57 27.16 55.82
N GLU B 135 14.16 28.33 56.08
CA GLU B 135 13.37 29.55 56.23
C GLU B 135 14.25 30.74 55.88
N ALA B 136 13.78 31.55 54.94
CA ALA B 136 14.45 32.79 54.55
C ALA B 136 13.45 33.63 53.78
N ASP B 137 13.91 34.77 53.26
CA ASP B 137 13.06 35.66 52.48
C ASP B 137 13.66 36.04 51.14
N TYR B 138 14.92 35.69 50.88
CA TYR B 138 15.57 36.01 49.61
C TYR B 138 16.37 34.79 49.15
N CYS B 139 15.76 33.62 49.21
CA CYS B 139 16.47 32.39 48.86
C CYS B 139 16.93 32.43 47.41
N THR B 140 18.10 31.84 47.15
CA THR B 140 18.67 31.77 45.83
C THR B 140 19.00 30.32 45.49
N ILE B 141 18.82 29.97 44.21
CA ILE B 141 19.07 28.62 43.71
C ILE B 141 19.90 28.73 42.44
N GLU B 142 20.94 27.91 42.35
CA GLU B 142 21.85 27.94 41.21
C GLU B 142 22.06 26.53 40.68
N LEU B 143 22.30 26.44 39.37
CA LEU B 143 22.60 25.19 38.70
C LEU B 143 23.99 25.26 38.09
N LYS B 144 24.62 24.10 37.94
CA LYS B 144 25.95 24.01 37.35
C LYS B 144 26.05 22.76 36.50
N ASP B 145 26.56 22.93 35.27
CA ASP B 145 26.73 21.81 34.36
C ASP B 145 27.78 20.85 34.90
N ASN B 146 27.34 19.68 35.35
CA ASN B 146 28.26 18.72 35.95
C ASN B 146 29.26 18.18 34.93
N SER B 147 28.89 18.18 33.64
CA SER B 147 29.70 17.48 32.65
C SER B 147 31.11 18.06 32.56
N ASN B 148 31.22 19.38 32.41
CA ASN B 148 32.51 20.01 32.13
C ASN B 148 33.24 20.34 33.42
N ALA B 149 34.57 20.50 33.29
CA ALA B 149 35.40 20.83 34.45
C ALA B 149 35.07 22.21 35.00
N ASN B 150 34.91 23.20 34.12
CA ASN B 150 34.59 24.57 34.51
C ASN B 150 33.21 24.91 33.96
N ASN B 151 32.35 25.43 34.85
CA ASN B 151 30.98 25.77 34.49
C ASN B 151 30.54 26.97 35.31
N PRO B 152 30.67 28.19 34.76
CA PRO B 152 30.25 29.38 35.52
C PRO B 152 28.83 29.21 36.07
N TRP B 153 28.71 29.20 37.39
CA TRP B 153 27.43 28.92 38.03
C TRP B 153 26.33 29.78 37.45
N VAL B 154 25.11 29.24 37.43
CA VAL B 154 23.95 29.94 36.90
C VAL B 154 22.83 29.87 37.93
N LYS B 155 22.20 31.01 38.17
CA LYS B 155 21.08 31.14 39.10
C LYS B 155 19.79 31.35 38.32
N TYR B 156 18.77 30.56 38.64
CA TYR B 156 17.54 30.52 37.84
C TYR B 156 16.31 30.99 38.59
N TYR B 157 16.17 30.68 39.88
CA TYR B 157 15.00 31.09 40.65
C TYR B 157 15.45 31.82 41.92
N VAL B 158 14.89 33.00 42.16
CA VAL B 158 15.16 33.78 43.35
C VAL B 158 13.82 34.18 43.96
N GLY B 159 13.57 33.76 45.19
CA GLY B 159 12.31 34.07 45.83
C GLY B 159 12.21 33.41 47.19
N ALA B 160 10.98 33.40 47.72
CA ALA B 160 10.73 32.82 49.03
C ALA B 160 10.86 31.30 48.99
N LEU B 161 11.18 30.73 50.15
CA LEU B 161 11.29 29.28 50.26
C LEU B 161 9.92 28.64 50.18
N MET B 162 9.92 27.34 49.83
CA MET B 162 8.69 26.61 49.57
C MET B 162 8.97 25.14 49.87
N PRO B 163 7.96 24.37 50.28
CA PRO B 163 8.20 22.93 50.45
C PRO B 163 8.69 22.27 49.18
N THR B 164 8.19 22.70 48.03
CA THR B 164 8.60 22.15 46.74
C THR B 164 8.70 23.29 45.74
N ILE B 165 9.91 23.51 45.23
CA ILE B 165 10.18 24.57 44.27
C ILE B 165 10.30 23.93 42.90
N MET B 166 9.44 24.35 41.96
CA MET B 166 9.39 23.77 40.62
C MET B 166 9.42 24.89 39.60
N PHE B 167 10.33 24.78 38.63
CA PHE B 167 10.44 25.74 37.54
C PHE B 167 10.95 25.01 36.31
N GLY B 168 10.38 25.35 35.16
CA GLY B 168 10.72 24.71 33.90
C GLY B 168 11.77 25.48 33.12
N GLY B 169 11.91 25.12 31.85
CA GLY B 169 12.84 25.80 30.96
C GLY B 169 14.29 25.40 31.13
N VAL B 170 14.59 24.43 31.97
CA VAL B 170 15.96 24.00 32.20
C VAL B 170 16.44 23.18 31.00
N PRO B 171 17.73 23.23 30.65
CA PRO B 171 18.23 22.31 29.62
C PRO B 171 18.26 20.88 30.13
N ILE B 172 18.25 19.94 29.17
CA ILE B 172 18.17 18.53 29.51
C ILE B 172 19.44 18.06 30.22
N GLY B 173 20.59 18.60 29.84
CA GLY B 173 21.86 18.03 30.23
C GLY B 173 22.13 17.99 31.72
N SER B 174 23.37 17.68 32.09
CA SER B 174 23.74 17.52 33.49
C SER B 174 23.67 18.85 34.23
N TYR B 175 23.06 18.85 35.41
CA TYR B 175 22.97 20.05 36.23
C TYR B 175 22.75 19.67 37.68
N LYS B 176 23.57 20.23 38.57
CA LYS B 176 23.46 20.04 40.01
C LYS B 176 23.17 21.39 40.67
N VAL B 177 22.39 21.34 41.74
CA VAL B 177 21.81 22.53 42.35
C VAL B 177 22.47 22.82 43.69
N ARG B 178 22.85 24.07 43.90
CA ARG B 178 23.25 24.57 45.20
C ARG B 178 22.16 25.46 45.77
N ILE B 179 22.22 25.70 47.07
CA ILE B 179 21.20 26.49 47.78
C ILE B 179 21.91 27.58 48.58
N SER B 180 21.35 28.78 48.51
CA SER B 180 21.85 29.91 49.28
C SER B 180 20.70 30.60 49.99
N GLY B 181 20.95 31.77 50.59
CA GLY B 181 19.88 32.51 51.22
C GLY B 181 20.32 33.74 51.99
N GLN B 182 19.37 34.61 52.30
CA GLN B 182 19.63 35.81 53.10
C GLN B 182 18.40 36.10 53.94
N ILE B 183 18.61 36.86 55.02
CA ILE B 183 17.54 37.27 55.92
C ILE B 183 17.67 38.77 56.15
N SER B 184 16.54 39.48 56.06
CA SER B 184 16.53 40.92 56.19
C SER B 184 16.32 41.33 57.64
N LEU B 185 16.64 42.59 57.94
CA LEU B 185 16.49 43.17 59.25
C LEU B 185 15.92 44.57 59.10
N PRO B 186 15.20 45.07 60.13
CA PRO B 186 14.67 46.43 60.02
C PRO B 186 15.75 47.48 59.79
N ASP B 187 16.91 47.32 60.42
CA ASP B 187 18.05 48.18 60.12
C ASP B 187 18.45 47.99 58.66
N GLY B 188 18.36 49.07 57.88
CA GLY B 188 18.41 48.92 56.43
C GLY B 188 19.70 48.29 55.95
N VAL B 189 20.84 48.79 56.43
CA VAL B 189 22.12 48.40 55.84
C VAL B 189 22.41 46.92 56.10
N THR B 190 22.20 46.47 57.34
CA THR B 190 22.57 45.10 57.69
C THR B 190 21.77 44.10 56.87
N ILE B 191 22.46 43.10 56.34
CA ILE B 191 21.84 42.00 55.63
C ILE B 191 22.72 40.77 55.82
N ASP B 192 22.11 39.68 56.30
CA ASP B 192 22.84 38.48 56.67
C ASP B 192 22.58 37.38 55.65
N SER B 193 23.65 36.73 55.20
CA SER B 193 23.59 35.72 54.17
C SER B 193 23.66 34.32 54.79
N SER B 194 23.75 33.31 53.94
CA SER B 194 23.87 31.92 54.37
C SER B 194 24.96 31.23 53.57
N GLY B 195 25.54 30.18 54.16
CA GLY B 195 26.57 29.44 53.48
C GLY B 195 26.02 28.61 52.34
N TYR B 196 26.84 28.45 51.30
CA TYR B 196 26.42 27.66 50.15
C TYR B 196 26.25 26.21 50.55
N TYR B 197 25.25 25.55 49.96
CA TYR B 197 24.89 24.17 50.30
C TYR B 197 24.53 23.45 49.00
N GLU B 198 25.45 22.62 48.52
CA GLU B 198 25.23 21.85 47.31
C GLU B 198 24.74 20.45 47.65
N TYR B 199 23.83 19.94 46.82
CA TYR B 199 23.32 18.60 47.04
C TYR B 199 24.45 17.60 46.94
N PRO B 200 24.48 16.56 47.80
CA PRO B 200 25.62 15.63 47.75
C PRO B 200 25.84 14.99 46.39
N ASN B 201 24.77 14.65 45.68
CA ASN B 201 24.87 13.98 44.39
C ASN B 201 24.11 14.78 43.34
N VAL B 202 24.68 14.83 42.13
CA VAL B 202 24.08 15.52 41.00
C VAL B 202 22.84 14.78 40.54
N PHE B 203 22.02 15.43 39.73
CA PHE B 203 20.90 14.78 39.07
C PHE B 203 20.88 15.22 37.61
N GLU B 204 20.30 14.37 36.76
CA GLU B 204 20.29 14.59 35.32
C GLU B 204 18.85 14.63 34.82
N VAL B 205 18.54 15.67 34.04
CA VAL B 205 17.21 15.83 33.45
C VAL B 205 17.17 15.07 32.13
N ARG B 206 16.03 14.48 31.83
CA ARG B 206 15.84 13.77 30.57
C ARG B 206 14.36 13.72 30.24
N TYR B 207 14.06 13.62 28.95
CA TYR B 207 12.68 13.45 28.53
C TYR B 207 12.15 12.11 29.03
N ASN B 208 10.84 12.05 29.23
CA ASN B 208 10.19 10.85 29.74
C ASN B 208 9.90 9.83 28.64
N PHE B 209 10.58 9.94 27.50
CA PHE B 209 10.41 8.95 26.44
C PHE B 209 11.04 7.62 26.83
N VAL B 210 10.28 6.54 26.65
CA VAL B 210 10.74 5.20 26.98
C VAL B 210 10.37 4.27 25.83
N PRO B 211 11.23 3.35 25.43
CA PRO B 211 10.90 2.46 24.30
C PRO B 211 9.63 1.69 24.58
N PRO B 212 8.74 1.52 23.59
CA PRO B 212 7.53 0.73 23.81
C PRO B 212 7.81 -0.77 23.75
N ALA B 213 6.74 -1.56 23.83
CA ALA B 213 6.81 -3.01 23.71
C ALA B 213 6.35 -3.44 22.33
N ALA B 214 6.87 -4.58 21.88
CA ALA B 214 6.58 -5.07 20.55
C ALA B 214 5.13 -5.56 20.47
N PRO B 215 4.55 -5.57 19.28
CA PRO B 215 3.19 -6.13 19.13
C PRO B 215 3.17 -7.62 19.36
N ILE B 216 2.00 -8.11 19.77
CA ILE B 216 1.80 -9.51 20.11
C ILE B 216 0.50 -9.99 19.45
N ASN B 217 0.18 -11.25 19.69
CA ASN B 217 -1.08 -11.84 19.22
C ASN B 217 -1.21 -11.70 17.70
N ILE B 218 -0.11 -11.99 16.99
CA ILE B 218 -0.13 -11.90 15.54
C ILE B 218 -1.10 -12.94 14.98
N VAL B 219 -1.94 -12.51 14.05
CA VAL B 219 -2.92 -13.40 13.41
C VAL B 219 -2.97 -13.06 11.93
N PHE B 220 -3.13 -14.10 11.10
CA PHE B 220 -3.14 -13.96 9.66
C PHE B 220 -4.51 -14.36 9.10
N LYS B 221 -4.76 -13.94 7.87
CA LYS B 221 -5.96 -14.33 7.13
C LYS B 221 -5.85 -13.73 5.74
N ALA B 222 -6.78 -14.10 4.87
CA ALA B 222 -6.72 -13.67 3.48
C ALA B 222 -8.09 -13.78 2.83
N ALA B 223 -8.29 -12.99 1.79
CA ALA B 223 -9.43 -13.11 0.89
C ALA B 223 -8.98 -13.81 -0.37
N ARG B 224 -9.70 -14.86 -0.77
CA ARG B 224 -9.16 -15.81 -1.74
C ARG B 224 -8.72 -15.13 -3.02
N ILE B 225 -9.61 -14.36 -3.66
CA ILE B 225 -9.39 -13.90 -5.02
C ILE B 225 -9.96 -12.51 -5.22
N ALA B 226 -9.69 -11.96 -6.39
CA ALA B 226 -10.41 -10.82 -6.96
C ALA B 226 -11.44 -11.35 -7.95
N ASP B 227 -12.04 -10.44 -8.73
CA ASP B 227 -13.01 -10.84 -9.74
C ASP B 227 -12.51 -12.03 -10.56
N GLY B 228 -11.39 -11.86 -11.25
CA GLY B 228 -10.77 -12.93 -11.98
C GLY B 228 -9.27 -12.95 -11.76
N LYS B 229 -8.53 -13.73 -12.54
CA LYS B 229 -7.08 -13.82 -12.50
C LYS B 229 -6.56 -14.45 -11.22
N GLU B 230 -7.43 -14.84 -10.28
CA GLU B 230 -7.04 -15.35 -8.99
C GLU B 230 -5.95 -14.48 -8.36
N ARG B 231 -6.30 -13.22 -8.12
CA ARG B 231 -5.44 -12.32 -7.37
C ARG B 231 -5.69 -12.57 -5.88
N TYR B 232 -4.74 -13.23 -5.23
CA TYR B 232 -4.91 -13.61 -3.83
C TYR B 232 -4.51 -12.45 -2.93
N ASP B 233 -5.40 -12.10 -2.01
CA ASP B 233 -5.24 -10.96 -1.12
C ASP B 233 -4.89 -11.43 0.27
N LEU B 234 -3.78 -10.92 0.80
CA LEU B 234 -3.31 -11.28 2.14
C LEU B 234 -3.44 -10.09 3.07
N ARG B 235 -4.06 -10.32 4.23
CA ARG B 235 -4.21 -9.31 5.26
C ARG B 235 -3.42 -9.73 6.49
N VAL B 236 -2.83 -8.75 7.16
CA VAL B 236 -2.08 -8.97 8.39
C VAL B 236 -2.78 -8.23 9.52
N GLN B 237 -3.09 -8.96 10.60
CA GLN B 237 -3.73 -8.39 11.78
C GLN B 237 -2.91 -8.76 13.00
N TRP B 238 -2.84 -7.82 13.95
CA TRP B 238 -2.12 -8.06 15.20
C TRP B 238 -2.67 -7.13 16.26
N ASP B 239 -2.39 -7.47 17.51
CA ASP B 239 -2.80 -6.66 18.65
C ASP B 239 -1.57 -6.19 19.41
N TRP B 240 -1.55 -4.90 19.73
CA TRP B 240 -0.47 -4.29 20.51
C TRP B 240 -1.06 -3.78 21.82
N ASN B 241 -0.42 -4.14 22.93
CA ASN B 241 -0.94 -3.83 24.25
C ASN B 241 -0.34 -2.53 24.79
N ARG B 242 -0.81 -2.13 25.97
CA ARG B 242 -0.43 -0.89 26.61
C ARG B 242 -0.12 -1.15 28.08
N GLY B 243 0.75 -0.33 28.65
CA GLY B 243 1.08 -0.44 30.06
C GLY B 243 2.51 -0.15 30.41
N ALA B 244 3.41 -0.17 29.42
CA ALA B 244 4.82 0.09 29.66
C ALA B 244 5.40 0.79 28.44
N GLY B 245 6.51 1.49 28.66
CA GLY B 245 7.12 2.22 27.57
C GLY B 245 6.31 3.44 27.18
N ALA B 246 6.55 3.90 25.96
CA ALA B 246 5.89 5.08 25.41
C ALA B 246 4.66 4.69 24.60
N ASN B 247 3.83 5.69 24.31
CA ASN B 247 2.70 5.50 23.41
C ASN B 247 3.22 5.28 22.00
N VAL B 248 3.05 4.06 21.48
CA VAL B 248 3.63 3.72 20.20
C VAL B 248 3.03 4.59 19.11
N ARG B 249 3.85 4.92 18.12
CA ARG B 249 3.42 5.70 16.96
C ARG B 249 3.45 4.82 15.72
N GLU B 250 2.27 4.59 15.13
CA GLU B 250 2.17 3.90 13.85
C GLU B 250 2.95 2.60 13.88
N PHE B 251 3.14 1.97 12.73
CA PHE B 251 3.93 0.75 12.63
C PHE B 251 4.57 0.68 11.26
N VAL B 252 5.33 -0.39 11.03
CA VAL B 252 5.88 -0.69 9.71
C VAL B 252 5.91 -2.20 9.55
N LEU B 253 5.26 -2.69 8.50
CA LEU B 253 5.19 -4.12 8.24
C LEU B 253 6.28 -4.49 7.24
N SER B 254 7.18 -5.36 7.66
CA SER B 254 8.29 -5.81 6.83
C SER B 254 8.26 -7.32 6.72
N TYR B 255 8.48 -7.80 5.49
CA TYR B 255 8.51 -9.24 5.24
C TYR B 255 9.36 -9.51 4.03
N ILE B 256 9.81 -10.76 3.92
CA ILE B 256 10.71 -11.19 2.83
C ILE B 256 10.38 -12.62 2.46
N ASP B 257 10.82 -13.01 1.27
CA ASP B 257 10.61 -14.37 0.80
C ASP B 257 11.34 -15.37 1.70
N SER B 258 10.73 -16.55 1.86
CA SER B 258 11.36 -17.59 2.66
C SER B 258 12.71 -18.00 2.07
N ALA B 259 12.74 -18.28 0.77
CA ALA B 259 13.96 -18.71 0.12
C ALA B 259 14.98 -17.59 -0.04
N GLU B 260 14.59 -16.34 0.21
CA GLU B 260 15.51 -15.21 0.13
C GLU B 260 16.12 -14.85 1.47
N PHE B 261 15.44 -15.15 2.59
CA PHE B 261 16.02 -14.87 3.89
C PHE B 261 17.30 -15.67 4.11
N VAL B 262 17.30 -16.93 3.68
CA VAL B 262 18.46 -17.79 3.90
C VAL B 262 19.70 -17.18 3.25
N ARG B 263 19.57 -16.71 2.02
CA ARG B 263 20.72 -16.13 1.32
C ARG B 263 21.14 -14.80 1.95
N THR B 264 20.17 -13.97 2.33
CA THR B 264 20.47 -12.70 2.98
C THR B 264 19.35 -12.38 3.96
N GLY B 265 19.72 -11.76 5.08
CA GLY B 265 18.78 -11.58 6.18
C GLY B 265 18.23 -10.19 6.34
N TRP B 266 16.90 -10.08 6.26
CA TRP B 266 16.17 -8.84 6.54
C TRP B 266 16.83 -7.63 5.87
N THR B 267 17.42 -7.85 4.70
CA THR B 267 17.93 -6.76 3.86
C THR B 267 17.34 -6.93 2.48
N LYS B 268 16.95 -5.81 1.87
CA LYS B 268 16.22 -5.85 0.60
C LYS B 268 14.85 -6.51 0.77
N ALA B 269 14.36 -6.56 2.01
CA ALA B 269 13.09 -7.21 2.30
C ALA B 269 11.92 -6.31 1.94
N GLN B 270 10.75 -6.93 1.77
CA GLN B 270 9.55 -6.19 1.42
C GLN B 270 9.02 -5.46 2.66
N LYS B 271 8.81 -4.16 2.53
CA LYS B 271 8.35 -3.32 3.64
C LYS B 271 7.25 -2.39 3.16
N ILE B 272 6.22 -2.22 3.98
CA ILE B 272 5.12 -1.31 3.70
C ILE B 272 4.78 -0.55 4.96
N ASN B 273 4.22 0.65 4.77
CA ASN B 273 3.76 1.45 5.90
C ASN B 273 2.49 0.86 6.48
N VAL B 274 2.22 1.22 7.74
CA VAL B 274 1.08 0.70 8.48
C VAL B 274 0.33 1.86 9.12
N GLY B 275 -0.97 1.66 9.32
CA GLY B 275 -1.80 2.64 9.98
C GLY B 275 -1.90 2.39 11.48
N ALA B 276 -2.78 3.16 12.11
CA ALA B 276 -3.04 2.99 13.53
C ALA B 276 -4.01 1.87 13.83
N ALA B 277 -4.58 1.24 12.80
CA ALA B 277 -5.54 0.15 13.00
C ALA B 277 -4.88 -1.17 13.37
N GLN B 278 -3.56 -1.23 13.38
CA GLN B 278 -2.82 -2.45 13.74
C GLN B 278 -2.99 -3.55 12.72
N SER B 279 -3.39 -3.22 11.49
CA SER B 279 -3.62 -4.23 10.47
C SER B 279 -3.43 -3.62 9.09
N ALA B 280 -2.49 -4.15 8.33
CA ALA B 280 -2.27 -3.76 6.94
C ALA B 280 -2.38 -4.99 6.05
N THR B 281 -2.61 -4.75 4.76
CA THR B 281 -2.94 -5.82 3.83
C THR B 281 -2.07 -5.74 2.58
N ILE B 282 -1.72 -6.91 2.06
CA ILE B 282 -1.06 -7.05 0.77
C ILE B 282 -2.11 -7.58 -0.21
N ILE B 283 -2.36 -6.83 -1.28
CA ILE B 283 -3.52 -7.10 -2.13
C ILE B 283 -3.29 -8.23 -3.12
N SER B 284 -2.04 -8.50 -3.50
CA SER B 284 -1.71 -9.56 -4.45
C SER B 284 -0.54 -10.35 -3.87
N PHE B 285 -0.84 -11.38 -3.08
CA PHE B 285 0.22 -12.11 -2.41
C PHE B 285 0.67 -13.29 -3.28
N PRO B 286 1.97 -13.57 -3.35
CA PRO B 286 2.42 -14.75 -4.11
C PRO B 286 1.82 -16.03 -3.56
N TRP B 287 1.60 -16.98 -4.44
CA TRP B 287 0.91 -18.23 -4.12
C TRP B 287 1.91 -19.37 -3.98
N LYS B 288 1.82 -20.10 -2.88
CA LYS B 288 2.60 -21.30 -2.58
C LYS B 288 4.04 -20.98 -2.21
N VAL B 289 4.48 -19.73 -2.28
CA VAL B 289 5.83 -19.34 -1.89
C VAL B 289 5.75 -18.69 -0.52
N GLU B 290 6.37 -19.32 0.47
CA GLU B 290 6.25 -18.88 1.85
C GLU B 290 6.89 -17.51 2.03
N HIS B 291 6.75 -16.95 3.23
CA HIS B 291 7.24 -15.62 3.50
C HIS B 291 7.43 -15.46 5.00
N LYS B 292 8.45 -14.67 5.37
CA LYS B 292 8.73 -14.33 6.76
C LYS B 292 8.14 -12.95 7.05
N PHE B 293 7.24 -12.89 8.02
CA PHE B 293 6.51 -11.67 8.34
C PHE B 293 6.93 -11.14 9.70
N LYS B 294 7.32 -9.86 9.74
CA LYS B 294 7.61 -9.18 10.99
C LYS B 294 6.88 -7.84 11.00
N VAL B 295 6.37 -7.46 12.17
CA VAL B 295 5.69 -6.20 12.37
C VAL B 295 6.48 -5.40 13.40
N SER B 296 6.77 -4.14 13.07
CA SER B 296 7.61 -3.29 13.90
C SER B 296 6.76 -2.22 14.59
N SER B 297 7.02 -2.02 15.88
CA SER B 297 6.36 -0.98 16.66
C SER B 297 7.32 0.21 16.76
N ILE B 298 7.30 1.05 15.73
CA ILE B 298 8.15 2.23 15.68
C ILE B 298 7.60 3.25 16.66
N ALA B 299 8.46 3.75 17.55
CA ALA B 299 8.08 4.78 18.50
C ALA B 299 8.48 6.15 17.96
N TRP B 300 8.33 7.18 18.79
CA TRP B 300 8.77 8.52 18.42
C TRP B 300 9.03 9.32 19.68
N GLY B 301 10.27 9.80 19.83
CA GLY B 301 10.65 10.62 20.95
C GLY B 301 10.96 12.04 20.52
N PRO B 302 11.07 12.95 21.49
CA PRO B 302 11.27 14.37 21.13
C PRO B 302 12.49 14.61 20.27
N ASP B 303 13.59 13.93 20.54
CA ASP B 303 14.82 14.11 19.78
C ASP B 303 14.92 13.11 18.64
N ALA B 304 14.60 11.85 18.89
CA ALA B 304 14.66 10.80 17.89
C ALA B 304 13.63 9.74 18.25
N GLN B 305 13.73 8.58 17.61
CA GLN B 305 12.79 7.49 17.80
C GLN B 305 13.54 6.22 18.18
N ASP B 306 12.79 5.12 18.29
CA ASP B 306 13.34 3.80 18.54
C ASP B 306 12.24 2.78 18.33
N VAL B 307 12.61 1.61 17.80
CA VAL B 307 11.65 0.62 17.33
C VAL B 307 11.88 -0.68 18.08
N THR B 308 10.79 -1.29 18.52
CA THR B 308 10.80 -2.64 19.07
C THR B 308 9.96 -3.52 18.16
N ASP B 309 10.54 -4.62 17.68
CA ASP B 309 9.90 -5.50 16.73
C ASP B 309 9.33 -6.73 17.43
N SER B 310 8.34 -7.34 16.78
CA SER B 310 7.79 -8.61 17.24
C SER B 310 8.65 -9.77 16.73
N ALA B 311 8.36 -10.96 17.23
CA ALA B 311 9.07 -12.14 16.79
C ALA B 311 8.63 -12.53 15.37
N VAL B 312 9.57 -13.11 14.62
CA VAL B 312 9.27 -13.53 13.27
C VAL B 312 8.13 -14.54 13.28
N GLN B 313 7.27 -14.45 12.26
CA GLN B 313 6.13 -15.36 12.16
C GLN B 313 5.86 -15.57 10.66
N THR B 314 6.27 -16.71 10.14
CA THR B 314 6.11 -17.04 8.73
C THR B 314 4.79 -17.75 8.49
N PHE B 315 4.16 -17.45 7.35
CA PHE B 315 2.89 -18.07 6.99
C PHE B 315 2.75 -18.02 5.48
N ILE B 316 2.00 -18.98 4.94
CA ILE B 316 1.71 -19.05 3.51
C ILE B 316 0.25 -19.43 3.33
N LEU B 317 -0.41 -18.77 2.39
CA LEU B 317 -1.77 -19.11 2.03
C LEU B 317 -1.78 -20.32 1.11
N ASN B 318 -2.71 -21.23 1.37
CA ASN B 318 -2.88 -22.42 0.55
C ASN B 318 -4.38 -22.66 0.42
N GLU B 319 -4.76 -23.85 0.01
CA GLU B 319 -6.17 -24.21 -0.08
C GLU B 319 -6.81 -24.40 1.30
N SER B 320 -6.14 -24.06 2.40
CA SER B 320 -6.67 -24.27 3.74
C SER B 320 -7.00 -22.93 4.39
N THR B 321 -8.26 -22.76 4.77
CA THR B 321 -8.70 -21.66 5.61
C THR B 321 -8.49 -20.27 5.01
N PRO B 322 -9.06 -19.99 3.85
CA PRO B 322 -9.35 -18.60 3.49
C PRO B 322 -10.70 -18.18 4.04
N LEU B 323 -10.98 -16.88 3.95
CA LEU B 323 -12.25 -16.32 4.39
C LEU B 323 -12.51 -15.02 3.66
N ASP B 324 -13.77 -14.59 3.66
CA ASP B 324 -14.20 -13.39 2.93
C ASP B 324 -13.82 -13.52 1.45
N ASN B 325 -14.45 -14.49 0.81
CA ASN B 325 -13.97 -15.04 -0.45
C ASN B 325 -14.96 -14.79 -1.57
N SER B 326 -15.84 -13.80 -1.40
CA SER B 326 -16.99 -13.60 -2.29
C SER B 326 -16.60 -12.69 -3.45
N PHE B 327 -15.49 -13.06 -4.11
CA PHE B 327 -15.07 -12.35 -5.33
C PHE B 327 -15.09 -13.27 -6.54
N VAL B 328 -15.82 -14.37 -6.49
CA VAL B 328 -15.91 -15.28 -7.64
C VAL B 328 -16.99 -14.74 -8.58
N ASN B 329 -16.60 -13.84 -9.48
CA ASN B 329 -17.52 -13.22 -10.42
C ASN B 329 -17.14 -13.69 -11.82
N GLU B 330 -17.93 -14.60 -12.37
CA GLU B 330 -17.63 -15.17 -13.67
C GLU B 330 -17.57 -14.08 -14.73
N THR B 331 -16.55 -14.14 -15.59
CA THR B 331 -16.34 -13.15 -16.64
C THR B 331 -16.16 -13.76 -18.03
N GLY B 332 -16.14 -15.08 -18.14
CA GLY B 332 -16.01 -15.74 -19.43
C GLY B 332 -14.60 -16.16 -19.79
N ILE B 333 -13.58 -15.51 -19.20
CA ILE B 333 -12.21 -15.98 -19.29
C ILE B 333 -11.67 -16.08 -17.87
N GLU B 334 -11.81 -17.24 -17.27
CA GLU B 334 -11.48 -17.44 -15.86
C GLU B 334 -10.06 -17.96 -15.76
N VAL B 335 -9.11 -17.06 -15.55
CA VAL B 335 -7.72 -17.41 -15.35
C VAL B 335 -7.53 -17.76 -13.88
N ASN B 336 -6.99 -18.94 -13.61
CA ASN B 336 -6.77 -19.40 -12.25
C ASN B 336 -5.42 -20.07 -12.13
N TYR B 337 -4.88 -20.05 -10.91
CA TYR B 337 -3.62 -20.73 -10.65
C TYR B 337 -3.73 -22.23 -10.90
N ALA B 338 -4.92 -22.81 -10.78
CA ALA B 338 -5.14 -24.22 -11.02
C ALA B 338 -5.61 -24.53 -12.43
N TYR B 339 -6.04 -23.52 -13.19
CA TYR B 339 -6.47 -23.72 -14.57
C TYR B 339 -6.74 -22.38 -15.21
N ILE B 340 -6.51 -22.30 -16.52
CA ILE B 340 -6.90 -21.15 -17.33
C ILE B 340 -7.91 -21.65 -18.35
N LYS B 341 -9.10 -21.03 -18.37
CA LYS B 341 -10.20 -21.55 -19.16
C LYS B 341 -11.06 -20.41 -19.68
N GLY B 342 -11.84 -20.72 -20.71
CA GLY B 342 -12.81 -19.79 -21.25
C GLY B 342 -14.17 -20.43 -21.38
N LYS B 343 -15.18 -19.83 -20.76
CA LYS B 343 -16.53 -20.39 -20.74
C LYS B 343 -17.54 -19.29 -21.08
N ILE B 344 -18.72 -19.73 -21.51
CA ILE B 344 -19.79 -18.81 -21.90
C ILE B 344 -20.95 -19.02 -20.93
N LYS B 345 -21.29 -17.97 -20.19
CA LYS B 345 -22.39 -18.05 -19.25
C LYS B 345 -23.73 -17.99 -19.98
N ASP B 346 -24.72 -18.69 -19.41
CA ASP B 346 -26.06 -18.73 -19.99
C ASP B 346 -27.00 -19.34 -18.97
N GLY B 347 -28.15 -18.71 -18.78
CA GLY B 347 -29.15 -19.18 -17.85
C GLY B 347 -28.55 -19.74 -16.58
N SER B 348 -29.00 -20.92 -16.17
CA SER B 348 -28.38 -21.68 -15.10
C SER B 348 -27.47 -22.77 -15.65
N THR B 349 -26.97 -22.59 -16.87
CA THR B 349 -26.10 -23.55 -17.55
C THR B 349 -24.79 -22.85 -17.89
N TRP B 350 -23.78 -23.05 -17.05
CA TRP B 350 -22.47 -22.43 -17.25
C TRP B 350 -21.73 -23.18 -18.36
N LYS B 351 -22.22 -23.00 -19.58
CA LYS B 351 -21.67 -23.68 -20.74
C LYS B 351 -20.23 -23.25 -20.95
N GLN B 352 -19.29 -24.18 -20.82
CA GLN B 352 -17.87 -23.90 -20.92
C GLN B 352 -17.31 -24.49 -22.21
N THR B 353 -16.45 -23.71 -22.89
CA THR B 353 -15.93 -24.09 -24.19
C THR B 353 -14.43 -24.36 -24.15
N PHE B 354 -13.63 -23.39 -23.69
CA PHE B 354 -12.18 -23.50 -23.68
C PHE B 354 -11.71 -23.83 -22.27
N LEU B 355 -10.62 -24.60 -22.19
CA LEU B 355 -10.09 -24.98 -20.89
C LEU B 355 -8.63 -25.40 -21.04
N ILE B 356 -7.86 -25.11 -20.00
CA ILE B 356 -6.54 -25.71 -19.78
C ILE B 356 -6.39 -25.92 -18.28
N ASP B 357 -6.03 -27.13 -17.88
CA ASP B 357 -5.95 -27.51 -16.47
C ASP B 357 -4.51 -27.88 -16.13
N ALA B 358 -3.99 -27.27 -15.08
CA ALA B 358 -2.67 -27.62 -14.55
C ALA B 358 -2.78 -28.69 -13.46
N ALA B 359 -3.52 -29.76 -13.76
CA ALA B 359 -3.62 -30.91 -12.89
C ALA B 359 -3.41 -32.19 -13.69
N THR B 360 -3.85 -32.17 -14.94
CA THR B 360 -3.69 -33.31 -15.83
C THR B 360 -3.27 -32.90 -17.24
N GLY B 361 -2.85 -31.65 -17.45
CA GLY B 361 -2.48 -31.19 -18.76
C GLY B 361 -3.60 -31.19 -19.77
N ALA B 362 -4.85 -31.31 -19.32
CA ALA B 362 -5.97 -31.38 -20.25
C ALA B 362 -6.12 -30.07 -21.01
N ILE B 363 -6.35 -30.18 -22.32
CA ILE B 363 -6.62 -29.04 -23.17
C ILE B 363 -7.95 -29.30 -23.88
N ASN B 364 -8.93 -28.45 -23.61
CA ASN B 364 -10.30 -28.68 -24.07
C ASN B 364 -10.77 -27.51 -24.92
N ILE B 365 -11.52 -27.81 -25.97
CA ILE B 365 -12.11 -26.81 -26.84
C ILE B 365 -13.48 -27.29 -27.27
N GLY B 366 -14.42 -26.36 -27.37
CA GLY B 366 -15.76 -26.67 -27.82
C GLY B 366 -16.62 -27.26 -26.72
N LEU B 367 -17.93 -27.24 -26.97
CA LEU B 367 -18.89 -27.77 -26.01
C LEU B 367 -18.68 -29.28 -25.84
N LEU B 368 -19.07 -29.78 -24.67
CA LEU B 368 -18.86 -31.17 -24.32
C LEU B 368 -20.10 -32.01 -24.59
N ASP B 369 -19.89 -33.20 -25.15
CA ASP B 369 -20.95 -34.17 -25.33
C ASP B 369 -20.54 -35.49 -24.69
N ALA B 370 -19.25 -35.80 -24.72
CA ALA B 370 -18.75 -37.00 -24.10
C ALA B 370 -18.77 -36.87 -22.59
N GLU B 371 -18.48 -37.99 -21.91
CA GLU B 371 -18.49 -37.98 -20.45
C GLU B 371 -17.42 -37.04 -19.90
N GLY B 372 -16.23 -37.06 -20.49
CA GLY B 372 -15.16 -36.19 -20.07
C GLY B 372 -14.35 -35.66 -21.23
N LYS B 373 -14.99 -35.51 -22.39
CA LYS B 373 -14.28 -35.12 -23.61
C LYS B 373 -15.20 -34.25 -24.46
N ALA B 374 -14.58 -33.57 -25.41
CA ALA B 374 -15.24 -32.71 -26.38
C ALA B 374 -14.68 -33.02 -27.76
N PRO B 375 -15.36 -32.58 -28.82
CA PRO B 375 -14.94 -32.98 -30.17
C PRO B 375 -13.46 -32.76 -30.45
N ILE B 376 -12.96 -31.56 -30.15
CA ILE B 376 -11.56 -31.24 -30.34
C ILE B 376 -10.85 -30.96 -29.03
N SER B 377 -11.35 -31.48 -27.92
CA SER B 377 -10.58 -31.47 -26.70
C SER B 377 -9.38 -32.39 -26.84
N PHE B 378 -8.46 -32.29 -25.89
CA PHE B 378 -7.19 -33.00 -25.98
C PHE B 378 -6.81 -33.56 -24.60
N ASP B 379 -5.79 -34.40 -24.60
CA ASP B 379 -5.25 -35.00 -23.39
C ASP B 379 -3.84 -35.48 -23.65
N PRO B 380 -2.84 -34.59 -23.61
CA PRO B 380 -1.45 -35.04 -23.76
C PRO B 380 -1.08 -36.15 -22.80
N VAL B 381 -1.57 -36.10 -21.55
CA VAL B 381 -1.50 -37.27 -20.70
C VAL B 381 -2.21 -38.42 -21.40
N LYS B 382 -1.61 -39.60 -21.34
CA LYS B 382 -2.03 -40.73 -22.19
C LYS B 382 -2.31 -40.21 -23.59
N LYS B 383 -1.25 -39.65 -24.20
CA LYS B 383 -1.37 -38.75 -25.33
C LYS B 383 -2.37 -39.24 -26.36
N ILE B 384 -3.12 -38.29 -26.91
CA ILE B 384 -4.05 -38.55 -28.01
C ILE B 384 -4.34 -37.25 -28.74
N VAL B 385 -4.27 -37.28 -30.07
CA VAL B 385 -4.63 -36.14 -30.91
C VAL B 385 -6.02 -36.44 -31.46
N ASN B 386 -7.03 -35.79 -30.90
CA ASN B 386 -8.43 -36.05 -31.23
C ASN B 386 -9.04 -34.83 -31.91
N VAL B 387 -9.53 -35.01 -33.13
CA VAL B 387 -10.19 -33.95 -33.88
C VAL B 387 -11.21 -34.60 -34.79
N ASP B 388 -12.08 -33.78 -35.38
CA ASP B 388 -13.10 -34.32 -36.27
C ASP B 388 -13.68 -33.18 -37.12
N GLY B 389 -14.07 -33.52 -38.33
CA GLY B 389 -14.77 -32.57 -39.19
C GLY B 389 -13.86 -31.54 -39.81
N SER B 390 -14.15 -31.14 -41.06
CA SER B 390 -13.42 -30.06 -41.71
C SER B 390 -14.31 -29.51 -42.81
N VAL B 391 -14.83 -28.30 -42.62
CA VAL B 391 -15.74 -27.71 -43.59
C VAL B 391 -15.03 -27.50 -44.93
N ILE B 392 -13.82 -26.95 -44.89
CA ILE B 392 -13.04 -26.74 -46.10
C ILE B 392 -11.86 -27.68 -46.10
N THR B 393 -11.76 -28.50 -47.15
CA THR B 393 -10.59 -29.34 -47.38
C THR B 393 -10.30 -29.34 -48.88
N LYS B 394 -9.22 -28.64 -49.27
CA LYS B 394 -8.78 -28.60 -50.65
C LYS B 394 -7.40 -29.21 -50.82
N THR B 395 -6.90 -29.95 -49.83
CA THR B 395 -5.51 -30.37 -49.86
C THR B 395 -5.28 -31.49 -48.85
N ILE B 396 -4.30 -32.32 -49.15
CA ILE B 396 -3.63 -33.20 -48.19
C ILE B 396 -2.17 -33.27 -48.63
N ASN B 397 -1.36 -34.00 -47.85
CA ASN B 397 0.01 -34.26 -48.26
C ASN B 397 0.37 -35.74 -48.21
N ALA B 398 -0.13 -36.47 -47.23
CA ALA B 398 -0.04 -37.92 -47.21
C ALA B 398 -1.43 -38.50 -47.45
N ALA B 399 -1.47 -39.81 -47.68
CA ALA B 399 -2.69 -40.43 -48.20
C ALA B 399 -3.89 -40.26 -47.26
N ASN B 400 -3.69 -40.47 -45.97
CA ASN B 400 -4.81 -40.62 -45.03
C ASN B 400 -5.68 -41.81 -45.44
N PHE B 401 -5.01 -42.96 -45.57
CA PHE B 401 -5.61 -44.16 -46.13
C PHE B 401 -5.72 -45.27 -45.08
N VAL B 402 -4.62 -45.59 -44.40
CA VAL B 402 -4.60 -46.70 -43.47
C VAL B 402 -5.45 -46.36 -42.24
N MET B 403 -5.90 -47.41 -41.55
CA MET B 403 -6.59 -47.29 -40.28
C MET B 403 -5.80 -48.07 -39.24
N THR B 404 -5.49 -47.43 -38.12
CA THR B 404 -4.69 -48.05 -37.08
C THR B 404 -5.30 -47.79 -35.71
N ASN B 405 -4.54 -48.02 -34.64
CA ASN B 405 -4.97 -48.16 -33.25
C ASN B 405 -5.56 -49.55 -33.03
N LEU B 406 -5.73 -50.36 -34.07
CA LEU B 406 -6.01 -51.78 -33.94
C LEU B 406 -5.45 -52.43 -35.19
N THR B 407 -4.35 -53.17 -35.04
CA THR B 407 -3.64 -53.67 -36.22
C THR B 407 -4.55 -54.56 -37.06
N GLY B 408 -5.43 -55.32 -36.42
CA GLY B 408 -6.28 -56.25 -37.14
C GLY B 408 -7.74 -55.83 -37.24
N GLN B 409 -8.29 -55.25 -36.17
CA GLN B 409 -9.71 -54.95 -36.10
C GLN B 409 -10.01 -53.46 -36.28
N ASP B 410 -9.07 -52.70 -36.85
CA ASP B 410 -9.36 -51.42 -37.47
C ASP B 410 -8.82 -51.54 -38.90
N ASN B 411 -9.63 -52.11 -39.77
CA ASN B 411 -9.17 -52.51 -41.09
C ASN B 411 -8.80 -51.28 -41.92
N PRO B 412 -7.56 -51.15 -42.39
CA PRO B 412 -7.22 -50.00 -43.25
C PRO B 412 -8.18 -49.86 -44.41
N ALA B 413 -8.97 -48.79 -44.43
CA ALA B 413 -10.02 -48.73 -45.44
C ALA B 413 -10.65 -47.35 -45.48
N ILE B 414 -11.02 -46.94 -46.70
CA ILE B 414 -11.87 -45.79 -46.95
C ILE B 414 -13.14 -46.32 -47.60
N TYR B 415 -14.29 -46.13 -46.94
CA TYR B 415 -15.49 -46.83 -47.33
C TYR B 415 -16.72 -46.04 -46.87
N THR B 416 -17.87 -46.47 -47.37
CA THR B 416 -19.15 -45.93 -46.90
C THR B 416 -19.46 -46.51 -45.53
N GLN B 417 -19.58 -45.65 -44.53
CA GLN B 417 -19.94 -46.10 -43.19
C GLN B 417 -21.29 -46.80 -43.21
N GLY B 418 -21.35 -47.97 -42.60
CA GLY B 418 -22.59 -48.73 -42.53
C GLY B 418 -22.81 -49.72 -43.65
N LYS B 419 -21.80 -49.98 -44.48
CA LYS B 419 -21.93 -50.93 -45.57
C LYS B 419 -20.55 -51.47 -45.90
N THR B 420 -20.50 -52.74 -46.30
CA THR B 420 -19.23 -53.40 -46.54
C THR B 420 -19.44 -54.55 -47.53
N TRP B 421 -18.44 -55.43 -47.63
CA TRP B 421 -18.39 -56.50 -48.63
C TRP B 421 -19.39 -57.58 -48.25
N GLY B 422 -20.55 -57.55 -48.89
CA GLY B 422 -21.55 -58.59 -48.69
C GLY B 422 -22.93 -58.03 -48.36
N ASP B 423 -23.11 -56.73 -48.56
CA ASP B 423 -24.37 -56.07 -48.25
C ASP B 423 -25.16 -55.81 -49.54
N THR B 424 -26.47 -56.03 -49.48
CA THR B 424 -27.32 -55.84 -50.64
C THR B 424 -27.42 -54.38 -51.06
N LYS B 425 -27.07 -53.45 -50.18
CA LYS B 425 -27.13 -52.04 -50.51
C LYS B 425 -26.20 -51.71 -51.67
N SER B 426 -26.49 -50.60 -52.34
CA SER B 426 -25.68 -50.11 -53.45
C SER B 426 -24.54 -49.20 -53.00
N GLY B 427 -24.12 -49.30 -51.74
CA GLY B 427 -23.05 -48.46 -51.23
C GLY B 427 -21.70 -48.85 -51.78
N ILE B 428 -20.63 -48.48 -51.10
CA ILE B 428 -19.27 -48.74 -51.57
C ILE B 428 -18.45 -49.23 -50.39
N TRP B 429 -17.29 -49.82 -50.70
CA TRP B 429 -16.28 -50.11 -49.69
C TRP B 429 -14.96 -50.29 -50.42
N MET B 430 -13.90 -49.65 -49.91
CA MET B 430 -12.58 -49.76 -50.52
C MET B 430 -11.54 -49.89 -49.42
N GLY B 431 -10.31 -50.18 -49.83
CA GLY B 431 -9.18 -50.19 -48.92
C GLY B 431 -8.64 -51.57 -48.61
N MET B 432 -7.77 -51.66 -47.61
CA MET B 432 -7.14 -52.92 -47.21
C MET B 432 -7.92 -53.48 -46.04
N ASP B 433 -8.89 -54.33 -46.31
CA ASP B 433 -9.58 -54.99 -45.22
C ASP B 433 -8.64 -55.98 -44.55
N ASN B 434 -8.71 -56.04 -43.21
CA ASN B 434 -7.81 -56.87 -42.44
C ASN B 434 -8.47 -58.08 -41.79
N VAL B 435 -9.80 -58.14 -41.77
CA VAL B 435 -10.46 -59.37 -41.34
C VAL B 435 -10.23 -60.48 -42.37
N THR B 436 -9.85 -60.11 -43.60
CA THR B 436 -9.33 -61.05 -44.58
C THR B 436 -7.87 -60.79 -44.91
N ALA B 437 -7.28 -59.74 -44.34
CA ALA B 437 -5.86 -59.37 -44.44
C ALA B 437 -5.56 -58.70 -45.77
N LYS B 438 -6.53 -58.57 -46.67
CA LYS B 438 -6.29 -58.01 -47.99
C LYS B 438 -7.51 -57.21 -48.41
N PRO B 439 -7.38 -56.37 -49.44
CA PRO B 439 -8.47 -55.46 -49.80
C PRO B 439 -9.78 -56.15 -50.13
N LYS B 440 -10.86 -55.67 -49.53
CA LYS B 440 -12.21 -55.95 -49.99
C LYS B 440 -12.74 -54.74 -50.75
N LEU B 441 -13.73 -54.98 -51.60
CA LEU B 441 -14.27 -53.87 -52.36
C LEU B 441 -15.59 -54.28 -53.00
N ASP B 442 -16.48 -53.30 -53.15
CA ASP B 442 -17.74 -53.48 -53.86
C ASP B 442 -18.26 -52.11 -54.25
N ILE B 443 -18.59 -51.94 -55.52
CA ILE B 443 -19.20 -50.72 -56.03
C ILE B 443 -20.51 -51.09 -56.70
N GLY B 444 -21.60 -50.52 -56.21
CA GLY B 444 -22.91 -50.76 -56.78
C GLY B 444 -23.76 -51.71 -55.97
N ASN B 445 -24.79 -52.23 -56.63
CA ASN B 445 -25.79 -53.07 -56.00
C ASN B 445 -25.28 -54.51 -55.90
N ALA B 446 -26.18 -55.45 -55.61
CA ALA B 446 -25.82 -56.86 -55.47
C ALA B 446 -26.08 -57.66 -56.74
N THR B 447 -26.52 -57.03 -57.83
CA THR B 447 -26.76 -57.74 -59.09
C THR B 447 -26.02 -57.11 -60.27
N GLN B 448 -25.97 -55.79 -60.35
CA GLN B 448 -25.27 -55.06 -61.41
C GLN B 448 -24.24 -54.18 -60.73
N TYR B 449 -23.00 -54.65 -60.66
CA TYR B 449 -22.01 -54.06 -59.76
C TYR B 449 -20.62 -54.59 -60.15
N ILE B 450 -19.64 -54.30 -59.31
CA ILE B 450 -18.30 -54.88 -59.38
C ILE B 450 -17.91 -55.25 -57.96
N ARG B 451 -17.67 -56.54 -57.72
CA ARG B 451 -17.16 -57.00 -56.43
C ARG B 451 -15.70 -57.38 -56.55
N TYR B 452 -14.97 -57.25 -55.45
CA TYR B 452 -13.58 -57.64 -55.41
C TYR B 452 -13.19 -58.03 -53.99
N ASP B 453 -12.32 -59.03 -53.91
CA ASP B 453 -11.61 -59.38 -52.68
C ASP B 453 -10.13 -59.43 -53.01
N GLY B 454 -9.30 -59.23 -51.98
CA GLY B 454 -7.86 -59.10 -52.20
C GLY B 454 -7.31 -60.10 -53.20
N ASN B 455 -7.88 -61.30 -53.23
CA ASN B 455 -7.36 -62.34 -54.12
C ASN B 455 -8.05 -62.31 -55.48
N ILE B 456 -9.37 -62.22 -55.50
CA ILE B 456 -10.16 -62.44 -56.71
C ILE B 456 -11.22 -61.35 -56.84
N LEU B 457 -11.89 -61.34 -57.99
CA LEU B 457 -12.92 -60.36 -58.31
C LEU B 457 -14.16 -61.07 -58.88
N ARG B 458 -15.30 -60.39 -58.78
CA ARG B 458 -16.56 -60.89 -59.34
C ARG B 458 -17.30 -59.70 -59.94
N ILE B 459 -17.24 -59.59 -61.27
CA ILE B 459 -17.98 -58.57 -62.01
C ILE B 459 -19.02 -59.29 -62.87
N SER B 460 -20.22 -59.50 -62.31
CA SER B 460 -21.30 -60.16 -63.03
C SER B 460 -22.09 -59.19 -63.90
N SER B 461 -21.40 -58.47 -64.79
CA SER B 461 -22.01 -57.45 -65.62
C SER B 461 -21.37 -57.47 -67.01
N GLU B 462 -22.04 -56.83 -67.96
CA GLU B 462 -21.58 -56.79 -69.34
C GLU B 462 -20.94 -55.45 -69.66
N VAL B 463 -20.57 -55.30 -70.94
CA VAL B 463 -20.17 -54.03 -71.51
C VAL B 463 -20.31 -54.13 -73.03
N VAL B 464 -20.50 -52.98 -73.67
CA VAL B 464 -20.61 -52.93 -75.11
C VAL B 464 -19.52 -52.02 -75.67
N ALA B 626 -19.63 -58.77 -73.75
CA ALA B 626 -18.79 -57.94 -72.88
C ALA B 626 -17.34 -57.96 -73.34
N MET B 627 -17.13 -57.91 -74.65
CA MET B 627 -15.78 -57.91 -75.21
C MET B 627 -15.67 -56.77 -76.22
N VAL B 628 -15.14 -55.64 -75.76
CA VAL B 628 -14.77 -54.51 -76.61
C VAL B 628 -13.29 -54.64 -76.93
N LEU B 629 -12.94 -54.55 -78.21
CA LEU B 629 -11.61 -54.97 -78.66
C LEU B 629 -10.82 -53.80 -79.20
N HIS B 630 -9.60 -53.64 -78.68
CA HIS B 630 -8.64 -52.67 -79.19
C HIS B 630 -7.33 -53.31 -79.66
N GLY B 631 -7.24 -54.63 -79.71
CA GLY B 631 -6.02 -55.31 -80.11
C GLY B 631 -6.27 -56.68 -80.70
N ASP B 632 -5.19 -57.42 -80.96
CA ASP B 632 -5.27 -58.76 -81.55
C ASP B 632 -4.98 -59.78 -80.45
N MET B 633 -5.78 -60.84 -80.40
CA MET B 633 -5.74 -61.77 -79.29
C MET B 633 -5.17 -63.11 -79.73
N ILE B 634 -4.06 -63.52 -79.11
CA ILE B 634 -3.61 -64.91 -79.16
C ILE B 634 -4.03 -65.51 -77.82
N VAL B 635 -5.23 -66.07 -77.79
CA VAL B 635 -5.86 -66.46 -76.53
C VAL B 635 -5.03 -67.56 -75.88
N ASN B 636 -4.58 -67.31 -74.66
CA ASN B 636 -3.83 -68.28 -73.86
C ASN B 636 -4.74 -69.12 -72.97
N GLY B 637 -6.05 -68.90 -73.04
CA GLY B 637 -7.00 -69.72 -72.30
C GLY B 637 -7.79 -70.62 -73.24
N THR B 638 -9.06 -70.84 -72.91
CA THR B 638 -9.97 -71.61 -73.77
C THR B 638 -11.11 -70.70 -74.19
N VAL B 639 -11.41 -70.70 -75.49
CA VAL B 639 -12.49 -69.86 -76.02
C VAL B 639 -13.69 -70.77 -76.22
N THR B 640 -14.58 -70.76 -75.23
CA THR B 640 -15.82 -71.52 -75.30
C THR B 640 -16.98 -70.59 -75.66
N ALA B 641 -18.15 -71.19 -75.88
CA ALA B 641 -19.31 -70.42 -76.32
C ALA B 641 -20.55 -71.31 -76.42
N SER B 642 -21.72 -70.71 -76.63
CA SER B 642 -22.95 -71.45 -76.85
C SER B 642 -23.59 -71.15 -78.20
N LYS B 643 -23.25 -70.01 -78.81
CA LYS B 643 -23.78 -69.62 -80.10
C LYS B 643 -22.74 -68.76 -80.81
N ILE B 644 -22.85 -68.66 -82.12
CA ILE B 644 -21.86 -67.95 -82.92
C ILE B 644 -22.53 -67.39 -84.18
N VAL B 645 -22.34 -66.10 -84.42
CA VAL B 645 -22.71 -65.46 -85.67
C VAL B 645 -21.53 -64.64 -86.14
N ALA B 646 -21.22 -64.71 -87.42
CA ALA B 646 -20.03 -64.05 -87.96
C ALA B 646 -20.24 -63.81 -89.45
N ASN B 647 -19.23 -63.25 -90.10
CA ASN B 647 -19.25 -63.02 -91.54
C ASN B 647 -18.29 -63.93 -92.29
N ASN B 648 -17.24 -64.41 -91.63
CA ASN B 648 -16.33 -65.39 -92.22
C ASN B 648 -15.44 -65.94 -91.10
N ALA B 649 -14.58 -66.89 -91.45
CA ALA B 649 -13.71 -67.51 -90.46
C ALA B 649 -12.48 -68.09 -91.14
N PHE B 650 -11.32 -67.55 -90.80
CA PHE B 650 -10.03 -68.08 -91.25
C PHE B 650 -9.51 -69.00 -90.16
N LEU B 651 -9.99 -70.24 -90.16
CA LEU B 651 -9.79 -71.18 -89.07
C LEU B 651 -8.55 -72.03 -89.32
N SER B 652 -8.33 -73.04 -88.49
CA SER B 652 -7.23 -73.99 -88.68
C SER B 652 -7.70 -75.42 -88.85
N GLN B 653 -8.56 -75.92 -87.96
CA GLN B 653 -9.17 -77.24 -88.09
C GLN B 653 -10.60 -77.13 -87.56
N ILE B 654 -11.45 -78.08 -87.95
CA ILE B 654 -12.89 -77.86 -87.97
C ILE B 654 -13.59 -78.89 -87.09
N GLY B 655 -14.93 -78.80 -87.06
CA GLY B 655 -15.80 -79.89 -86.69
C GLY B 655 -17.24 -79.57 -87.02
N VAL B 656 -17.91 -80.44 -87.79
CA VAL B 656 -19.32 -80.27 -88.15
C VAL B 656 -19.99 -81.62 -88.29
N ASN B 657 -20.77 -82.03 -87.29
CA ASN B 657 -21.23 -83.42 -87.22
C ASN B 657 -22.10 -83.78 -88.42
N ILE B 658 -23.14 -83.00 -88.65
CA ILE B 658 -24.16 -83.35 -89.64
C ILE B 658 -24.46 -82.10 -90.43
N ILE B 659 -24.14 -82.13 -91.72
CA ILE B 659 -24.09 -80.91 -92.51
C ILE B 659 -25.52 -80.45 -92.76
N TYR B 660 -25.98 -79.52 -91.93
CA TYR B 660 -27.11 -78.67 -92.26
C TYR B 660 -26.59 -77.53 -93.12
N ASP B 661 -27.46 -76.55 -93.39
CA ASP B 661 -27.03 -75.29 -93.96
C ASP B 661 -27.79 -74.15 -93.31
N ARG B 662 -27.15 -72.98 -93.30
CA ARG B 662 -27.86 -71.75 -92.97
C ARG B 662 -28.96 -71.45 -93.96
N ALA B 663 -28.97 -72.12 -95.11
CA ALA B 663 -30.18 -72.20 -95.91
C ALA B 663 -31.33 -72.77 -95.09
N ALA B 664 -31.01 -73.54 -94.05
CA ALA B 664 -31.99 -74.00 -93.07
C ALA B 664 -31.70 -73.45 -91.68
N ALA B 665 -30.42 -73.27 -91.31
CA ALA B 665 -30.09 -72.89 -89.94
C ALA B 665 -30.66 -71.51 -89.58
N LEU B 666 -30.17 -70.45 -90.25
CA LEU B 666 -30.75 -69.14 -90.01
C LEU B 666 -32.22 -69.11 -90.39
N SER B 667 -32.55 -69.73 -91.53
CA SER B 667 -33.94 -70.03 -91.81
C SER B 667 -34.54 -70.79 -90.62
N SER B 668 -35.86 -70.72 -90.50
CA SER B 668 -36.51 -71.40 -89.39
C SER B 668 -36.25 -72.91 -89.47
N ASN B 669 -36.24 -73.56 -88.30
CA ASN B 669 -36.08 -75.00 -88.24
C ASN B 669 -34.80 -75.46 -88.95
N PRO B 670 -33.62 -75.31 -88.33
CA PRO B 670 -32.36 -75.71 -88.98
C PRO B 670 -32.43 -77.05 -89.71
N GLU B 671 -33.40 -77.89 -89.36
CA GLU B 671 -33.74 -79.06 -90.15
C GLU B 671 -34.74 -78.73 -91.26
N GLY B 672 -34.82 -77.46 -91.67
CA GLY B 672 -35.81 -77.01 -92.62
C GLY B 672 -35.39 -77.18 -94.06
N SER B 673 -35.60 -76.14 -94.87
CA SER B 673 -35.37 -76.20 -96.30
C SER B 673 -33.88 -76.31 -96.59
N TYR B 674 -33.45 -77.53 -96.92
CA TYR B 674 -32.10 -77.76 -97.41
C TYR B 674 -32.20 -78.75 -98.57
N LYS B 675 -31.09 -78.97 -99.27
CA LYS B 675 -31.10 -79.79 -100.47
C LYS B 675 -30.25 -81.04 -100.38
N MET B 676 -29.29 -81.10 -99.47
CA MET B 676 -28.49 -82.31 -99.30
C MET B 676 -27.72 -82.21 -98.00
N LYS B 677 -27.99 -83.17 -97.10
CA LYS B 677 -27.42 -83.17 -95.76
C LYS B 677 -26.39 -84.29 -95.68
N ILE B 678 -25.12 -83.91 -95.63
CA ILE B 678 -24.01 -84.86 -95.65
C ILE B 678 -23.67 -85.15 -94.19
N ASP B 679 -24.33 -86.15 -93.60
CA ASP B 679 -24.01 -86.63 -92.26
C ASP B 679 -22.92 -87.69 -92.39
N LEU B 680 -21.76 -87.42 -91.81
CA LEU B 680 -20.60 -88.31 -91.91
C LEU B 680 -20.62 -89.44 -90.89
N GLN B 681 -21.77 -89.72 -90.27
CA GLN B 681 -21.81 -90.68 -89.18
C GLN B 681 -22.36 -92.04 -89.58
N ASN B 682 -23.26 -92.10 -90.58
CA ASN B 682 -23.85 -93.37 -90.97
C ASN B 682 -23.99 -93.53 -92.49
N GLY B 683 -22.98 -93.17 -93.27
CA GLY B 683 -23.06 -93.33 -94.71
C GLY B 683 -24.24 -92.60 -95.31
N TYR B 684 -24.48 -91.36 -94.90
CA TYR B 684 -25.72 -90.64 -95.16
C TYR B 684 -25.45 -89.50 -96.13
N ILE B 685 -25.67 -89.77 -97.41
CA ILE B 685 -25.65 -88.74 -98.45
C ILE B 685 -27.07 -88.69 -99.02
N HIS B 686 -27.87 -87.75 -98.52
CA HIS B 686 -29.23 -87.55 -99.01
C HIS B 686 -29.21 -86.36 -99.96
N ILE B 687 -29.61 -86.59 -101.20
CA ILE B 687 -29.52 -85.60 -102.27
C ILE B 687 -30.93 -85.17 -102.65
N ARG B 688 -31.17 -83.86 -102.64
CA ARG B 688 -32.46 -83.32 -103.05
C ARG B 688 -32.28 -82.21 -104.09
N MET C 1 1.77 83.52 87.78
CA MET C 1 2.61 83.39 86.56
C MET C 1 3.22 82.00 86.47
N ILE C 2 2.65 81.05 87.23
CA ILE C 2 3.08 79.67 87.20
C ILE C 2 2.09 78.86 86.37
N SER C 3 2.60 78.01 85.49
CA SER C 3 1.73 77.28 84.58
C SER C 3 2.42 76.00 84.13
N ASN C 4 1.61 75.05 83.65
CA ASN C 4 2.12 73.84 83.01
C ASN C 4 1.70 73.90 81.55
N ASN C 5 2.53 74.56 80.73
CA ASN C 5 2.28 74.55 79.30
C ASN C 5 2.15 73.12 78.80
N ALA C 6 1.03 72.82 78.17
CA ALA C 6 0.75 71.46 77.74
C ALA C 6 1.75 71.05 76.66
N PRO C 7 1.97 69.74 76.50
CA PRO C 7 2.91 69.29 75.47
C PRO C 7 2.50 69.81 74.11
N ALA C 8 3.49 70.14 73.30
CA ALA C 8 3.23 70.83 72.04
C ALA C 8 2.31 69.99 71.15
N LYS C 9 1.83 70.62 70.08
CA LYS C 9 0.86 69.97 69.20
C LYS C 9 1.44 68.68 68.63
N MET C 10 0.55 67.70 68.44
CA MET C 10 0.92 66.38 67.98
C MET C 10 0.84 66.32 66.46
N VAL C 11 1.88 65.83 65.82
CA VAL C 11 1.90 65.62 64.38
C VAL C 11 2.12 64.14 64.11
N LEU C 12 1.63 63.69 62.95
CA LEU C 12 1.75 62.29 62.53
C LEU C 12 2.63 62.26 61.28
N ASN C 13 3.90 61.94 61.46
CA ASN C 13 4.86 62.06 60.36
C ASN C 13 4.50 61.13 59.21
N SER C 14 4.25 59.85 59.51
CA SER C 14 4.01 58.86 58.47
C SER C 14 3.02 57.83 58.96
N VAL C 15 2.21 57.30 58.02
CA VAL C 15 1.21 56.29 58.31
C VAL C 15 1.42 55.13 57.35
N LEU C 16 1.38 53.91 57.88
CA LEU C 16 1.47 52.69 57.08
C LEU C 16 0.39 51.74 57.56
N THR C 17 -0.60 51.47 56.72
CA THR C 17 -1.80 50.75 57.11
C THR C 17 -1.69 49.28 56.72
N GLY C 18 -1.75 48.40 57.72
CA GLY C 18 -1.89 46.99 57.48
C GLY C 18 -3.35 46.58 57.34
N TYR C 19 -3.57 45.28 57.17
CA TYR C 19 -4.93 44.79 57.02
C TYR C 19 -5.75 45.03 58.28
N THR C 20 -5.15 44.80 59.45
CA THR C 20 -5.85 44.97 60.72
C THR C 20 -5.08 45.86 61.70
N LEU C 21 -4.08 46.60 61.23
CA LEU C 21 -3.26 47.40 62.11
C LEU C 21 -2.53 48.45 61.29
N ALA C 22 -2.34 49.62 61.90
CA ALA C 22 -1.67 50.74 61.25
C ALA C 22 -0.49 51.18 62.11
N TYR C 23 0.69 51.26 61.50
CA TYR C 23 1.90 51.71 62.17
C TYR C 23 2.09 53.19 61.88
N ILE C 24 1.97 54.03 62.91
CA ILE C 24 1.95 55.47 62.76
C ILE C 24 3.23 56.04 63.35
N GLN C 25 3.86 56.97 62.62
CA GLN C 25 5.07 57.63 63.06
C GLN C 25 4.73 59.02 63.56
N HIS C 26 5.28 59.39 64.72
CA HIS C 26 4.93 60.64 65.37
C HIS C 26 6.16 61.47 65.73
N SER C 27 5.95 62.55 66.48
CA SER C 27 7.00 63.46 66.90
C SER C 27 7.38 63.17 68.35
N ILE C 28 8.20 64.05 68.92
CA ILE C 28 8.68 63.89 70.29
C ILE C 28 7.88 64.82 71.20
N TYR C 29 8.02 64.63 72.51
CA TYR C 29 7.16 65.26 73.52
C TYR C 29 7.98 66.15 74.44
N SER C 30 7.31 66.66 75.47
CA SER C 30 7.90 67.55 76.46
C SER C 30 6.97 67.59 77.67
N ASP C 31 7.15 68.58 78.54
CA ASP C 31 6.29 68.89 79.69
C ASP C 31 6.60 68.06 80.93
N TYR C 32 7.53 67.12 80.87
CA TYR C 32 8.07 66.49 82.08
C TYR C 32 7.04 65.70 82.87
N ASP C 33 5.79 65.65 82.40
CA ASP C 33 4.72 65.03 83.17
C ASP C 33 3.79 64.19 82.30
N VAL C 34 4.26 63.71 81.16
CA VAL C 34 3.39 62.98 80.24
C VAL C 34 3.18 61.56 80.75
N ILE C 35 2.07 60.96 80.31
CA ILE C 35 1.73 59.59 80.66
C ILE C 35 1.64 58.69 79.43
N GLY C 36 1.06 59.19 78.35
CA GLY C 36 0.94 58.39 77.14
C GLY C 36 0.31 59.16 75.98
N ARG C 37 -0.48 58.46 75.18
CA ARG C 37 -1.17 59.06 74.03
C ARG C 37 -2.63 58.64 74.04
N SER C 38 -3.46 59.48 73.42
CA SER C 38 -4.90 59.26 73.34
C SER C 38 -5.32 59.39 71.88
N PHE C 39 -5.40 58.26 71.18
CA PHE C 39 -5.68 58.25 69.75
C PHE C 39 -7.18 58.10 69.51
N TRP C 40 -7.75 59.03 68.76
CA TRP C 40 -9.15 58.99 68.35
C TRP C 40 -9.22 58.61 66.87
N LEU C 41 -10.20 57.78 66.53
CA LEU C 41 -10.36 57.29 65.17
C LEU C 41 -11.78 57.55 64.69
N LYS C 42 -11.90 58.01 63.44
CA LYS C 42 -13.18 58.33 62.84
C LYS C 42 -13.51 57.24 61.83
N GLU C 43 -14.38 56.31 62.23
CA GLU C 43 -14.79 55.22 61.34
C GLU C 43 -15.65 55.70 60.18
N GLY C 44 -16.20 56.91 60.28
CA GLY C 44 -17.09 57.43 59.27
C GLY C 44 -18.38 57.94 59.88
N SER C 45 -18.88 57.20 60.88
CA SER C 45 -20.01 57.64 61.68
C SER C 45 -19.85 57.39 63.17
N ASN C 46 -18.87 56.58 63.58
CA ASN C 46 -18.67 56.25 64.99
C ASN C 46 -17.19 56.42 65.34
N VAL C 47 -16.93 56.73 66.60
CA VAL C 47 -15.60 57.06 67.09
C VAL C 47 -15.19 56.07 68.16
N THR C 48 -13.88 55.78 68.22
CA THR C 48 -13.31 54.94 69.25
C THR C 48 -12.11 55.64 69.87
N ARG C 49 -11.75 55.23 71.09
CA ARG C 49 -10.66 55.83 71.82
C ARG C 49 -9.72 54.74 72.32
N ARG C 50 -8.42 55.02 72.27
CA ARG C 50 -7.40 54.12 72.77
C ARG C 50 -6.36 54.92 73.53
N ASP C 51 -5.64 54.22 74.41
CA ASP C 51 -4.59 54.83 75.21
C ASP C 51 -3.32 53.99 75.13
N PHE C 52 -2.18 54.67 75.15
CA PHE C 52 -0.86 54.03 75.07
C PHE C 52 0.00 54.58 76.20
N THR C 53 -0.11 53.97 77.37
CA THR C 53 0.76 54.34 78.49
C THR C 53 2.18 53.89 78.19
N GLY C 54 3.14 54.62 78.75
CA GLY C 54 4.53 54.38 78.45
C GLY C 54 4.96 55.16 77.23
N ILE C 55 6.02 55.94 77.35
CA ILE C 55 6.42 56.85 76.29
C ILE C 55 7.74 56.45 75.65
N ASP C 56 8.49 55.51 76.23
CA ASP C 56 9.78 55.13 75.66
C ASP C 56 9.64 54.69 74.21
N THR C 57 8.50 54.09 73.86
CA THR C 57 8.27 53.71 72.48
C THR C 57 8.19 54.96 71.60
N PHE C 58 8.63 54.81 70.35
CA PHE C 58 8.75 55.93 69.43
C PHE C 58 7.69 55.92 68.34
N SER C 59 6.88 54.87 68.26
CA SER C 59 5.80 54.80 67.28
C SER C 59 4.71 53.90 67.83
N VAL C 60 3.53 53.98 67.21
CA VAL C 60 2.36 53.28 67.70
C VAL C 60 1.84 52.36 66.60
N THR C 61 1.15 51.30 67.01
CA THR C 61 0.55 50.32 66.10
C THR C 61 -0.86 50.03 66.59
N ILE C 62 -1.84 50.77 66.05
CA ILE C 62 -3.23 50.50 66.38
C ILE C 62 -3.61 49.12 65.84
N ASN C 63 -4.58 48.49 66.49
CA ASN C 63 -5.04 47.16 66.11
C ASN C 63 -6.57 47.17 66.04
N ASN C 64 -7.13 46.01 65.72
CA ASN C 64 -8.58 45.83 65.66
C ASN C 64 -9.23 46.79 64.65
N LEU C 65 -8.54 47.05 63.54
CA LEU C 65 -9.06 47.95 62.52
C LEU C 65 -10.18 47.26 61.75
N LYS C 66 -11.34 47.89 61.69
CA LYS C 66 -12.47 47.32 60.97
C LYS C 66 -12.10 47.21 59.49
N PRO C 67 -12.33 46.07 58.84
CA PRO C 67 -11.83 45.90 57.47
C PRO C 67 -12.47 46.87 56.48
N THR C 68 -11.69 47.25 55.47
CA THR C 68 -12.14 47.98 54.29
C THR C 68 -12.84 49.28 54.68
N THR C 69 -12.04 50.18 55.24
CA THR C 69 -12.54 51.52 55.57
C THR C 69 -11.38 52.51 55.71
N THR C 70 -11.60 53.74 55.26
CA THR C 70 -10.63 54.81 55.45
C THR C 70 -10.92 55.52 56.76
N TYR C 71 -9.94 55.50 57.66
CA TYR C 71 -10.07 56.08 58.98
C TYR C 71 -9.36 57.43 59.06
N GLU C 72 -9.92 58.33 59.85
CA GLU C 72 -9.24 59.55 60.27
C GLU C 72 -8.70 59.34 61.68
N VAL C 73 -7.41 59.57 61.85
CA VAL C 73 -6.73 59.36 63.12
C VAL C 73 -6.42 60.71 63.74
N GLN C 74 -6.45 60.76 65.07
CA GLN C 74 -6.12 61.97 65.82
C GLN C 74 -5.05 61.62 66.84
N GLY C 75 -3.88 62.27 66.73
CA GLY C 75 -2.84 62.09 67.71
C GLY C 75 -3.00 63.01 68.89
N ALA C 76 -2.33 62.68 69.99
CA ALA C 76 -2.44 63.48 71.19
C ALA C 76 -1.46 62.99 72.24
N PHE C 77 -1.09 63.89 73.14
CA PHE C 77 -0.34 63.58 74.34
C PHE C 77 -1.14 64.05 75.54
N TYR C 78 -0.88 63.46 76.70
CA TYR C 78 -1.56 63.89 77.91
C TYR C 78 -0.65 63.71 79.11
N ASP C 79 -0.78 64.61 80.07
CA ASP C 79 -0.03 64.59 81.31
C ASP C 79 -0.98 64.36 82.48
N SER C 80 -0.42 64.20 83.67
CA SER C 80 -1.22 64.03 84.87
C SER C 80 -2.02 65.28 85.19
N ILE C 81 -1.67 66.43 84.61
CA ILE C 81 -2.44 67.65 84.85
C ILE C 81 -3.90 67.44 84.45
N ILE C 82 -4.12 66.81 83.29
CA ILE C 82 -5.45 66.50 82.80
C ILE C 82 -5.75 65.04 83.11
N ASP C 83 -6.93 64.80 83.68
CA ASP C 83 -7.30 63.48 84.16
C ASP C 83 -7.94 62.67 83.03
N SER C 84 -8.41 61.47 83.38
CA SER C 84 -9.11 60.64 82.41
C SER C 84 -10.40 61.32 81.94
N GLU C 85 -11.10 61.99 82.86
CA GLU C 85 -12.33 62.69 82.49
C GLU C 85 -12.07 63.70 81.39
N LEU C 86 -11.21 64.69 81.67
CA LEU C 86 -10.92 65.70 80.66
C LEU C 86 -10.36 65.06 79.39
N LEU C 87 -9.64 63.95 79.52
CA LEU C 87 -9.18 63.23 78.34
C LEU C 87 -10.35 62.77 77.50
N ASN C 88 -11.40 62.24 78.15
CA ASN C 88 -12.62 61.90 77.42
C ASN C 88 -13.24 63.15 76.79
N ALA C 89 -13.24 64.26 77.52
CA ALA C 89 -13.79 65.49 76.98
C ALA C 89 -12.91 66.08 75.88
N GLN C 90 -11.59 65.94 75.99
CA GLN C 90 -10.65 66.45 74.98
C GLN C 90 -10.68 67.97 74.90
N ILE C 91 -10.54 68.62 76.06
CA ILE C 91 -10.42 70.07 76.16
C ILE C 91 -9.22 70.38 77.04
N GLY C 92 -8.37 71.31 76.58
CA GLY C 92 -7.10 71.57 77.20
C GLY C 92 -5.99 70.68 76.71
N ILE C 93 -6.30 69.44 76.35
CA ILE C 93 -5.33 68.53 75.76
C ILE C 93 -5.12 68.93 74.31
N ASN C 94 -3.86 69.03 73.90
CA ASN C 94 -3.55 69.33 72.52
C ASN C 94 -3.89 68.15 71.63
N LEU C 95 -4.32 68.45 70.40
CA LEU C 95 -4.71 67.44 69.44
C LEU C 95 -4.01 67.69 68.11
N SER C 96 -3.94 66.64 67.30
CA SER C 96 -3.25 66.70 66.02
C SER C 96 -4.18 67.19 64.92
N ASP C 97 -3.59 67.61 63.81
CA ASP C 97 -4.38 67.91 62.62
C ASP C 97 -5.02 66.63 62.09
N LYS C 98 -6.00 66.80 61.21
CA LYS C 98 -6.80 65.68 60.73
C LYS C 98 -6.10 65.00 59.55
N GLN C 99 -5.80 63.72 59.72
CA GLN C 99 -5.24 62.89 58.66
C GLN C 99 -6.05 61.61 58.53
N THR C 100 -6.34 61.21 57.29
CA THR C 100 -7.11 60.02 57.00
C THR C 100 -6.24 59.03 56.24
N PHE C 101 -6.28 57.77 56.65
CA PHE C 101 -5.46 56.73 56.04
C PHE C 101 -6.36 55.63 55.49
N LYS C 102 -5.91 55.02 54.40
CA LYS C 102 -6.65 53.98 53.68
C LYS C 102 -6.16 52.61 54.12
N MET C 103 -7.10 51.67 54.26
CA MET C 103 -6.78 50.29 54.58
C MET C 103 -6.66 49.49 53.28
N LYS C 104 -5.49 48.89 53.08
CA LYS C 104 -5.27 48.08 51.89
C LYS C 104 -6.21 46.89 51.89
N SER C 105 -6.89 46.67 50.77
CA SER C 105 -7.90 45.62 50.69
C SER C 105 -7.25 44.23 50.70
N ALA C 106 -8.05 43.25 51.09
CA ALA C 106 -7.57 41.88 51.15
C ALA C 106 -7.35 41.33 49.75
N PRO C 107 -6.51 40.28 49.62
CA PRO C 107 -6.29 39.69 48.29
C PRO C 107 -7.55 39.08 47.71
N ARG C 108 -8.03 39.64 46.60
CA ARG C 108 -9.30 39.26 45.99
C ARG C 108 -9.04 38.56 44.67
N ILE C 109 -9.66 37.40 44.47
CA ILE C 109 -9.60 36.69 43.19
C ILE C 109 -10.73 37.16 42.31
N THR C 110 -10.43 37.36 41.02
CA THR C 110 -11.43 37.83 40.07
C THR C 110 -11.59 36.93 38.86
N GLY C 111 -10.66 36.02 38.60
CA GLY C 111 -10.79 35.10 37.48
C GLY C 111 -9.84 33.93 37.55
N ALA C 112 -10.35 32.73 37.39
CA ALA C 112 -9.56 31.51 37.37
C ALA C 112 -9.92 30.73 36.11
N ARG C 113 -8.91 30.25 35.38
CA ARG C 113 -9.15 29.64 34.09
C ARG C 113 -7.91 28.92 33.61
N CYS C 114 -8.11 27.74 33.03
CA CYS C 114 -7.04 26.98 32.38
C CYS C 114 -7.08 27.24 30.89
N GLU C 115 -5.91 27.30 30.28
CA GLU C 115 -5.85 27.59 28.85
C GLU C 115 -4.47 27.25 28.32
N SER C 116 -4.43 26.89 27.03
CA SER C 116 -3.19 26.66 26.31
C SER C 116 -3.50 26.82 24.83
N GLU C 117 -2.56 26.43 23.97
CA GLU C 117 -2.84 26.40 22.55
C GLU C 117 -3.60 25.13 22.19
N PRO C 118 -4.43 25.15 21.15
CA PRO C 118 -5.09 23.92 20.73
C PRO C 118 -4.07 22.85 20.41
N VAL C 119 -4.06 21.79 21.21
CA VAL C 119 -2.98 20.81 21.12
C VAL C 119 -3.10 20.05 19.80
N ASP C 120 -2.03 20.06 19.01
CA ASP C 120 -2.01 19.27 17.79
C ASP C 120 -1.62 17.83 18.10
N VAL C 121 -0.43 17.63 18.66
CA VAL C 121 0.05 16.30 19.05
C VAL C 121 1.03 16.46 20.21
N GLY C 122 1.39 15.35 20.82
CA GLY C 122 2.40 15.36 21.87
C GLY C 122 1.90 15.94 23.16
N VAL C 123 2.82 16.06 24.12
CA VAL C 123 2.52 16.63 25.42
C VAL C 123 2.80 18.13 25.38
N GLY C 124 1.82 18.91 25.83
CA GLY C 124 1.96 20.35 25.87
C GLY C 124 1.63 20.88 27.25
N ALA C 125 2.22 22.03 27.56
CA ALA C 125 2.04 22.62 28.88
C ALA C 125 0.67 23.26 28.99
N PRO C 126 -0.18 22.81 29.92
CA PRO C 126 -1.42 23.56 30.20
C PRO C 126 -1.20 24.63 31.24
N ILE C 127 -1.48 25.89 30.91
CA ILE C 127 -1.24 27.00 31.82
C ILE C 127 -2.48 27.22 32.67
N VAL C 128 -2.26 27.84 33.83
CA VAL C 128 -3.34 28.16 34.77
C VAL C 128 -3.42 29.68 34.88
N TYR C 129 -4.56 30.24 34.51
CA TYR C 129 -4.78 31.68 34.56
C TYR C 129 -5.69 31.99 35.74
N ILE C 130 -5.08 32.44 36.84
CA ILE C 130 -5.79 32.89 38.03
C ILE C 130 -5.52 34.39 38.19
N ASP C 131 -6.58 35.16 38.33
CA ASP C 131 -6.52 36.62 38.35
C ASP C 131 -6.90 37.11 39.74
N THR C 132 -6.03 37.91 40.35
CA THR C 132 -6.28 38.49 41.66
C THR C 132 -6.21 40.02 41.55
N THR C 133 -6.95 40.69 42.45
CA THR C 133 -7.10 42.14 42.34
C THR C 133 -6.96 42.85 43.68
N GLY C 134 -6.28 42.25 44.64
CA GLY C 134 -6.05 42.87 45.94
C GLY C 134 -4.75 43.62 46.00
N GLU C 135 -4.16 43.66 47.19
CA GLU C 135 -2.87 44.31 47.39
C GLU C 135 -2.18 43.69 48.59
N ALA C 136 -0.97 43.20 48.38
CA ALA C 136 -0.14 42.64 49.44
C ALA C 136 1.29 42.57 48.93
N ASP C 137 2.18 42.00 49.74
CA ASP C 137 3.58 41.85 49.34
C ASP C 137 4.11 40.44 49.51
N TYR C 138 3.34 39.54 50.13
CA TYR C 138 3.75 38.15 50.32
C TYR C 138 2.57 37.24 50.04
N CYS C 139 1.88 37.48 48.94
CA CYS C 139 0.68 36.70 48.61
C CYS C 139 1.03 35.24 48.44
N THR C 140 0.11 34.37 48.86
CA THR C 140 0.28 32.93 48.75
C THR C 140 -0.92 32.34 48.02
N ILE C 141 -0.65 31.29 47.23
CA ILE C 141 -1.67 30.61 46.44
C ILE C 141 -1.50 29.11 46.65
N GLU C 142 -2.62 28.42 46.89
CA GLU C 142 -2.60 26.99 47.17
C GLU C 142 -3.65 26.29 46.31
N LEU C 143 -3.35 25.04 45.96
CA LEU C 143 -4.25 24.19 45.19
C LEU C 143 -4.61 22.97 46.02
N LYS C 144 -5.78 22.41 45.76
CA LYS C 144 -6.25 21.22 46.46
C LYS C 144 -6.99 20.32 45.50
N ASP C 145 -6.66 19.02 45.52
CA ASP C 145 -7.30 18.04 44.66
C ASP C 145 -8.76 17.90 45.07
N ASN C 146 -9.68 18.38 44.22
CA ASN C 146 -11.09 18.33 44.55
C ASN C 146 -11.61 16.89 44.60
N SER C 147 -10.98 15.99 43.87
CA SER C 147 -11.54 14.65 43.69
C SER C 147 -11.69 13.92 45.03
N ASN C 148 -10.63 13.87 45.81
CA ASN C 148 -10.61 13.04 47.01
C ASN C 148 -11.15 13.80 48.21
N ALA C 149 -11.58 13.04 49.23
CA ALA C 149 -12.12 13.64 50.44
C ALA C 149 -11.05 14.42 51.20
N ASN C 150 -9.87 13.84 51.34
CA ASN C 150 -8.75 14.47 52.04
C ASN C 150 -7.63 14.74 51.04
N ASN C 151 -7.14 15.97 51.03
CA ASN C 151 -6.10 16.40 50.10
C ASN C 151 -5.23 17.44 50.78
N PRO C 152 -4.10 17.03 51.39
CA PRO C 152 -3.23 18.01 52.04
C PRO C 152 -2.91 19.17 51.12
N TRP C 153 -3.34 20.37 51.50
CA TRP C 153 -3.22 21.53 50.64
C TRP C 153 -1.79 21.68 50.12
N VAL C 154 -1.66 22.22 48.92
CA VAL C 154 -0.37 22.43 48.28
C VAL C 154 -0.30 23.87 47.81
N LYS C 155 0.84 24.51 48.09
CA LYS C 155 1.11 25.88 47.69
C LYS C 155 2.17 25.89 46.60
N TYR C 156 1.89 26.61 45.51
CA TYR C 156 2.71 26.54 44.29
C TYR C 156 3.39 27.86 43.94
N TYR C 157 2.73 29.00 44.14
CA TYR C 157 3.32 30.29 43.80
C TYR C 157 3.23 31.22 45.01
N VAL C 158 4.36 31.83 45.37
CA VAL C 158 4.44 32.79 46.46
C VAL C 158 5.16 34.03 45.93
N GLY C 159 4.47 35.17 45.96
CA GLY C 159 5.07 36.38 45.45
C GLY C 159 4.09 37.54 45.49
N ALA C 160 4.46 38.60 44.79
CA ALA C 160 3.63 39.80 44.75
C ALA C 160 2.35 39.55 43.94
N LEU C 161 1.32 40.33 44.27
CA LEU C 161 0.05 40.23 43.55
C LEU C 161 0.19 40.79 42.14
N MET C 162 -0.72 40.35 41.27
CA MET C 162 -0.66 40.68 39.85
C MET C 162 -2.07 40.66 39.31
N PRO C 163 -2.39 41.45 38.28
CA PRO C 163 -3.73 41.32 37.68
C PRO C 163 -4.03 39.93 37.19
N THR C 164 -3.02 39.23 36.65
CA THR C 164 -3.18 37.87 36.16
C THR C 164 -1.95 37.08 36.54
N ILE C 165 -2.14 36.05 37.35
CA ILE C 165 -1.05 35.19 37.81
C ILE C 165 -1.13 33.89 37.04
N MET C 166 -0.05 33.57 36.31
CA MET C 166 0.00 32.39 35.46
C MET C 166 1.26 31.60 35.75
N PHE C 167 1.11 30.30 36.01
CA PHE C 167 2.23 29.41 36.24
C PHE C 167 1.86 28.03 35.74
N GLY C 168 2.81 27.36 35.11
CA GLY C 168 2.61 26.04 34.53
C GLY C 168 3.03 24.93 35.45
N GLY C 169 3.13 23.73 34.88
CA GLY C 169 3.58 22.57 35.64
C GLY C 169 2.53 21.94 36.51
N VAL C 170 1.29 22.41 36.47
CA VAL C 170 0.22 21.87 37.31
C VAL C 170 -0.22 20.52 36.74
N PRO C 171 -0.64 19.57 37.58
CA PRO C 171 -1.25 18.34 37.04
C PRO C 171 -2.60 18.62 36.42
N ILE C 172 -3.00 17.72 35.52
CA ILE C 172 -4.23 17.91 34.76
C ILE C 172 -5.45 17.83 35.67
N GLY C 173 -5.41 16.97 36.68
CA GLY C 173 -6.60 16.61 37.41
C GLY C 173 -7.30 17.75 38.14
N SER C 174 -8.25 17.40 39.00
CA SER C 174 -9.07 18.40 39.68
C SER C 174 -8.23 19.19 40.67
N TYR C 175 -8.39 20.51 40.65
CA TYR C 175 -7.67 21.38 41.59
C TYR C 175 -8.40 22.70 41.73
N LYS C 176 -8.66 23.09 42.98
CA LYS C 176 -9.28 24.37 43.31
C LYS C 176 -8.31 25.21 44.12
N VAL C 177 -8.38 26.53 43.92
CA VAL C 177 -7.36 27.45 44.41
C VAL C 177 -7.93 28.29 45.54
N ARG C 178 -7.17 28.41 46.62
CA ARG C 178 -7.42 29.37 47.68
C ARG C 178 -6.41 30.51 47.60
N ILE C 179 -6.72 31.61 48.26
CA ILE C 179 -5.88 32.80 48.24
C ILE C 179 -5.61 33.23 49.67
N SER C 180 -4.35 33.58 49.95
CA SER C 180 -3.95 34.10 51.25
C SER C 180 -3.12 35.36 51.07
N GLY C 181 -2.52 35.86 52.14
CA GLY C 181 -1.66 37.01 52.02
C GLY C 181 -1.14 37.56 53.34
N GLN C 182 -0.11 38.40 53.27
CA GLN C 182 0.44 39.07 54.44
C GLN C 182 0.93 40.45 54.02
N ILE C 183 1.07 41.33 55.01
CA ILE C 183 1.56 42.69 54.79
C ILE C 183 2.62 42.97 55.84
N SER C 184 3.75 43.53 55.40
CA SER C 184 4.88 43.80 56.28
C SER C 184 4.78 45.18 56.89
N LEU C 185 5.54 45.39 57.97
CA LEU C 185 5.59 46.66 58.67
C LEU C 185 7.05 46.96 59.01
N PRO C 186 7.41 48.25 59.15
CA PRO C 186 8.79 48.56 59.52
C PRO C 186 9.22 47.92 60.83
N ASP C 187 8.32 47.85 61.80
CA ASP C 187 8.61 47.11 63.03
C ASP C 187 8.81 45.64 62.67
N GLY C 188 9.99 45.12 62.95
CA GLY C 188 10.39 43.84 62.39
C GLY C 188 9.46 42.70 62.78
N VAL C 189 9.15 42.59 64.07
CA VAL C 189 8.47 41.40 64.56
C VAL C 189 7.05 41.33 64.02
N THR C 190 6.33 42.45 64.04
CA THR C 190 4.93 42.42 63.65
C THR C 190 4.78 42.03 62.19
N ILE C 191 3.84 41.13 61.92
CA ILE C 191 3.50 40.72 60.57
C ILE C 191 2.03 40.33 60.56
N ASP C 192 1.25 40.94 59.66
CA ASP C 192 -0.19 40.77 59.63
C ASP C 192 -0.57 39.91 58.43
N SER C 193 -1.44 38.93 58.67
CA SER C 193 -1.85 37.97 57.66
C SER C 193 -3.23 38.33 57.13
N SER C 194 -3.79 37.45 56.31
CA SER C 194 -5.13 37.63 55.74
C SER C 194 -5.89 36.33 55.84
N GLY C 195 -7.21 36.44 55.87
CA GLY C 195 -8.05 35.26 55.95
C GLY C 195 -8.06 34.49 54.64
N TYR C 196 -8.17 33.17 54.76
CA TYR C 196 -8.20 32.31 53.58
C TYR C 196 -9.45 32.59 52.75
N TYR C 197 -9.29 32.54 51.43
CA TYR C 197 -10.36 32.87 50.50
C TYR C 197 -10.31 31.87 49.35
N GLU C 198 -11.23 30.91 49.36
CA GLU C 198 -11.31 29.90 48.31
C GLU C 198 -12.34 30.31 47.26
N TYR C 199 -12.02 30.01 46.01
CA TYR C 199 -12.95 30.32 44.94
C TYR C 199 -14.25 29.56 45.15
N PRO C 200 -15.41 30.18 44.88
CA PRO C 200 -16.67 29.48 45.15
C PRO C 200 -16.80 28.14 44.44
N ASN C 201 -16.32 28.04 43.20
CA ASN C 201 -16.43 26.82 42.42
C ASN C 201 -15.06 26.37 41.94
N VAL C 202 -14.84 25.06 41.96
CA VAL C 202 -13.58 24.46 41.51
C VAL C 202 -13.45 24.62 40.00
N PHE C 203 -12.24 24.41 39.49
CA PHE C 203 -12.01 24.34 38.05
C PHE C 203 -11.11 23.15 37.75
N GLU C 204 -11.22 22.63 36.54
CA GLU C 204 -10.52 21.42 36.13
C GLU C 204 -9.63 21.73 34.93
N VAL C 205 -8.37 21.31 35.02
CA VAL C 205 -7.41 21.49 33.94
C VAL C 205 -7.52 20.32 32.99
N ARG C 206 -7.36 20.58 31.69
CA ARG C 206 -7.39 19.53 30.69
C ARG C 206 -6.62 19.99 29.46
N TYR C 207 -6.09 19.03 28.71
CA TYR C 207 -5.44 19.35 27.45
C TYR C 207 -6.46 19.91 26.47
N ASN C 208 -5.98 20.74 25.55
CA ASN C 208 -6.84 21.39 24.57
C ASN C 208 -7.12 20.50 23.37
N PHE C 209 -6.94 19.19 23.50
CA PHE C 209 -7.27 18.26 22.43
C PHE C 209 -8.77 18.16 22.25
N VAL C 210 -9.23 18.28 21.02
CA VAL C 210 -10.65 18.20 20.69
C VAL C 210 -10.81 17.30 19.47
N PRO C 211 -11.80 16.42 19.41
CA PRO C 211 -11.95 15.55 18.24
C PRO C 211 -12.10 16.35 16.97
N PRO C 212 -11.46 15.94 15.86
CA PRO C 212 -11.63 16.67 14.61
C PRO C 212 -12.94 16.33 13.91
N ALA C 213 -13.12 16.86 12.70
CA ALA C 213 -14.28 16.57 11.88
C ALA C 213 -13.91 15.58 10.79
N ALA C 214 -14.91 14.82 10.34
CA ALA C 214 -14.67 13.79 9.36
C ALA C 214 -14.38 14.41 7.99
N PRO C 215 -13.69 13.67 7.11
CA PRO C 215 -13.45 14.18 5.76
C PRO C 215 -14.73 14.24 4.96
N ILE C 216 -14.74 15.14 3.98
CA ILE C 216 -15.90 15.40 3.13
C ILE C 216 -15.45 15.43 1.68
N ASN C 217 -16.41 15.69 0.79
CA ASN C 217 -16.12 15.86 -0.64
C ASN C 217 -15.40 14.63 -1.20
N ILE C 218 -15.88 13.45 -0.83
CA ILE C 218 -15.27 12.22 -1.32
C ILE C 218 -15.46 12.12 -2.83
N VAL C 219 -14.39 11.79 -3.54
CA VAL C 219 -14.42 11.66 -4.99
C VAL C 219 -13.58 10.45 -5.37
N PHE C 220 -14.05 9.72 -6.39
CA PHE C 220 -13.40 8.50 -6.85
C PHE C 220 -12.89 8.68 -8.28
N LYS C 221 -11.98 7.80 -8.67
CA LYS C 221 -11.48 7.73 -10.04
C LYS C 221 -10.52 6.54 -10.12
N ALA C 222 -10.07 6.24 -11.33
CA ALA C 222 -9.26 5.06 -11.53
C ALA C 222 -8.48 5.18 -12.84
N ALA C 223 -7.36 4.47 -12.89
CA ALA C 223 -6.60 4.26 -14.13
C ALA C 223 -6.92 2.88 -14.67
N ARG C 224 -7.28 2.80 -15.95
CA ARG C 224 -7.95 1.61 -16.45
C ARG C 224 -7.13 0.35 -16.20
N ILE C 225 -5.87 0.34 -16.63
CA ILE C 225 -5.11 -0.90 -16.71
C ILE C 225 -3.64 -0.64 -16.39
N ALA C 226 -2.89 -1.73 -16.30
CA ALA C 226 -1.44 -1.75 -16.37
C ALA C 226 -1.02 -2.12 -17.79
N ASP C 227 0.28 -2.40 -17.98
CA ASP C 227 0.77 -2.82 -19.29
C ASP C 227 -0.13 -3.88 -19.92
N GLY C 228 -0.25 -5.02 -19.25
CA GLY C 228 -1.14 -6.08 -19.68
C GLY C 228 -1.93 -6.63 -18.52
N LYS C 229 -2.61 -7.76 -18.72
CA LYS C 229 -3.37 -8.47 -17.70
C LYS C 229 -4.59 -7.69 -17.22
N GLU C 230 -4.83 -6.49 -17.75
CA GLU C 230 -5.92 -5.63 -17.28
C GLU C 230 -5.94 -5.56 -15.76
N ARG C 231 -4.84 -5.06 -15.19
CA ARG C 231 -4.78 -4.75 -13.76
C ARG C 231 -5.42 -3.38 -13.55
N TYR C 232 -6.63 -3.36 -13.01
CA TYR C 232 -7.36 -2.12 -12.85
C TYR C 232 -6.95 -1.44 -11.55
N ASP C 233 -6.59 -0.17 -11.66
CA ASP C 233 -6.05 0.62 -10.56
C ASP C 233 -7.11 1.61 -10.06
N LEU C 234 -7.41 1.54 -8.77
CA LEU C 234 -8.40 2.41 -8.15
C LEU C 234 -7.72 3.39 -7.22
N ARG C 235 -8.04 4.67 -7.38
CA ARG C 235 -7.53 5.74 -6.53
C ARG C 235 -8.68 6.35 -5.74
N VAL C 236 -8.42 6.72 -4.50
CA VAL C 236 -9.39 7.37 -3.64
C VAL C 236 -8.89 8.76 -3.31
N GLN C 237 -9.71 9.77 -3.57
CA GLN C 237 -9.40 11.16 -3.27
C GLN C 237 -10.52 11.76 -2.44
N TRP C 238 -10.15 12.63 -1.51
CA TRP C 238 -11.12 13.31 -0.67
C TRP C 238 -10.51 14.59 -0.14
N ASP C 239 -11.36 15.48 0.33
CA ASP C 239 -10.94 16.76 0.91
C ASP C 239 -11.40 16.83 2.36
N TRP C 240 -10.49 17.21 3.24
CA TRP C 240 -10.77 17.40 4.66
C TRP C 240 -10.58 18.87 5.00
N ASN C 241 -11.57 19.46 5.67
CA ASN C 241 -11.56 20.89 5.95
C ASN C 241 -10.98 21.17 7.34
N ARG C 242 -10.88 22.46 7.66
CA ARG C 242 -10.27 22.93 8.89
C ARG C 242 -11.17 24.01 9.49
N GLY C 243 -11.12 24.14 10.82
CA GLY C 243 -11.87 25.17 11.50
C GLY C 243 -12.43 24.77 12.84
N ALA C 244 -12.50 23.47 13.11
CA ALA C 244 -13.02 22.98 14.38
C ALA C 244 -12.28 21.72 14.77
N GLY C 245 -12.31 21.41 16.07
CA GLY C 245 -11.61 20.24 16.55
C GLY C 245 -10.10 20.44 16.51
N ALA C 246 -9.39 19.32 16.52
CA ALA C 246 -7.93 19.30 16.52
C ALA C 246 -7.39 19.18 15.10
N ASN C 247 -6.09 19.45 14.98
CA ASN C 247 -5.39 19.24 13.71
C ASN C 247 -5.29 17.75 13.44
N VAL C 248 -6.02 17.27 12.43
CA VAL C 248 -6.08 15.83 12.19
C VAL C 248 -4.71 15.30 11.86
N ARG C 249 -4.45 14.06 12.29
CA ARG C 249 -3.21 13.37 12.00
C ARG C 249 -3.47 12.21 11.05
N GLU C 250 -2.90 12.27 9.85
CA GLU C 250 -2.94 11.15 8.92
C GLU C 250 -4.37 10.66 8.74
N PHE C 251 -4.54 9.51 8.09
CA PHE C 251 -5.86 8.92 7.92
C PHE C 251 -5.71 7.41 7.85
N VAL C 252 -6.84 6.73 7.69
CA VAL C 252 -6.85 5.28 7.45
C VAL C 252 -8.03 4.99 6.54
N LEU C 253 -7.75 4.36 5.40
CA LEU C 253 -8.77 4.03 4.41
C LEU C 253 -9.21 2.59 4.63
N SER C 254 -10.48 2.41 4.94
CA SER C 254 -11.05 1.09 5.19
C SER C 254 -12.22 0.85 4.24
N TYR C 255 -12.27 -0.34 3.67
CA TYR C 255 -13.34 -0.71 2.77
C TYR C 255 -13.52 -2.22 2.79
N ILE C 256 -14.69 -2.67 2.35
CA ILE C 256 -15.05 -4.08 2.36
C ILE C 256 -15.93 -4.37 1.15
N ASP C 257 -16.00 -5.66 0.80
CA ASP C 257 -16.85 -6.09 -0.30
C ASP C 257 -18.32 -5.80 -0.02
N SER C 258 -19.04 -5.46 -1.09
CA SER C 258 -20.47 -5.19 -0.94
C SER C 258 -21.20 -6.42 -0.41
N ALA C 259 -20.97 -7.58 -1.03
CA ALA C 259 -21.64 -8.80 -0.62
C ALA C 259 -21.15 -9.34 0.72
N GLU C 260 -20.05 -8.80 1.25
CA GLU C 260 -19.53 -9.22 2.54
C GLU C 260 -20.01 -8.35 3.69
N PHE C 261 -20.35 -7.09 3.42
CA PHE C 261 -20.87 -6.23 4.49
C PHE C 261 -22.18 -6.77 5.03
N VAL C 262 -23.05 -7.26 4.14
CA VAL C 262 -24.36 -7.74 4.57
C VAL C 262 -24.19 -8.87 5.59
N ARG C 263 -23.30 -9.81 5.31
CA ARG C 263 -23.11 -10.94 6.23
C ARG C 263 -22.46 -10.48 7.53
N THR C 264 -21.48 -9.58 7.46
CA THR C 264 -20.83 -9.05 8.65
C THR C 264 -20.42 -7.61 8.37
N GLY C 265 -20.49 -6.78 9.41
CA GLY C 265 -20.32 -5.35 9.23
C GLY C 265 -18.99 -4.79 9.69
N TRP C 266 -18.26 -4.18 8.76
CA TRP C 266 -17.02 -3.45 9.06
C TRP C 266 -16.11 -4.23 10.00
N THR C 267 -16.13 -5.56 9.88
CA THR C 267 -15.19 -6.42 10.57
C THR C 267 -14.54 -7.32 9.54
N LYS C 268 -13.24 -7.55 9.67
CA LYS C 268 -12.47 -8.26 8.67
C LYS C 268 -12.44 -7.49 7.35
N ALA C 269 -12.70 -6.19 7.40
CA ALA C 269 -12.75 -5.36 6.22
C ALA C 269 -11.34 -4.98 5.75
N GLN C 270 -11.25 -4.60 4.49
CA GLN C 270 -9.96 -4.22 3.91
C GLN C 270 -9.59 -2.82 4.39
N LYS C 271 -8.38 -2.69 4.94
CA LYS C 271 -7.90 -1.43 5.50
C LYS C 271 -6.46 -1.20 5.07
N ILE C 272 -6.16 0.05 4.72
CA ILE C 272 -4.80 0.45 4.34
C ILE C 272 -4.49 1.79 5.00
N ASN C 273 -3.20 2.02 5.21
CA ASN C 273 -2.75 3.30 5.76
C ASN C 273 -2.86 4.39 4.69
N VAL C 274 -2.90 5.64 5.16
CA VAL C 274 -3.07 6.79 4.30
C VAL C 274 -2.02 7.83 4.67
N GLY C 275 -1.66 8.65 3.67
CA GLY C 275 -0.72 9.73 3.88
C GLY C 275 -1.42 11.03 4.21
N ALA C 276 -0.63 12.10 4.25
CA ALA C 276 -1.15 13.44 4.49
C ALA C 276 -1.72 14.07 3.22
N ALA C 277 -1.60 13.42 2.07
CA ALA C 277 -2.10 13.96 0.81
C ALA C 277 -3.60 13.82 0.66
N GLN C 278 -4.28 13.16 1.59
CA GLN C 278 -5.74 12.97 1.56
C GLN C 278 -6.17 12.07 0.42
N SER C 279 -5.28 11.25 -0.13
CA SER C 279 -5.62 10.39 -1.25
C SER C 279 -4.69 9.18 -1.27
N ALA C 280 -5.28 8.00 -1.16
CA ALA C 280 -4.56 6.73 -1.28
C ALA C 280 -5.18 5.91 -2.40
N THR C 281 -4.41 4.94 -2.90
CA THR C 281 -4.78 4.21 -4.10
C THR C 281 -4.66 2.71 -3.88
N ILE C 282 -5.58 1.97 -4.49
CA ILE C 282 -5.53 0.51 -4.56
C ILE C 282 -5.11 0.16 -5.98
N ILE C 283 -3.99 -0.56 -6.11
CA ILE C 283 -3.37 -0.73 -7.43
C ILE C 283 -4.02 -1.81 -8.27
N SER C 284 -4.68 -2.79 -7.66
CA SER C 284 -5.35 -3.88 -8.39
C SER C 284 -6.73 -4.05 -7.78
N PHE C 285 -7.71 -3.32 -8.32
CA PHE C 285 -9.04 -3.36 -7.73
C PHE C 285 -9.89 -4.45 -8.40
N PRO C 286 -10.70 -5.19 -7.63
CA PRO C 286 -11.57 -6.19 -8.27
C PRO C 286 -12.52 -5.53 -9.25
N TRP C 287 -12.88 -6.27 -10.29
CA TRP C 287 -13.68 -5.76 -11.39
C TRP C 287 -15.11 -6.27 -11.28
N LYS C 288 -16.07 -5.35 -11.37
CA LYS C 288 -17.50 -5.60 -11.38
C LYS C 288 -18.06 -5.99 -10.02
N VAL C 289 -17.21 -6.15 -9.00
CA VAL C 289 -17.67 -6.46 -7.64
C VAL C 289 -17.60 -5.18 -6.82
N GLU C 290 -18.77 -4.71 -6.38
CA GLU C 290 -18.86 -3.43 -5.71
C GLU C 290 -18.11 -3.46 -4.38
N HIS C 291 -18.03 -2.31 -3.72
CA HIS C 291 -17.28 -2.19 -2.49
C HIS C 291 -17.79 -0.98 -1.71
N LYS C 292 -17.75 -1.11 -0.38
CA LYS C 292 -18.11 -0.02 0.52
C LYS C 292 -16.84 0.66 1.01
N PHE C 293 -16.72 1.95 0.74
CA PHE C 293 -15.52 2.71 1.02
C PHE C 293 -15.78 3.72 2.14
N LYS C 294 -14.94 3.69 3.17
CA LYS C 294 -14.97 4.67 4.25
C LYS C 294 -13.56 5.18 4.49
N VAL C 295 -13.45 6.47 4.77
CA VAL C 295 -12.19 7.12 5.08
C VAL C 295 -12.28 7.67 6.49
N SER C 296 -11.28 7.37 7.31
CA SER C 296 -11.28 7.74 8.72
C SER C 296 -10.28 8.87 8.97
N SER C 297 -10.71 9.85 9.75
CA SER C 297 -9.85 10.97 10.16
C SER C 297 -9.37 10.68 11.58
N ILE C 298 -8.30 9.89 11.68
CA ILE C 298 -7.72 9.53 12.97
C ILE C 298 -7.00 10.75 13.52
N ALA C 299 -7.33 11.13 14.75
CA ALA C 299 -6.67 12.24 15.42
C ALA C 299 -5.54 11.70 16.31
N TRP C 300 -4.95 12.59 17.11
CA TRP C 300 -3.93 12.19 18.06
C TRP C 300 -3.86 13.21 19.18
N GLY C 301 -4.09 12.76 20.41
CA GLY C 301 -4.02 13.61 21.58
C GLY C 301 -2.86 13.23 22.47
N PRO C 302 -2.53 14.09 23.43
CA PRO C 302 -1.34 13.82 24.27
C PRO C 302 -1.39 12.49 24.99
N ASP C 303 -2.57 12.10 25.50
CA ASP C 303 -2.70 10.83 26.22
C ASP C 303 -3.13 9.71 25.29
N ALA C 304 -4.09 9.96 24.41
CA ALA C 304 -4.61 8.97 23.49
C ALA C 304 -5.13 9.69 22.26
N GLN C 305 -5.87 8.98 21.42
CA GLN C 305 -6.39 9.52 20.17
C GLN C 305 -7.90 9.33 20.11
N ASP C 306 -8.48 9.70 18.98
CA ASP C 306 -9.90 9.50 18.70
C ASP C 306 -10.13 9.79 17.22
N VAL C 307 -11.05 9.04 16.63
CA VAL C 307 -11.24 9.01 15.19
C VAL C 307 -12.67 9.42 14.86
N THR C 308 -12.83 10.29 13.87
CA THR C 308 -14.13 10.62 13.30
C THR C 308 -14.12 10.18 11.84
N ASP C 309 -15.09 9.37 11.46
CA ASP C 309 -15.16 8.78 10.13
C ASP C 309 -16.15 9.55 9.26
N SER C 310 -15.95 9.45 7.95
CA SER C 310 -16.89 9.99 6.99
C SER C 310 -18.03 9.00 6.76
N ALA C 311 -19.05 9.46 6.02
CA ALA C 311 -20.17 8.61 5.69
C ALA C 311 -19.77 7.58 4.64
N VAL C 312 -20.40 6.40 4.71
CA VAL C 312 -20.09 5.35 3.76
C VAL C 312 -20.38 5.84 2.35
N GLN C 313 -19.55 5.42 1.40
CA GLN C 313 -19.72 5.80 0.00
C GLN C 313 -19.22 4.65 -0.86
N THR C 314 -20.15 3.88 -1.41
CA THR C 314 -19.81 2.72 -2.23
C THR C 314 -19.69 3.12 -3.70
N PHE C 315 -18.76 2.49 -4.39
CA PHE C 315 -18.53 2.76 -5.81
C PHE C 315 -17.86 1.54 -6.43
N ILE C 316 -18.10 1.36 -7.73
CA ILE C 316 -17.50 0.29 -8.51
C ILE C 316 -17.07 0.83 -9.86
N LEU C 317 -15.89 0.42 -10.30
CA LEU C 317 -15.40 0.77 -11.62
C LEU C 317 -16.05 -0.13 -12.66
N ASN C 318 -16.45 0.47 -13.77
CA ASN C 318 -17.03 -0.27 -14.89
C ASN C 318 -16.48 0.37 -16.16
N GLU C 319 -17.12 0.08 -17.28
CA GLU C 319 -16.72 0.69 -18.55
C GLU C 319 -17.09 2.18 -18.63
N SER C 320 -17.53 2.81 -17.53
CA SER C 320 -17.94 4.21 -17.55
C SER C 320 -16.94 5.06 -16.78
N THR C 321 -16.36 6.04 -17.46
CA THR C 321 -15.57 7.11 -16.84
C THR C 321 -14.33 6.61 -16.10
N PRO C 322 -13.41 5.93 -16.77
CA PRO C 322 -12.02 5.91 -16.31
C PRO C 322 -11.27 7.11 -16.85
N LEU C 323 -10.05 7.30 -16.33
CA LEU C 323 -9.19 8.38 -16.77
C LEU C 323 -7.74 8.01 -16.47
N ASP C 324 -6.81 8.69 -17.15
CA ASP C 324 -5.38 8.40 -17.03
C ASP C 324 -5.12 6.93 -17.35
N ASN C 325 -5.36 6.60 -18.62
CA ASN C 325 -5.57 5.22 -19.05
C ASN C 325 -4.50 4.80 -20.04
N SER C 326 -3.36 5.48 -20.02
CA SER C 326 -2.36 5.32 -21.07
C SER C 326 -1.37 4.22 -20.69
N PHE C 327 -1.93 3.05 -20.34
CA PHE C 327 -1.12 1.88 -20.06
C PHE C 327 -1.41 0.74 -21.05
N VAL C 328 -1.98 1.05 -22.21
CA VAL C 328 -2.25 0.02 -23.21
C VAL C 328 -0.98 -0.18 -24.03
N ASN C 329 -0.10 -1.05 -23.56
CA ASN C 329 1.17 -1.34 -24.20
C ASN C 329 1.14 -2.77 -24.70
N GLU C 330 0.97 -2.94 -26.02
CA GLU C 330 0.84 -4.27 -26.60
C GLU C 330 2.08 -5.10 -26.30
N THR C 331 1.87 -6.35 -25.91
CA THR C 331 2.96 -7.26 -25.57
C THR C 331 2.89 -8.60 -26.29
N GLY C 332 1.86 -8.84 -27.09
CA GLY C 332 1.73 -10.07 -27.84
C GLY C 332 0.88 -11.14 -27.18
N ILE C 333 0.72 -11.08 -25.86
CA ILE C 333 -0.26 -11.91 -25.17
C ILE C 333 -1.11 -10.97 -24.31
N GLU C 334 -2.21 -10.50 -24.87
CA GLU C 334 -3.04 -9.47 -24.23
C GLU C 334 -4.15 -10.16 -23.46
N VAL C 335 -3.93 -10.37 -22.17
CA VAL C 335 -4.94 -10.94 -21.30
C VAL C 335 -5.84 -9.82 -20.82
N ASN C 336 -7.14 -9.97 -21.02
CA ASN C 336 -8.11 -8.96 -20.63
C ASN C 336 -9.33 -9.61 -19.98
N TYR C 337 -10.01 -8.83 -19.14
CA TYR C 337 -11.23 -9.31 -18.52
C TYR C 337 -12.29 -9.62 -19.57
N ALA C 338 -12.26 -8.97 -20.72
CA ALA C 338 -13.21 -9.20 -21.79
C ALA C 338 -12.72 -10.21 -22.82
N TYR C 339 -11.43 -10.54 -22.82
CA TYR C 339 -10.90 -11.52 -23.76
C TYR C 339 -9.45 -11.80 -23.41
N ILE C 340 -9.01 -13.04 -23.67
CA ILE C 340 -7.61 -13.41 -23.59
C ILE C 340 -7.17 -13.83 -24.98
N LYS C 341 -6.12 -13.19 -25.50
CA LYS C 341 -5.74 -13.35 -26.88
C LYS C 341 -4.23 -13.26 -27.04
N GLY C 342 -3.74 -13.77 -28.17
CA GLY C 342 -2.34 -13.66 -28.53
C GLY C 342 -2.19 -13.13 -29.95
N LYS C 343 -1.46 -12.03 -30.10
CA LYS C 343 -1.30 -11.38 -31.39
C LYS C 343 0.17 -11.06 -31.62
N ILE C 344 0.53 -10.88 -32.88
CA ILE C 344 1.90 -10.58 -33.29
C ILE C 344 1.91 -9.19 -33.89
N LYS C 345 2.64 -8.27 -33.27
CA LYS C 345 2.75 -6.91 -33.77
C LYS C 345 3.67 -6.85 -34.98
N ASP C 346 3.37 -5.93 -35.89
CA ASP C 346 4.16 -5.77 -37.10
C ASP C 346 3.73 -4.47 -37.78
N GLY C 347 4.71 -3.66 -38.17
CA GLY C 347 4.44 -2.41 -38.84
C GLY C 347 3.24 -1.67 -38.26
N SER C 348 2.35 -1.21 -39.13
CA SER C 348 1.05 -0.68 -38.72
C SER C 348 -0.05 -1.72 -38.90
N THR C 349 0.32 -3.01 -38.87
CA THR C 349 -0.61 -4.11 -39.04
C THR C 349 -0.51 -5.00 -37.80
N TRP C 350 -1.46 -4.82 -36.88
CA TRP C 350 -1.49 -5.59 -35.64
C TRP C 350 -2.03 -6.99 -35.95
N LYS C 351 -1.21 -7.77 -36.64
CA LYS C 351 -1.60 -9.11 -37.06
C LYS C 351 -1.83 -9.97 -35.82
N GLN C 352 -3.07 -10.43 -35.65
CA GLN C 352 -3.45 -11.22 -34.48
C GLN C 352 -3.72 -12.65 -34.89
N THR C 353 -3.24 -13.59 -34.06
CA THR C 353 -3.31 -15.02 -34.36
C THR C 353 -4.24 -15.77 -33.41
N PHE C 354 -3.99 -15.68 -32.10
CA PHE C 354 -4.75 -16.41 -31.10
C PHE C 354 -5.76 -15.48 -30.44
N LEU C 355 -6.90 -16.03 -30.06
CA LEU C 355 -7.94 -15.23 -29.43
C LEU C 355 -8.89 -16.13 -28.66
N ILE C 356 -9.39 -15.60 -27.55
CA ILE C 356 -10.56 -16.15 -26.86
C ILE C 356 -11.35 -14.96 -26.33
N ASP C 357 -12.64 -14.92 -26.63
CA ASP C 357 -13.50 -13.79 -26.27
C ASP C 357 -14.59 -14.26 -25.32
N ALA C 358 -14.72 -13.56 -24.19
CA ALA C 358 -15.82 -13.81 -23.25
C ALA C 358 -17.02 -12.93 -23.56
N ALA C 359 -17.43 -12.93 -24.81
CA ALA C 359 -18.64 -12.24 -25.24
C ALA C 359 -19.47 -13.15 -26.13
N THR C 360 -18.79 -14.01 -26.90
CA THR C 360 -19.47 -14.96 -27.76
C THR C 360 -18.82 -16.33 -27.73
N GLY C 361 -17.93 -16.60 -26.77
CA GLY C 361 -17.25 -17.87 -26.71
C GLY C 361 -16.35 -18.17 -27.89
N ALA C 362 -16.04 -17.17 -28.71
CA ALA C 362 -15.24 -17.40 -29.91
C ALA C 362 -13.83 -17.84 -29.54
N ILE C 363 -13.34 -18.85 -30.25
CA ILE C 363 -11.97 -19.34 -30.09
C ILE C 363 -11.32 -19.30 -31.46
N ASN C 364 -10.28 -18.48 -31.59
CA ASN C 364 -9.66 -18.21 -32.89
C ASN C 364 -8.19 -18.58 -32.85
N ILE C 365 -7.71 -19.13 -33.96
CA ILE C 365 -6.31 -19.49 -34.12
C ILE C 365 -5.90 -19.20 -35.56
N GLY C 366 -4.67 -18.72 -35.74
CA GLY C 366 -4.15 -18.47 -37.06
C GLY C 366 -4.63 -17.14 -37.64
N LEU C 367 -3.92 -16.69 -38.67
CA LEU C 367 -4.26 -15.44 -39.32
C LEU C 367 -5.63 -15.54 -39.97
N LEU C 368 -6.29 -14.40 -40.13
CA LEU C 368 -7.64 -14.34 -40.66
C LEU C 368 -7.64 -14.02 -42.15
N ASP C 369 -8.49 -14.73 -42.88
CA ASP C 369 -8.73 -14.43 -44.29
C ASP C 369 -10.22 -14.22 -44.53
N ALA C 370 -11.04 -14.94 -43.77
CA ALA C 370 -12.48 -14.78 -43.88
C ALA C 370 -12.92 -13.45 -43.27
N GLU C 371 -14.20 -13.12 -43.47
CA GLU C 371 -14.72 -11.87 -42.93
C GLU C 371 -14.66 -11.86 -41.40
N GLY C 372 -15.01 -12.96 -40.77
CA GLY C 372 -14.95 -13.06 -39.32
C GLY C 372 -14.47 -14.42 -38.85
N LYS C 373 -13.63 -15.07 -39.66
CA LYS C 373 -13.19 -16.42 -39.35
C LYS C 373 -11.76 -16.61 -39.83
N ALA C 374 -11.15 -17.67 -39.33
CA ALA C 374 -9.80 -18.08 -39.67
C ALA C 374 -9.80 -19.58 -39.94
N PRO C 375 -8.75 -20.11 -40.57
CA PRO C 375 -8.77 -21.51 -40.99
C PRO C 375 -9.17 -22.47 -39.88
N ILE C 376 -8.54 -22.35 -38.72
CA ILE C 376 -8.86 -23.20 -37.57
C ILE C 376 -9.44 -22.41 -36.41
N SER C 377 -10.03 -21.25 -36.68
CA SER C 377 -10.83 -20.58 -35.67
C SER C 377 -12.07 -21.42 -35.38
N PHE C 378 -12.77 -21.06 -34.30
CA PHE C 378 -13.90 -21.83 -33.82
C PHE C 378 -15.02 -20.92 -33.37
N ASP C 379 -16.18 -21.52 -33.12
CA ASP C 379 -17.34 -20.81 -32.63
C ASP C 379 -18.29 -21.80 -31.96
N PRO C 380 -18.05 -22.17 -30.71
CA PRO C 380 -19.00 -23.06 -30.03
C PRO C 380 -20.42 -22.52 -30.04
N VAL C 381 -20.60 -21.21 -29.92
CA VAL C 381 -21.90 -20.62 -30.24
C VAL C 381 -22.25 -20.97 -31.67
N LYS C 382 -23.50 -21.35 -31.90
CA LYS C 382 -23.90 -21.98 -33.16
C LYS C 382 -22.85 -22.98 -33.59
N LYS C 383 -22.66 -23.98 -32.71
CA LYS C 383 -21.47 -24.81 -32.69
C LYS C 383 -21.01 -25.23 -34.08
N ILE C 384 -19.70 -25.23 -34.28
CA ILE C 384 -19.09 -25.72 -35.50
C ILE C 384 -17.63 -26.07 -35.22
N VAL C 385 -17.20 -27.24 -35.67
CA VAL C 385 -15.81 -27.67 -35.59
C VAL C 385 -15.21 -27.47 -36.97
N ASN C 386 -14.42 -26.41 -37.12
CA ASN C 386 -13.87 -26.02 -38.41
C ASN C 386 -12.35 -26.17 -38.39
N VAL C 387 -11.83 -26.98 -39.30
CA VAL C 387 -10.39 -27.18 -39.43
C VAL C 387 -10.11 -27.51 -40.89
N ASP C 388 -8.83 -27.50 -41.27
CA ASP C 388 -8.46 -27.80 -42.64
C ASP C 388 -6.97 -28.11 -42.71
N GLY C 389 -6.61 -28.99 -43.64
CA GLY C 389 -5.22 -29.29 -43.91
C GLY C 389 -4.58 -30.18 -42.87
N SER C 390 -3.67 -31.05 -43.31
CA SER C 390 -2.89 -31.88 -42.39
C SER C 390 -1.63 -32.32 -43.11
N VAL C 391 -0.48 -31.77 -42.71
CA VAL C 391 0.78 -32.09 -43.39
C VAL C 391 1.10 -33.57 -43.23
N ILE C 392 0.98 -34.08 -42.03
CA ILE C 392 1.23 -35.50 -41.77
C ILE C 392 -0.09 -36.19 -41.47
N THR C 393 -0.41 -37.23 -42.26
CA THR C 393 -1.53 -38.09 -41.96
C THR C 393 -1.13 -39.52 -42.29
N LYS C 394 -0.92 -40.33 -41.25
CA LYS C 394 -0.59 -41.74 -41.41
C LYS C 394 -1.65 -42.65 -40.82
N THR C 395 -2.84 -42.13 -40.52
CA THR C 395 -3.83 -42.90 -39.77
C THR C 395 -5.19 -42.25 -39.88
N ILE C 396 -6.21 -43.09 -39.77
CA ILE C 396 -7.58 -42.70 -39.44
C ILE C 396 -8.16 -43.81 -38.58
N ASN C 397 -9.39 -43.63 -38.12
CA ASN C 397 -10.09 -44.71 -37.42
C ASN C 397 -11.46 -44.99 -37.99
N ALA C 398 -12.19 -43.96 -38.42
CA ALA C 398 -13.41 -44.14 -39.20
C ALA C 398 -13.15 -43.70 -40.63
N ALA C 399 -14.10 -44.00 -41.52
CA ALA C 399 -13.85 -43.89 -42.95
C ALA C 399 -13.51 -42.47 -43.38
N ASN C 400 -14.24 -41.47 -42.89
CA ASN C 400 -14.18 -40.12 -43.45
C ASN C 400 -14.59 -40.15 -44.92
N PHE C 401 -15.78 -40.71 -45.15
CA PHE C 401 -16.28 -41.00 -46.49
C PHE C 401 -17.51 -40.16 -46.83
N VAL C 402 -18.52 -40.17 -45.96
CA VAL C 402 -19.77 -39.48 -46.26
C VAL C 402 -19.55 -37.97 -46.23
N MET C 403 -20.44 -37.25 -46.92
CA MET C 403 -20.49 -35.80 -46.89
C MET C 403 -21.87 -35.39 -46.39
N THR C 404 -21.90 -34.51 -45.38
CA THR C 404 -23.16 -34.10 -44.78
C THR C 404 -23.16 -32.58 -44.57
N ASN C 405 -24.10 -32.08 -43.77
CA ASN C 405 -24.51 -30.69 -43.66
C ASN C 405 -25.45 -30.33 -44.81
N LEU C 406 -25.64 -31.22 -45.78
CA LEU C 406 -26.70 -31.10 -46.76
C LEU C 406 -27.04 -32.53 -47.20
N THR C 407 -28.19 -33.03 -46.76
CA THR C 407 -28.50 -34.44 -46.97
C THR C 407 -28.49 -34.79 -48.45
N GLY C 408 -28.93 -33.88 -49.30
CA GLY C 408 -29.03 -34.14 -50.73
C GLY C 408 -27.98 -33.46 -51.57
N GLN C 409 -27.64 -32.21 -51.25
CA GLN C 409 -26.77 -31.39 -52.09
C GLN C 409 -25.37 -31.25 -51.51
N ASP C 410 -24.98 -32.14 -50.60
CA ASP C 410 -23.58 -32.41 -50.29
C ASP C 410 -23.41 -33.90 -50.48
N ASN C 411 -23.17 -34.30 -51.71
CA ASN C 411 -23.23 -35.71 -52.08
C ASN C 411 -22.09 -36.48 -51.41
N PRO C 412 -22.39 -37.50 -50.60
CA PRO C 412 -21.31 -38.29 -50.00
C PRO C 412 -20.32 -38.79 -51.04
N ALA C 413 -19.08 -38.30 -51.01
CA ALA C 413 -18.19 -38.62 -52.10
C ALA C 413 -16.76 -38.21 -51.77
N ILE C 414 -15.83 -39.03 -52.25
CA ILE C 414 -14.41 -38.70 -52.29
C ILE C 414 -14.02 -38.66 -53.76
N TYR C 415 -13.57 -37.50 -54.23
CA TYR C 415 -13.44 -37.29 -55.67
C TYR C 415 -12.40 -36.20 -55.94
N THR C 416 -12.03 -36.07 -57.22
CA THR C 416 -11.18 -34.98 -57.66
C THR C 416 -12.01 -33.71 -57.72
N GLN C 417 -11.62 -32.70 -56.95
CA GLN C 417 -12.30 -31.42 -56.99
C GLN C 417 -12.23 -30.82 -58.38
N GLY C 418 -13.38 -30.38 -58.89
CA GLY C 418 -13.45 -29.77 -60.20
C GLY C 418 -13.74 -30.72 -61.34
N LYS C 419 -14.11 -31.96 -61.05
CA LYS C 419 -14.42 -32.92 -62.10
C LYS C 419 -15.38 -33.96 -61.53
N THR C 420 -16.28 -34.45 -62.38
CA THR C 420 -17.31 -35.37 -61.92
C THR C 420 -17.78 -36.22 -63.10
N TRP C 421 -18.91 -36.90 -62.92
CA TRP C 421 -19.44 -37.88 -63.87
C TRP C 421 -20.00 -37.16 -65.08
N GLY C 422 -19.20 -37.12 -66.15
CA GLY C 422 -19.64 -36.53 -67.40
C GLY C 422 -18.68 -35.51 -67.97
N ASP C 423 -17.47 -35.45 -67.42
CA ASP C 423 -16.47 -34.49 -67.84
C ASP C 423 -15.43 -35.17 -68.73
N THR C 424 -15.01 -34.47 -69.79
CA THR C 424 -14.05 -35.03 -70.72
C THR C 424 -12.67 -35.18 -70.11
N LYS C 425 -12.41 -34.52 -68.99
CA LYS C 425 -11.10 -34.63 -68.33
C LYS C 425 -10.85 -36.07 -67.88
N SER C 426 -9.56 -36.38 -67.69
CA SER C 426 -9.15 -37.70 -67.22
C SER C 426 -9.10 -37.79 -65.71
N GLY C 427 -9.84 -36.94 -65.00
CA GLY C 427 -9.84 -36.96 -63.54
C GLY C 427 -10.58 -38.16 -63.00
N ILE C 428 -11.01 -38.07 -61.74
CA ILE C 428 -11.68 -39.19 -61.08
C ILE C 428 -12.90 -38.65 -60.33
N TRP C 429 -13.78 -39.55 -59.94
CA TRP C 429 -14.86 -39.24 -59.01
C TRP C 429 -15.35 -40.55 -58.41
N MET C 430 -15.52 -40.58 -57.09
CA MET C 430 -15.98 -41.78 -56.42
C MET C 430 -16.96 -41.39 -55.33
N GLY C 431 -17.63 -42.39 -54.75
CA GLY C 431 -18.48 -42.18 -53.60
C GLY C 431 -19.96 -42.33 -53.89
N MET C 432 -20.80 -41.91 -52.95
CA MET C 432 -22.26 -42.01 -53.08
C MET C 432 -22.78 -40.67 -53.55
N ASP C 433 -22.92 -40.49 -54.85
CA ASP C 433 -23.54 -39.27 -55.34
C ASP C 433 -25.01 -39.28 -54.97
N ASN C 434 -25.52 -38.10 -54.58
CA ASN C 434 -26.88 -37.98 -54.12
C ASN C 434 -27.79 -37.21 -55.07
N VAL C 435 -27.23 -36.52 -56.06
CA VAL C 435 -28.08 -35.94 -57.10
C VAL C 435 -28.71 -37.04 -57.95
N THR C 436 -28.14 -38.25 -57.91
CA THR C 436 -28.77 -39.45 -58.44
C THR C 436 -29.12 -40.44 -57.34
N ALA C 437 -28.76 -40.15 -56.09
CA ALA C 437 -29.06 -40.92 -54.89
C ALA C 437 -28.18 -42.15 -54.76
N LYS C 438 -27.30 -42.42 -55.71
CA LYS C 438 -26.48 -43.62 -55.69
C LYS C 438 -25.11 -43.28 -56.27
N PRO C 439 -24.12 -44.14 -56.07
CA PRO C 439 -22.75 -43.81 -56.47
C PRO C 439 -22.58 -43.49 -57.94
N LYS C 440 -21.91 -42.39 -58.23
CA LYS C 440 -21.35 -42.12 -59.55
C LYS C 440 -19.85 -42.39 -59.51
N LEU C 441 -19.27 -42.63 -60.67
CA LEU C 441 -17.84 -42.91 -60.71
C LEU C 441 -17.33 -42.82 -62.13
N ASP C 442 -16.08 -42.41 -62.26
CA ASP C 442 -15.39 -42.40 -63.54
C ASP C 442 -13.90 -42.34 -63.28
N ILE C 443 -13.14 -43.24 -63.88
CA ILE C 443 -11.69 -43.24 -63.80
C ILE C 443 -11.13 -43.19 -65.21
N GLY C 444 -10.36 -42.16 -65.51
CA GLY C 444 -9.73 -42.02 -66.80
C GLY C 444 -10.41 -40.98 -67.68
N ASN C 445 -10.11 -41.07 -68.96
CA ASN C 445 -10.55 -40.10 -69.95
C ASN C 445 -11.99 -40.43 -70.38
N ALA C 446 -12.44 -39.81 -71.47
CA ALA C 446 -13.79 -40.01 -71.98
C ALA C 446 -13.86 -41.04 -73.10
N THR C 447 -12.76 -41.69 -73.45
CA THR C 447 -12.75 -42.73 -74.48
C THR C 447 -12.16 -44.05 -74.02
N GLN C 448 -11.08 -44.01 -73.24
CA GLN C 448 -10.43 -45.20 -72.70
C GLN C 448 -10.44 -45.05 -71.18
N TYR C 449 -11.42 -45.67 -70.53
CA TYR C 449 -11.73 -45.35 -69.14
C TYR C 449 -12.64 -46.44 -68.58
N ILE C 450 -13.18 -46.19 -67.39
CA ILE C 450 -14.24 -46.98 -66.79
C ILE C 450 -15.24 -46.00 -66.19
N ARG C 451 -16.48 -46.03 -66.67
CA ARG C 451 -17.55 -45.24 -66.10
C ARG C 451 -18.49 -46.12 -65.30
N TYR C 452 -19.13 -45.53 -64.30
CA TYR C 452 -20.10 -46.24 -63.49
C TYR C 452 -21.11 -45.27 -62.92
N ASP C 453 -22.36 -45.74 -62.83
CA ASP C 453 -23.42 -45.07 -62.08
C ASP C 453 -24.02 -46.11 -61.14
N GLY C 454 -24.62 -45.63 -60.05
CA GLY C 454 -25.09 -46.53 -59.02
C GLY C 454 -25.79 -47.76 -59.56
N ASN C 455 -26.50 -47.62 -60.67
CA ASN C 455 -27.25 -48.75 -61.22
C ASN C 455 -26.41 -49.57 -62.19
N ILE C 456 -25.71 -48.90 -63.12
CA ILE C 456 -25.08 -49.57 -64.27
C ILE C 456 -23.66 -49.03 -64.45
N LEU C 457 -22.93 -49.67 -65.37
CA LEU C 457 -21.55 -49.33 -65.65
C LEU C 457 -21.34 -49.26 -67.17
N ARG C 458 -20.29 -48.52 -67.58
CA ARG C 458 -19.92 -48.42 -68.98
C ARG C 458 -18.39 -48.44 -69.06
N ILE C 459 -17.84 -49.60 -69.44
CA ILE C 459 -16.40 -49.76 -69.64
C ILE C 459 -16.20 -50.03 -71.13
N SER C 460 -16.02 -48.97 -71.92
CA SER C 460 -15.80 -49.11 -73.36
C SER C 460 -14.32 -49.35 -73.67
N SER C 461 -13.74 -50.39 -73.09
CA SER C 461 -12.33 -50.70 -73.25
C SER C 461 -12.14 -52.21 -73.29
N GLU C 462 -10.96 -52.63 -73.75
CA GLU C 462 -10.62 -54.03 -73.91
C GLU C 462 -9.72 -54.51 -72.77
N VAL C 463 -9.32 -55.77 -72.88
CA VAL C 463 -8.25 -56.34 -72.07
C VAL C 463 -7.72 -57.57 -72.77
N VAL C 464 -6.47 -57.91 -72.47
CA VAL C 464 -5.85 -59.10 -73.05
C VAL C 464 -5.41 -60.04 -71.94
N ALA C 626 -11.52 -59.01 -75.23
CA ALA C 626 -11.55 -58.60 -73.82
C ALA C 626 -12.08 -59.72 -72.95
N MET C 627 -11.65 -60.96 -73.24
CA MET C 627 -12.06 -62.12 -72.47
C MET C 627 -10.83 -62.93 -72.09
N VAL C 628 -10.33 -62.69 -70.88
CA VAL C 628 -9.27 -63.49 -70.26
C VAL C 628 -9.95 -64.53 -69.37
N LEU C 629 -9.57 -65.79 -69.54
CA LEU C 629 -10.36 -66.88 -68.98
C LEU C 629 -9.58 -67.64 -67.92
N HIS C 630 -10.19 -67.79 -66.74
CA HIS C 630 -9.68 -68.62 -65.67
C HIS C 630 -10.62 -69.75 -65.26
N GLY C 631 -11.71 -69.97 -65.98
CA GLY C 631 -12.67 -71.00 -65.63
C GLY C 631 -13.45 -71.51 -66.82
N ASP C 632 -14.46 -72.36 -66.56
CA ASP C 632 -15.29 -72.95 -67.61
C ASP C 632 -16.65 -72.26 -67.59
N MET C 633 -17.15 -71.91 -68.77
CA MET C 633 -18.33 -71.06 -68.88
C MET C 633 -19.51 -71.87 -69.40
N ILE C 634 -20.58 -71.94 -68.60
CA ILE C 634 -21.90 -72.35 -69.10
C ILE C 634 -22.67 -71.05 -69.27
N VAL C 635 -22.59 -70.47 -70.46
CA VAL C 635 -23.07 -69.12 -70.68
C VAL C 635 -24.58 -69.08 -70.48
N ASN C 636 -25.04 -68.23 -69.57
CA ASN C 636 -26.45 -68.03 -69.30
C ASN C 636 -27.04 -66.89 -70.11
N GLY C 637 -26.23 -66.26 -70.97
CA GLY C 637 -26.73 -65.23 -71.86
C GLY C 637 -26.75 -65.72 -73.30
N THR C 638 -26.46 -64.83 -74.24
CA THR C 638 -26.35 -65.17 -75.66
C THR C 638 -24.94 -64.87 -76.12
N VAL C 639 -24.32 -65.82 -76.80
CA VAL C 639 -22.95 -65.65 -77.30
C VAL C 639 -23.06 -65.30 -78.78
N THR C 640 -23.00 -64.00 -79.06
CA THR C 640 -23.01 -63.51 -80.43
C THR C 640 -21.60 -63.14 -80.86
N ALA C 641 -21.45 -62.79 -82.13
CA ALA C 641 -20.15 -62.50 -82.70
C ALA C 641 -20.26 -62.05 -84.16
N SER C 642 -19.16 -61.58 -84.74
CA SER C 642 -19.10 -61.22 -86.15
C SER C 642 -18.06 -62.01 -86.93
N LYS C 643 -17.08 -62.59 -86.24
CA LYS C 643 -16.05 -63.41 -86.87
C LYS C 643 -15.58 -64.45 -85.86
N ILE C 644 -14.97 -65.51 -86.37
CA ILE C 644 -14.55 -66.63 -85.53
C ILE C 644 -13.34 -67.31 -86.16
N VAL C 645 -12.30 -67.48 -85.34
CA VAL C 645 -11.14 -68.30 -85.70
C VAL C 645 -10.86 -69.22 -84.53
N ALA C 646 -10.59 -70.49 -84.82
CA ALA C 646 -10.41 -71.48 -83.77
C ALA C 646 -9.57 -72.63 -84.33
N ASN C 647 -9.34 -73.64 -83.49
CA ASN C 647 -8.63 -74.85 -83.90
C ASN C 647 -9.54 -76.07 -84.00
N ASN C 648 -10.64 -76.09 -83.28
CA ASN C 648 -11.65 -77.14 -83.40
C ASN C 648 -12.91 -76.69 -82.67
N ALA C 649 -13.94 -77.52 -82.71
CA ALA C 649 -15.21 -77.16 -82.08
C ALA C 649 -16.00 -78.43 -81.77
N PHE C 650 -16.22 -78.68 -80.49
CA PHE C 650 -17.07 -79.77 -80.02
C PHE C 650 -18.46 -79.19 -79.78
N LEU C 651 -19.24 -79.06 -80.85
CA LEU C 651 -20.50 -78.32 -80.85
C LEU C 651 -21.65 -79.26 -80.53
N SER C 652 -22.88 -78.75 -80.65
CA SER C 652 -24.08 -79.56 -80.48
C SER C 652 -24.96 -79.61 -81.71
N GLN C 653 -25.29 -78.46 -82.30
CA GLN C 653 -26.03 -78.39 -83.56
C GLN C 653 -25.48 -77.20 -84.35
N ILE C 654 -25.71 -77.20 -85.65
CA ILE C 654 -24.86 -76.46 -86.59
C ILE C 654 -25.70 -75.46 -87.38
N GLY C 655 -25.02 -74.76 -88.28
CA GLY C 655 -25.63 -74.11 -89.42
C GLY C 655 -24.58 -73.61 -90.41
N VAL C 656 -24.70 -74.03 -91.67
CA VAL C 656 -23.77 -73.60 -92.73
C VAL C 656 -24.51 -73.52 -94.05
N ASN C 657 -24.85 -72.30 -94.50
CA ASN C 657 -25.78 -72.15 -95.61
C ASN C 657 -25.24 -72.76 -96.90
N ILE C 658 -24.04 -72.36 -97.29
CA ILE C 658 -23.49 -72.72 -98.59
C ILE C 658 -22.04 -73.14 -98.37
N ILE C 659 -21.75 -74.41 -98.62
CA ILE C 659 -20.49 -74.99 -98.17
C ILE C 659 -19.37 -74.43 -99.03
N TYR C 660 -18.72 -73.39 -98.53
CA TYR C 660 -17.39 -73.02 -98.97
C TYR C 660 -16.38 -73.90 -98.25
N ASP C 661 -15.11 -73.59 -98.42
CA ASP C 661 -14.07 -74.18 -97.58
C ASP C 661 -13.03 -73.13 -97.24
N ARG C 662 -12.38 -73.33 -96.09
CA ARG C 662 -11.19 -72.56 -95.76
C ARG C 662 -10.07 -72.83 -96.76
N ALA C 663 -10.20 -73.88 -97.57
CA ALA C 663 -9.40 -73.95 -98.78
C ALA C 663 -9.63 -72.73 -99.65
N ALA C 664 -10.79 -72.08 -99.50
CA ALA C 664 -11.06 -70.79 -100.10
C ALA C 664 -11.26 -69.68 -99.08
N ALA C 665 -11.84 -70.00 -97.91
CA ALA C 665 -12.19 -68.95 -96.94
C ALA C 665 -10.94 -68.23 -96.42
N LEU C 666 -10.07 -68.94 -95.71
CA LEU C 666 -8.83 -68.31 -95.27
C LEU C 666 -7.99 -67.90 -96.47
N SER C 667 -7.91 -68.76 -97.48
CA SER C 667 -7.42 -68.33 -98.77
C SER C 667 -8.18 -67.09 -99.21
N SER C 668 -7.57 -66.30 -100.09
CA SER C 668 -8.22 -65.09 -100.55
C SER C 668 -9.53 -65.44 -101.26
N ASN C 669 -10.48 -64.50 -101.21
CA ASN C 669 -11.75 -64.68 -101.91
C ASN C 669 -12.45 -65.98 -101.51
N PRO C 670 -13.10 -66.02 -100.33
CA PRO C 670 -13.76 -67.26 -99.89
C PRO C 670 -14.56 -67.98 -100.97
N GLU C 671 -14.91 -67.27 -102.05
CA GLU C 671 -15.41 -67.90 -103.27
C GLU C 671 -14.27 -68.31 -104.21
N GLY C 672 -13.07 -68.48 -103.67
CA GLY C 672 -11.90 -68.76 -104.48
C GLY C 672 -11.70 -70.23 -104.80
N SER C 673 -10.47 -70.70 -104.63
CA SER C 673 -10.10 -72.06 -105.02
C SER C 673 -10.78 -73.07 -104.11
N TYR C 674 -11.83 -73.69 -104.62
CA TYR C 674 -12.46 -74.82 -103.95
C TYR C 674 -12.79 -75.85 -105.03
N LYS C 675 -13.23 -77.04 -104.60
CA LYS C 675 -13.43 -78.15 -105.52
C LYS C 675 -14.88 -78.63 -105.60
N MET C 676 -15.71 -78.34 -104.59
CA MET C 676 -17.12 -78.71 -104.66
C MET C 676 -17.87 -77.97 -103.56
N LYS C 677 -18.84 -77.16 -103.98
CA LYS C 677 -19.60 -76.29 -103.08
C LYS C 677 -21.02 -76.86 -102.95
N ILE C 678 -21.31 -77.44 -101.79
CA ILE C 678 -22.58 -78.09 -101.54
C ILE C 678 -23.51 -77.06 -100.93
N ASP C 679 -24.22 -76.31 -101.78
CA ASP C 679 -25.25 -75.38 -101.34
C ASP C 679 -26.56 -76.14 -101.21
N LEU C 680 -27.09 -76.20 -99.99
CA LEU C 680 -28.30 -76.96 -99.71
C LEU C 680 -29.58 -76.19 -99.99
N GLN C 681 -29.51 -75.11 -100.77
CA GLN C 681 -30.67 -74.24 -100.96
C GLN C 681 -31.35 -74.43 -102.31
N ASN C 682 -30.64 -74.85 -103.35
CA ASN C 682 -31.24 -75.01 -104.67
C ASN C 682 -30.76 -76.25 -105.41
N GLY C 683 -30.65 -77.40 -104.75
CA GLY C 683 -30.21 -78.61 -105.42
C GLY C 683 -28.86 -78.46 -106.09
N TYR C 684 -27.90 -77.86 -105.37
CA TYR C 684 -26.65 -77.37 -105.96
C TYR C 684 -25.49 -78.24 -105.46
N ILE C 685 -25.13 -79.26 -106.24
CA ILE C 685 -23.94 -80.06 -106.01
C ILE C 685 -23.03 -79.82 -107.20
N HIS C 686 -22.09 -78.89 -107.08
CA HIS C 686 -21.12 -78.60 -108.12
C HIS C 686 -19.82 -79.31 -107.76
N ILE C 687 -19.36 -80.20 -108.65
CA ILE C 687 -18.22 -81.06 -108.40
C ILE C 687 -17.08 -80.63 -109.31
N ARG C 688 -15.92 -80.37 -108.73
CA ARG C 688 -14.73 -80.00 -109.51
C ARG C 688 -13.54 -80.88 -109.10
#